data_8XBK
#
_entry.id   8XBK
#
_cell.length_a   67.115
_cell.length_b   82.950
_cell.length_c   275.921
_cell.angle_alpha   90.00
_cell.angle_beta   90.00
_cell.angle_gamma   90.00
#
_symmetry.space_group_name_H-M   'P 21 21 21'
#
loop_
_entity.id
_entity.type
_entity.pdbx_description
1 polymer 'Fructose-1,6-bisphosphatase 1'
2 non-polymer N-[2-[4-[(3-bromophenyl)carbamoylsulfamoyl]phenyl]ethyl]ethanamide
3 non-polymer 1,2-ETHANEDIOL
4 non-polymer 'MAGNESIUM ION'
5 water water
#
_entity_poly.entity_id   1
_entity_poly.type   'polypeptide(L)'
_entity_poly.pdbx_seq_one_letter_code
;MADQAPFDTDVNTLTRFVMEEGRKARGTGELTQLLNSLCTAVKAISSAVRKAGIAHLYGIAGSTNVTGDQVKKLDVLSND
LVMNMLKSSFATCVLVSEEDKHAIIVEPEKRGKYVVCFDPLDGSSNIDCLVSVGTIFGIYRKKSTDEPSEKDALQPGRNL
VAAGYALYGSATMLVLAMDCGVNCFMLDPAIGEFILVDKDVKIKKKGKIYSLNEGYAKDFDPAVTEYIQRKKFPPDNSAP
YGARYVGSMVADVHRTLVYGGIFLYPANKKSPNGKLRLLYECNPMAYVMEKAGGMATTGKEAVLDVIPTDIHQRAPVILG
SPDDVLEFLKVYEKHSAQLEHHHHHHHH
;
_entity_poly.pdbx_strand_id   A,B,C,D
#
loop_
_chem_comp.id
_chem_comp.type
_chem_comp.name
_chem_comp.formula
EDO non-polymer 1,2-ETHANEDIOL 'C2 H6 O2'
MG non-polymer 'MAGNESIUM ION' 'Mg 2'
YR9 non-polymer N-[2-[4-[(3-bromophenyl)carbamoylsulfamoyl]phenyl]ethyl]ethanamide 'C17 H18 Br N3 O4 S'
#
# COMPACT_ATOMS: atom_id res chain seq x y z
N ASP A 10 -9.89 -6.15 23.63
CA ASP A 10 -9.34 -7.20 22.74
C ASP A 10 -9.66 -6.86 21.27
N VAL A 11 -8.63 -6.79 20.43
CA VAL A 11 -8.81 -6.42 18.99
C VAL A 11 -9.66 -7.47 18.26
N ASN A 12 -10.36 -7.04 17.22
CA ASN A 12 -11.09 -7.98 16.38
C ASN A 12 -11.21 -7.54 14.92
N THR A 13 -11.01 -8.50 14.03
CA THR A 13 -11.20 -8.39 12.60
C THR A 13 -12.56 -8.96 12.19
N LEU A 14 -13.05 -8.53 11.03
CA LEU A 14 -14.32 -9.04 10.52
C LEU A 14 -14.32 -10.56 10.45
N THR A 15 -13.30 -11.15 9.82
CA THR A 15 -13.28 -12.60 9.63
C THR A 15 -13.35 -13.33 10.96
N ARG A 16 -12.49 -12.98 11.92
CA ARG A 16 -12.52 -13.59 13.25
C ARG A 16 -13.86 -13.38 13.94
N PHE A 17 -14.36 -12.14 13.92
CA PHE A 17 -15.60 -11.83 14.60
C PHE A 17 -16.76 -12.60 14.01
N VAL A 18 -16.93 -12.53 12.69
CA VAL A 18 -18.02 -13.25 12.06
C VAL A 18 -17.87 -14.76 12.30
N MET A 19 -16.64 -15.27 12.25
CA MET A 19 -16.43 -16.69 12.48
C MET A 19 -16.83 -17.09 13.91
N GLU A 20 -16.38 -16.32 14.91
CA GLU A 20 -16.71 -16.65 16.29
C GLU A 20 -18.22 -16.59 16.53
N GLU A 21 -18.90 -15.64 15.91
CA GLU A 21 -20.35 -15.54 16.04
C GLU A 21 -21.04 -16.76 15.42
N GLY A 22 -20.48 -17.30 14.34
CA GLY A 22 -21.08 -18.45 13.69
C GLY A 22 -20.94 -19.74 14.48
N ARG A 23 -19.75 -19.97 15.06
CA ARG A 23 -19.61 -21.05 16.03
C ARG A 23 -20.73 -21.00 17.06
N LYS A 24 -20.99 -19.81 17.58
CA LYS A 24 -21.97 -19.69 18.67
C LYS A 24 -23.38 -19.94 18.17
N ALA A 25 -23.67 -19.67 16.91
CA ALA A 25 -24.99 -19.91 16.35
C ALA A 25 -25.12 -21.28 15.67
N ARG A 26 -24.04 -22.06 15.61
CA ARG A 26 -24.10 -23.45 15.15
C ARG A 26 -24.56 -23.53 13.69
N GLY A 27 -24.12 -22.57 12.87
CA GLY A 27 -24.44 -22.61 11.45
C GLY A 27 -23.46 -23.47 10.67
N THR A 28 -23.80 -23.70 9.40
CA THR A 28 -22.96 -24.55 8.54
C THR A 28 -21.61 -23.92 8.21
N GLY A 29 -21.44 -22.62 8.42
CA GLY A 29 -20.24 -21.92 7.99
C GLY A 29 -20.35 -21.30 6.60
N GLU A 30 -21.41 -21.60 5.85
CA GLU A 30 -21.57 -21.08 4.49
C GLU A 30 -21.65 -19.56 4.47
N LEU A 31 -22.41 -18.96 5.38
CA LEU A 31 -22.54 -17.50 5.39
C LEU A 31 -21.20 -16.84 5.69
N THR A 32 -20.49 -17.34 6.70
CA THR A 32 -19.15 -16.86 6.98
C THR A 32 -18.28 -16.86 5.73
N GLN A 33 -18.34 -17.94 4.96
CA GLN A 33 -17.53 -18.05 3.77
C GLN A 33 -17.95 -17.03 2.71
N LEU A 34 -19.26 -16.84 2.54
CA LEU A 34 -19.75 -15.82 1.62
C LEU A 34 -19.18 -14.45 1.98
N LEU A 35 -19.31 -14.08 3.25
CA LEU A 35 -18.90 -12.75 3.69
C LEU A 35 -17.39 -12.57 3.51
N ASN A 36 -16.60 -13.60 3.85
CA ASN A 36 -15.16 -13.50 3.65
C ASN A 36 -14.83 -13.31 2.16
N SER A 37 -15.46 -14.09 1.30
CA SER A 37 -15.33 -13.86 -0.14
C SER A 37 -15.67 -12.41 -0.52
N LEU A 38 -16.79 -11.91 0.01
CA LEU A 38 -17.24 -10.55 -0.23
C LEU A 38 -16.23 -9.51 0.28
N CYS A 39 -15.65 -9.74 1.46
CA CYS A 39 -14.64 -8.82 1.98
C CYS A 39 -13.47 -8.71 1.05
N THR A 40 -13.02 -9.84 0.52
CA THR A 40 -11.88 -9.86 -0.37
C THR A 40 -12.18 -9.07 -1.63
N ALA A 41 -13.40 -9.20 -2.16
CA ALA A 41 -13.78 -8.40 -3.33
C ALA A 41 -13.76 -6.91 -3.00
N VAL A 42 -14.24 -6.53 -1.81
CA VAL A 42 -14.27 -5.12 -1.42
C VAL A 42 -12.87 -4.55 -1.30
N LYS A 43 -11.94 -5.29 -0.69
CA LYS A 43 -10.56 -4.81 -0.65
C LYS A 43 -10.01 -4.61 -2.06
N ALA A 44 -10.39 -5.50 -2.99
CA ALA A 44 -9.94 -5.37 -4.37
C ALA A 44 -10.60 -4.17 -5.06
N ILE A 45 -11.89 -3.93 -4.78
CA ILE A 45 -12.53 -2.73 -5.31
C ILE A 45 -11.89 -1.48 -4.69
N SER A 46 -11.57 -1.54 -3.39
CA SER A 46 -10.98 -0.38 -2.74
C SER A 46 -9.65 -0.02 -3.38
N SER A 47 -8.78 -1.01 -3.56
CA SER A 47 -7.50 -0.77 -4.22
C SER A 47 -7.68 -0.12 -5.58
N ALA A 48 -8.63 -0.63 -6.38
CA ALA A 48 -8.86 -0.07 -7.72
C ALA A 48 -9.44 1.35 -7.65
N VAL A 49 -10.34 1.60 -6.70
CA VAL A 49 -10.96 2.93 -6.55
C VAL A 49 -9.93 3.97 -6.17
N ARG A 50 -8.98 3.60 -5.30
CA ARG A 50 -7.91 4.53 -4.92
C ARG A 50 -6.86 4.68 -6.03
N LYS A 51 -7.05 4.00 -7.17
CA LYS A 51 -6.20 4.16 -8.37
C LYS A 51 -4.81 3.57 -8.20
N ALA A 52 -4.66 2.55 -7.36
CA ALA A 52 -3.39 1.83 -7.29
C ALA A 52 -3.03 1.27 -8.65
N GLY A 53 -1.85 1.63 -9.14
CA GLY A 53 -1.40 1.18 -10.45
C GLY A 53 -1.75 2.08 -11.61
N ILE A 54 -2.42 3.21 -11.35
CA ILE A 54 -2.89 4.07 -12.43
C ILE A 54 -1.73 4.62 -13.26
N ALA A 55 -0.54 4.74 -12.66
CA ALA A 55 0.62 5.20 -13.42
C ALA A 55 0.89 4.31 -14.63
N HIS A 56 0.57 3.02 -14.52
CA HIS A 56 0.85 2.13 -15.64
C HIS A 56 -0.11 2.39 -16.78
N LEU A 57 -1.35 2.79 -16.48
CA LEU A 57 -2.26 3.20 -17.53
C LEU A 57 -1.82 4.48 -18.24
N TYR A 58 -0.95 5.26 -17.61
CA TYR A 58 -0.54 6.54 -18.15
C TYR A 58 0.87 6.50 -18.76
N GLY A 59 1.40 5.31 -19.01
CA GLY A 59 2.63 5.16 -19.78
C GLY A 59 3.91 5.06 -18.99
N ILE A 60 3.83 4.81 -17.68
CA ILE A 60 5.03 4.76 -16.86
C ILE A 60 6.00 3.71 -17.39
N ALA A 61 5.49 2.63 -17.98
CA ALA A 61 6.31 1.58 -18.56
C ALA A 61 6.38 1.67 -20.09
N GLY A 62 6.04 2.82 -20.67
CA GLY A 62 6.03 2.99 -22.11
C GLY A 62 4.90 2.26 -22.83
N VAL A 71 -8.72 -0.76 -20.06
CA VAL A 71 -9.58 0.41 -19.85
C VAL A 71 -11.05 -0.07 -19.64
N LYS A 72 -11.19 -1.17 -18.90
CA LYS A 72 -12.48 -1.57 -18.37
C LYS A 72 -13.00 -0.50 -17.40
N LYS A 73 -14.27 -0.14 -17.53
CA LYS A 73 -14.84 0.78 -16.55
C LYS A 73 -14.62 0.23 -15.15
N LEU A 74 -14.40 1.15 -14.21
CA LEU A 74 -14.18 0.74 -12.84
C LEU A 74 -15.36 -0.08 -12.31
N ASP A 75 -16.58 0.33 -12.62
CA ASP A 75 -17.67 -0.44 -12.05
C ASP A 75 -17.88 -1.77 -12.75
N VAL A 76 -17.37 -1.93 -13.98
CA VAL A 76 -17.40 -3.23 -14.61
C VAL A 76 -16.37 -4.15 -13.97
N LEU A 77 -15.16 -3.62 -13.67
CA LEU A 77 -14.22 -4.44 -12.94
C LEU A 77 -14.74 -4.75 -11.54
N SER A 78 -15.48 -3.82 -10.92
CA SER A 78 -16.01 -4.08 -9.59
C SER A 78 -17.04 -5.21 -9.62
N ASN A 79 -17.94 -5.16 -10.61
CA ASN A 79 -18.92 -6.22 -10.80
C ASN A 79 -18.23 -7.58 -11.00
N ASP A 80 -17.19 -7.63 -11.85
CA ASP A 80 -16.45 -8.87 -12.05
C ASP A 80 -15.87 -9.41 -10.76
N LEU A 81 -15.41 -8.52 -9.88
CA LEU A 81 -14.78 -8.96 -8.63
C LEU A 81 -15.81 -9.53 -7.68
N VAL A 82 -16.95 -8.86 -7.55
CA VAL A 82 -17.98 -9.38 -6.67
C VAL A 82 -18.57 -10.66 -7.26
N MET A 83 -18.80 -10.67 -8.58
CA MET A 83 -19.32 -11.85 -9.26
C MET A 83 -18.39 -13.05 -9.03
N ASN A 84 -17.10 -12.87 -9.31
CA ASN A 84 -16.19 -14.01 -9.29
C ASN A 84 -15.94 -14.50 -7.86
N MET A 85 -15.80 -13.58 -6.91
CA MET A 85 -15.55 -14.02 -5.54
C MET A 85 -16.78 -14.69 -4.94
N LEU A 86 -17.97 -14.27 -5.35
CA LEU A 86 -19.16 -14.90 -4.82
C LEU A 86 -19.38 -16.26 -5.48
N LYS A 87 -19.20 -16.34 -6.80
CA LYS A 87 -19.32 -17.63 -7.48
C LYS A 87 -18.39 -18.66 -6.86
N SER A 88 -17.14 -18.30 -6.69
CA SER A 88 -16.14 -19.23 -6.17
C SER A 88 -16.19 -19.37 -4.66
N SER A 89 -17.15 -18.73 -3.98
CA SER A 89 -17.32 -18.95 -2.55
C SER A 89 -17.99 -20.31 -2.24
N PHE A 90 -18.72 -20.87 -3.19
CA PHE A 90 -19.55 -22.06 -3.00
C PHE A 90 -20.69 -21.81 -2.02
N ALA A 91 -20.97 -20.54 -1.70
CA ALA A 91 -22.10 -20.18 -0.84
C ALA A 91 -23.28 -19.60 -1.58
N THR A 92 -23.21 -19.41 -2.90
CA THR A 92 -24.25 -18.70 -3.62
C THR A 92 -24.83 -19.52 -4.77
N CYS A 93 -26.03 -19.14 -5.23
CA CYS A 93 -26.64 -19.78 -6.38
C CYS A 93 -27.28 -18.82 -7.37
N VAL A 94 -27.77 -17.65 -6.94
CA VAL A 94 -28.31 -16.64 -7.83
C VAL A 94 -27.71 -15.29 -7.44
N LEU A 95 -27.22 -14.55 -8.43
CA LEU A 95 -26.58 -13.26 -8.21
C LEU A 95 -27.31 -12.21 -9.02
N VAL A 96 -27.81 -11.18 -8.35
CA VAL A 96 -28.50 -10.08 -9.01
C VAL A 96 -27.66 -8.84 -8.81
N SER A 97 -27.15 -8.29 -9.92
CA SER A 97 -26.35 -7.09 -9.90
C SER A 97 -27.04 -5.97 -10.66
N GLU A 98 -26.84 -4.74 -10.15
CA GLU A 98 -27.21 -3.52 -10.86
C GLU A 98 -26.57 -3.44 -12.24
N GLU A 99 -25.35 -4.01 -12.39
CA GLU A 99 -24.63 -4.02 -13.66
C GLU A 99 -25.21 -4.98 -14.71
N ASP A 100 -26.04 -5.95 -14.33
CA ASP A 100 -26.41 -7.05 -15.22
C ASP A 100 -27.91 -7.10 -15.48
N LYS A 101 -28.28 -7.31 -16.74
CA LYS A 101 -29.68 -7.28 -17.12
C LYS A 101 -30.47 -8.39 -16.41
N HIS A 102 -29.96 -9.62 -16.46
CA HIS A 102 -30.62 -10.79 -15.88
C HIS A 102 -29.88 -11.30 -14.66
N ALA A 103 -30.60 -12.03 -13.81
CA ALA A 103 -29.91 -12.71 -12.71
C ALA A 103 -28.88 -13.67 -13.27
N ILE A 104 -27.76 -13.73 -12.62
CA ILE A 104 -26.73 -14.66 -12.99
C ILE A 104 -26.94 -15.93 -12.16
N ILE A 105 -26.83 -17.07 -12.82
CA ILE A 105 -27.02 -18.38 -12.23
C ILE A 105 -25.63 -19.01 -12.05
N VAL A 106 -25.25 -19.24 -10.79
CA VAL A 106 -24.04 -19.98 -10.50
C VAL A 106 -24.09 -21.37 -11.13
N GLU A 107 -22.96 -21.81 -11.67
CA GLU A 107 -22.83 -23.12 -12.26
C GLU A 107 -23.12 -24.21 -11.23
N PRO A 108 -23.67 -25.35 -11.66
CA PRO A 108 -24.09 -26.38 -10.69
C PRO A 108 -23.03 -26.78 -9.68
N GLU A 109 -21.80 -27.04 -10.13
CA GLU A 109 -20.73 -27.48 -9.24
C GLU A 109 -20.27 -26.44 -8.23
N LYS A 110 -20.78 -25.20 -8.30
CA LYS A 110 -20.41 -24.18 -7.33
C LYS A 110 -21.59 -23.68 -6.52
N ARG A 111 -22.78 -24.25 -6.69
CA ARG A 111 -23.96 -23.65 -6.10
C ARG A 111 -23.95 -23.79 -4.59
N GLY A 112 -24.12 -22.66 -3.90
CA GLY A 112 -24.46 -22.63 -2.51
C GLY A 112 -25.90 -22.21 -2.28
N LYS A 113 -26.22 -21.94 -1.03
CA LYS A 113 -27.60 -21.79 -0.65
C LYS A 113 -28.06 -20.33 -0.51
N TYR A 114 -27.20 -19.37 -0.84
CA TYR A 114 -27.53 -17.96 -0.65
C TYR A 114 -27.78 -17.29 -1.99
N VAL A 115 -28.67 -16.30 -1.96
CA VAL A 115 -28.90 -15.39 -3.07
C VAL A 115 -28.38 -14.03 -2.63
N VAL A 116 -27.59 -13.39 -3.49
CA VAL A 116 -26.98 -12.11 -3.18
C VAL A 116 -27.42 -11.10 -4.23
N CYS A 117 -27.96 -9.98 -3.76
CA CYS A 117 -28.32 -8.84 -4.59
C CYS A 117 -27.38 -7.70 -4.26
N PHE A 118 -26.78 -7.09 -5.29
CA PHE A 118 -25.77 -6.09 -4.99
C PHE A 118 -25.65 -5.02 -6.08
N ASP A 119 -25.21 -3.84 -5.66
CA ASP A 119 -24.70 -2.80 -6.54
C ASP A 119 -23.18 -2.78 -6.36
N PRO A 120 -22.41 -3.21 -7.35
CA PRO A 120 -20.95 -3.35 -7.13
C PRO A 120 -20.24 -2.02 -6.95
N LEU A 121 -20.72 -0.94 -7.56
CA LEU A 121 -20.06 0.35 -7.38
C LEU A 121 -21.13 1.43 -7.53
N ASP A 122 -21.70 1.82 -6.39
CA ASP A 122 -22.79 2.80 -6.33
C ASP A 122 -22.25 4.23 -6.28
N GLY A 123 -23.05 5.14 -6.85
CA GLY A 123 -22.56 6.48 -7.12
C GLY A 123 -21.48 6.55 -8.18
N SER A 124 -21.26 5.46 -8.93
CA SER A 124 -20.10 5.34 -9.79
C SER A 124 -20.24 6.00 -11.16
N SER A 125 -21.43 6.52 -11.52
CA SER A 125 -21.48 7.45 -12.65
C SER A 125 -20.89 8.81 -12.30
N ASN A 126 -20.57 9.05 -11.02
CA ASN A 126 -19.83 10.21 -10.57
C ASN A 126 -18.45 9.83 -9.98
N ILE A 127 -17.77 8.84 -10.57
CA ILE A 127 -16.39 8.59 -10.17
C ILE A 127 -15.48 9.71 -10.64
N ASP A 128 -15.88 10.47 -11.67
CA ASP A 128 -14.98 11.47 -12.24
C ASP A 128 -14.73 12.62 -11.27
N CYS A 129 -15.75 13.01 -10.49
CA CYS A 129 -15.56 14.02 -9.46
C CYS A 129 -14.85 13.48 -8.22
N LEU A 130 -14.51 12.19 -8.18
CA LEU A 130 -13.83 11.57 -7.04
C LEU A 130 -14.66 11.65 -5.77
N VAL A 131 -15.96 11.87 -5.93
CA VAL A 131 -16.84 11.71 -4.80
C VAL A 131 -16.76 10.25 -4.32
N SER A 132 -17.14 10.05 -3.06
CA SER A 132 -17.36 8.72 -2.54
C SER A 132 -18.04 7.80 -3.55
N VAL A 133 -17.60 6.55 -3.59
CA VAL A 133 -18.35 5.50 -4.23
C VAL A 133 -18.63 4.43 -3.17
N GLY A 134 -19.48 3.46 -3.51
CA GLY A 134 -19.79 2.41 -2.54
C GLY A 134 -20.26 1.13 -3.18
N THR A 135 -20.23 0.06 -2.38
CA THR A 135 -20.79 -1.23 -2.74
C THR A 135 -21.93 -1.56 -1.77
N ILE A 136 -23.08 -1.95 -2.30
CA ILE A 136 -24.26 -2.27 -1.52
C ILE A 136 -24.61 -3.73 -1.78
N PHE A 137 -25.08 -4.43 -0.76
CA PHE A 137 -25.36 -5.85 -0.92
C PHE A 137 -26.45 -6.29 0.05
N GLY A 138 -27.20 -7.29 -0.40
CA GLY A 138 -28.21 -7.94 0.43
C GLY A 138 -28.17 -9.43 0.20
N ILE A 139 -28.11 -10.19 1.28
CA ILE A 139 -27.90 -11.63 1.22
C ILE A 139 -29.18 -12.32 1.65
N TYR A 140 -29.70 -13.18 0.78
CA TYR A 140 -30.91 -13.92 1.06
C TYR A 140 -30.61 -15.40 1.11
N ARG A 141 -31.43 -16.11 1.87
CA ARG A 141 -31.45 -17.55 1.81
C ARG A 141 -32.37 -17.98 0.66
N LYS A 142 -31.87 -18.87 -0.21
CA LYS A 142 -32.75 -19.45 -1.21
C LYS A 142 -33.91 -20.19 -0.52
N LYS A 143 -35.13 -19.92 -0.99
CA LYS A 143 -36.35 -20.40 -0.34
C LYS A 143 -36.91 -21.69 -0.95
N SER A 144 -36.81 -21.90 -2.27
CA SER A 144 -37.32 -23.12 -2.88
C SER A 144 -36.16 -24.03 -3.26
N THR A 145 -36.49 -25.30 -3.47
CA THR A 145 -35.57 -26.27 -4.05
C THR A 145 -35.58 -26.26 -5.57
N ASP A 146 -36.43 -25.44 -6.20
CA ASP A 146 -36.44 -25.35 -7.66
C ASP A 146 -35.05 -25.01 -8.19
N GLU A 147 -34.80 -25.41 -9.42
CA GLU A 147 -33.64 -24.99 -10.19
C GLU A 147 -33.47 -23.49 -9.97
N PRO A 148 -32.28 -23.02 -9.61
CA PRO A 148 -32.13 -21.59 -9.28
C PRO A 148 -32.50 -20.73 -10.48
N SER A 149 -33.17 -19.62 -10.19
CA SER A 149 -33.69 -18.71 -11.21
C SER A 149 -33.85 -17.34 -10.58
N GLU A 150 -34.17 -16.36 -11.43
CA GLU A 150 -34.27 -15.01 -10.92
C GLU A 150 -35.39 -14.84 -9.91
N LYS A 151 -36.34 -15.79 -9.88
CA LYS A 151 -37.42 -15.72 -8.90
C LYS A 151 -36.91 -15.87 -7.47
N ASP A 152 -35.76 -16.52 -7.28
CA ASP A 152 -35.21 -16.63 -5.93
C ASP A 152 -34.74 -15.31 -5.36
N ALA A 153 -34.57 -14.28 -6.21
CA ALA A 153 -34.20 -12.97 -5.72
C ALA A 153 -35.42 -12.10 -5.41
N LEU A 154 -36.61 -12.56 -5.78
CA LEU A 154 -37.82 -11.78 -5.55
C LEU A 154 -38.39 -12.05 -4.17
N GLN A 155 -37.55 -11.89 -3.14
CA GLN A 155 -38.02 -11.94 -1.77
C GLN A 155 -38.19 -10.54 -1.20
N PRO A 156 -39.09 -10.35 -0.23
CA PRO A 156 -39.13 -9.06 0.46
C PRO A 156 -37.92 -8.94 1.38
N GLY A 157 -37.47 -7.68 1.54
CA GLY A 157 -36.32 -7.38 2.38
C GLY A 157 -36.42 -7.89 3.80
N ARG A 158 -37.64 -8.13 4.31
CA ARG A 158 -37.80 -8.81 5.60
C ARG A 158 -37.05 -10.14 5.64
N ASN A 159 -36.88 -10.81 4.50
CA ASN A 159 -36.26 -12.13 4.45
C ASN A 159 -34.75 -12.08 4.48
N LEU A 160 -34.18 -10.88 4.55
CA LEU A 160 -32.73 -10.72 4.51
C LEU A 160 -32.07 -11.47 5.66
N VAL A 161 -31.01 -12.18 5.34
CA VAL A 161 -30.16 -12.78 6.38
C VAL A 161 -29.04 -11.83 6.77
N ALA A 162 -28.56 -11.01 5.82
CA ALA A 162 -27.47 -10.08 6.04
C ALA A 162 -27.55 -9.02 4.96
N ALA A 163 -27.08 -7.81 5.29
CA ALA A 163 -27.03 -6.72 4.33
C ALA A 163 -26.05 -5.68 4.84
N GLY A 164 -25.67 -4.78 3.94
CA GLY A 164 -24.79 -3.71 4.35
C GLY A 164 -24.13 -3.08 3.13
N TYR A 165 -22.98 -2.46 3.38
CA TYR A 165 -22.31 -1.75 2.32
C TYR A 165 -20.85 -1.54 2.69
N ALA A 166 -20.05 -1.27 1.67
CA ALA A 166 -18.70 -0.72 1.82
C ALA A 166 -18.73 0.72 1.31
N LEU A 167 -18.23 1.64 2.12
CA LEU A 167 -18.07 3.03 1.71
C LEU A 167 -16.61 3.24 1.33
N TYR A 168 -16.38 3.66 0.09
CA TYR A 168 -15.03 4.03 -0.38
C TYR A 168 -14.93 5.54 -0.34
N GLY A 169 -14.65 6.07 0.85
CA GLY A 169 -14.60 7.50 1.05
C GLY A 169 -13.23 7.93 1.50
N SER A 170 -13.15 8.85 2.48
CA SER A 170 -11.84 9.23 3.01
C SER A 170 -11.06 8.00 3.47
N ALA A 171 -11.74 7.06 4.13
CA ALA A 171 -11.27 5.69 4.34
C ALA A 171 -12.32 4.70 3.82
N THR A 172 -11.98 3.42 3.84
CA THR A 172 -12.90 2.38 3.39
C THR A 172 -13.51 1.74 4.62
N MET A 173 -14.84 1.82 4.71
CA MET A 173 -15.58 1.22 5.80
C MET A 173 -16.57 0.21 5.27
N LEU A 174 -16.70 -0.90 6.00
CA LEU A 174 -17.70 -1.92 5.76
C LEU A 174 -18.71 -1.92 6.90
N VAL A 175 -19.99 -1.75 6.57
CA VAL A 175 -21.08 -1.79 7.52
C VAL A 175 -21.90 -3.05 7.27
N LEU A 176 -22.09 -3.85 8.32
CA LEU A 176 -22.66 -5.20 8.18
C LEU A 176 -23.81 -5.35 9.16
N ALA A 177 -25.04 -5.44 8.63
CA ALA A 177 -26.24 -5.62 9.43
C ALA A 177 -26.70 -7.07 9.34
N MET A 178 -26.87 -7.69 10.50
CA MET A 178 -27.54 -8.98 10.64
C MET A 178 -28.67 -8.82 11.63
N ASP A 179 -29.27 -9.96 11.98
CA ASP A 179 -30.40 -9.96 12.89
C ASP A 179 -30.05 -9.37 14.25
N CYS A 180 -28.82 -9.61 14.72
CA CYS A 180 -28.37 -9.13 16.02
C CYS A 180 -28.11 -7.62 16.06
N GLY A 181 -27.91 -6.97 14.91
CA GLY A 181 -27.66 -5.55 14.84
C GLY A 181 -26.61 -5.19 13.80
N VAL A 182 -25.97 -4.05 14.00
CA VAL A 182 -25.14 -3.40 12.98
C VAL A 182 -23.76 -3.20 13.55
N ASN A 183 -22.75 -3.62 12.79
CA ASN A 183 -21.35 -3.41 13.15
C ASN A 183 -20.63 -2.74 12.01
N CYS A 184 -19.69 -1.86 12.37
CA CYS A 184 -18.92 -1.09 11.41
C CYS A 184 -17.47 -1.52 11.51
N PHE A 185 -16.89 -1.81 10.36
CA PHE A 185 -15.53 -2.33 10.23
C PHE A 185 -14.74 -1.39 9.33
N MET A 186 -13.60 -0.93 9.83
CA MET A 186 -12.75 -0.04 9.09
C MET A 186 -11.61 -0.85 8.48
N LEU A 187 -11.40 -0.68 7.18
CA LEU A 187 -10.32 -1.38 6.50
C LEU A 187 -9.00 -0.72 6.83
N ASP A 188 -8.06 -1.49 7.36
CA ASP A 188 -6.69 -1.02 7.51
C ASP A 188 -5.92 -1.44 6.26
N PRO A 189 -5.64 -0.52 5.33
CA PRO A 189 -5.09 -0.94 4.03
C PRO A 189 -3.65 -1.40 4.12
N ALA A 190 -2.97 -1.09 5.22
CA ALA A 190 -1.60 -1.56 5.38
C ALA A 190 -1.54 -3.07 5.54
N ILE A 191 -2.60 -3.69 6.08
CA ILE A 191 -2.66 -5.13 6.29
C ILE A 191 -3.87 -5.79 5.67
N GLY A 192 -4.76 -5.03 5.03
CA GLY A 192 -5.90 -5.65 4.37
C GLY A 192 -6.80 -6.40 5.33
N GLU A 193 -7.05 -5.82 6.50
CA GLU A 193 -7.99 -6.35 7.46
C GLU A 193 -9.04 -5.28 7.76
N PHE A 194 -10.29 -5.72 7.89
CA PHE A 194 -11.36 -4.87 8.40
C PHE A 194 -11.42 -4.99 9.92
N ILE A 195 -11.19 -3.87 10.62
CA ILE A 195 -11.09 -3.87 12.08
C ILE A 195 -12.44 -3.42 12.66
N LEU A 196 -12.92 -4.12 13.68
CA LEU A 196 -14.18 -3.73 14.30
C LEU A 196 -13.98 -2.44 15.08
N VAL A 197 -14.65 -1.37 14.65
CA VAL A 197 -14.51 -0.08 15.33
C VAL A 197 -15.80 0.40 15.97
N ASP A 198 -16.97 -0.10 15.59
CA ASP A 198 -18.21 0.28 16.25
C ASP A 198 -19.14 -0.92 16.31
N LYS A 199 -19.47 -1.35 17.52
CA LYS A 199 -20.23 -2.58 17.77
C LYS A 199 -21.66 -2.22 18.12
N ASP A 200 -22.63 -2.89 17.48
CA ASP A 200 -24.06 -2.71 17.75
C ASP A 200 -24.48 -1.24 17.61
N VAL A 201 -24.26 -0.70 16.42
CA VAL A 201 -24.54 0.73 16.16
C VAL A 201 -26.03 0.99 16.21
N LYS A 202 -26.41 2.13 16.81
CA LYS A 202 -27.79 2.61 16.82
C LYS A 202 -27.84 4.05 16.34
N ILE A 203 -28.78 4.34 15.44
CA ILE A 203 -28.95 5.67 14.91
C ILE A 203 -29.63 6.53 15.97
N LYS A 204 -29.28 7.81 16.02
CA LYS A 204 -29.93 8.59 17.05
C LYS A 204 -31.39 8.85 16.68
N LYS A 205 -32.20 9.09 17.72
CA LYS A 205 -33.65 9.07 17.58
C LYS A 205 -34.16 10.22 16.71
N LYS A 206 -33.51 11.39 16.81
CA LYS A 206 -33.85 12.54 15.98
C LYS A 206 -32.55 13.19 15.50
N GLY A 207 -32.52 13.58 14.23
CA GLY A 207 -31.35 14.19 13.64
C GLY A 207 -31.57 15.66 13.31
N LYS A 208 -30.53 16.24 12.69
CA LYS A 208 -30.54 17.65 12.30
C LYS A 208 -30.12 17.85 10.84
N ILE A 209 -30.01 16.79 10.05
CA ILE A 209 -29.67 16.90 8.64
C ILE A 209 -30.77 16.28 7.80
N TYR A 210 -31.10 16.93 6.68
CA TYR A 210 -31.94 16.33 5.66
C TYR A 210 -31.16 16.30 4.35
N SER A 211 -31.39 15.23 3.60
CA SER A 211 -30.58 14.89 2.43
C SER A 211 -31.51 14.51 1.29
N LEU A 212 -31.55 15.31 0.23
CA LEU A 212 -32.20 14.92 -1.01
C LEU A 212 -31.79 15.89 -2.10
N ASN A 213 -32.04 15.51 -3.37
CA ASN A 213 -31.73 16.39 -4.49
C ASN A 213 -32.85 17.41 -4.65
N GLU A 214 -32.60 18.63 -4.19
CA GLU A 214 -33.60 19.68 -4.31
C GLU A 214 -33.72 20.23 -5.72
N GLY A 215 -32.91 19.75 -6.66
CA GLY A 215 -33.13 20.08 -8.06
C GLY A 215 -34.45 19.57 -8.61
N TYR A 216 -35.05 18.57 -7.98
CA TYR A 216 -36.36 18.05 -8.40
C TYR A 216 -37.54 18.86 -7.86
N ALA A 217 -37.31 20.05 -7.29
CA ALA A 217 -38.33 20.75 -6.52
C ALA A 217 -39.61 20.99 -7.33
N LYS A 218 -39.48 21.34 -8.61
CA LYS A 218 -40.65 21.58 -9.45
C LYS A 218 -41.53 20.34 -9.61
N ASP A 219 -40.97 19.15 -9.44
CA ASP A 219 -41.73 17.92 -9.60
C ASP A 219 -42.04 17.21 -8.29
N PHE A 220 -41.79 17.86 -7.15
CA PHE A 220 -41.99 17.22 -5.85
C PHE A 220 -43.46 16.94 -5.56
N ASP A 221 -43.69 15.84 -4.86
CA ASP A 221 -44.97 15.64 -4.18
C ASP A 221 -45.25 16.82 -3.25
N PRO A 222 -46.49 17.30 -3.19
CA PRO A 222 -46.82 18.32 -2.18
C PRO A 222 -46.40 17.98 -0.75
N ALA A 223 -46.34 16.70 -0.39
CA ALA A 223 -45.86 16.35 0.95
C ALA A 223 -44.36 16.60 1.09
N VAL A 224 -43.58 16.29 0.04
CA VAL A 224 -42.14 16.55 0.09
C VAL A 224 -41.86 18.06 0.10
N THR A 225 -42.56 18.82 -0.77
CA THR A 225 -42.47 20.28 -0.72
C THR A 225 -42.68 20.80 0.70
N GLU A 226 -43.75 20.36 1.37
CA GLU A 226 -44.04 20.92 2.68
C GLU A 226 -43.07 20.41 3.75
N TYR A 227 -42.73 19.12 3.74
CA TYR A 227 -41.82 18.61 4.75
C TYR A 227 -40.47 19.35 4.71
N ILE A 228 -39.92 19.50 3.51
CA ILE A 228 -38.65 20.19 3.39
C ILE A 228 -38.77 21.66 3.79
N GLN A 229 -39.90 22.29 3.49
CA GLN A 229 -40.13 23.65 3.98
C GLN A 229 -40.14 23.70 5.51
N ARG A 230 -40.52 22.61 6.18
CA ARG A 230 -40.51 22.62 7.64
C ARG A 230 -39.11 22.43 8.19
N LYS A 231 -38.22 21.82 7.39
CA LYS A 231 -36.82 21.73 7.76
C LYS A 231 -36.14 23.09 7.68
N LYS A 232 -36.49 23.91 6.68
CA LYS A 232 -35.85 25.23 6.52
C LYS A 232 -36.51 26.30 7.41
N PHE A 233 -37.80 26.12 7.70
CA PHE A 233 -38.62 27.09 8.43
C PHE A 233 -39.44 26.36 9.48
N PRO A 234 -38.81 25.87 10.55
CA PRO A 234 -39.54 25.07 11.55
C PRO A 234 -40.68 25.87 12.20
N PRO A 235 -41.93 25.39 12.10
CA PRO A 235 -43.04 26.19 12.65
C PRO A 235 -43.00 26.40 14.16
N ASP A 236 -42.33 25.54 14.92
CA ASP A 236 -42.11 25.79 16.35
C ASP A 236 -40.96 26.76 16.60
N ASN A 237 -40.48 27.41 15.54
CA ASN A 237 -39.39 28.36 15.56
C ASN A 237 -38.09 27.76 16.09
N SER A 238 -37.95 26.44 16.08
CA SER A 238 -36.69 25.80 16.44
C SER A 238 -35.66 26.00 15.32
N ALA A 239 -34.46 25.48 15.54
CA ALA A 239 -33.35 25.73 14.63
C ALA A 239 -33.50 24.91 13.35
N PRO A 240 -33.32 25.50 12.17
CA PRO A 240 -33.43 24.73 10.93
C PRO A 240 -32.41 23.60 10.88
N TYR A 241 -32.74 22.58 10.11
CA TYR A 241 -31.80 21.51 9.82
C TYR A 241 -30.74 21.97 8.84
N GLY A 242 -29.58 21.31 8.89
CA GLY A 242 -28.62 21.43 7.80
C GLY A 242 -29.00 20.53 6.63
N ALA A 243 -28.58 20.93 5.44
CA ALA A 243 -28.75 20.12 4.24
C ALA A 243 -27.42 19.53 3.78
N ARG A 244 -27.46 18.27 3.35
CA ARG A 244 -26.34 17.57 2.71
C ARG A 244 -26.89 16.63 1.65
N TYR A 245 -26.23 16.59 0.49
CA TYR A 245 -26.63 15.62 -0.53
C TYR A 245 -25.41 15.32 -1.38
N VAL A 246 -24.85 14.13 -1.19
CA VAL A 246 -23.65 13.76 -1.91
C VAL A 246 -23.98 13.26 -3.31
N GLY A 247 -25.12 12.61 -3.49
CA GLY A 247 -25.46 11.99 -4.75
C GLY A 247 -24.97 10.57 -4.91
N SER A 248 -24.28 10.03 -3.92
CA SER A 248 -23.93 8.63 -3.80
C SER A 248 -24.65 8.08 -2.58
N MET A 249 -25.53 7.09 -2.81
CA MET A 249 -26.44 6.63 -1.76
C MET A 249 -25.67 6.14 -0.54
N VAL A 250 -24.56 5.43 -0.78
CA VAL A 250 -23.76 4.90 0.30
C VAL A 250 -23.30 6.02 1.22
N ALA A 251 -22.70 7.08 0.65
CA ALA A 251 -22.22 8.17 1.50
C ALA A 251 -23.37 8.86 2.22
N ASP A 252 -24.49 9.10 1.53
CA ASP A 252 -25.61 9.79 2.18
C ASP A 252 -26.22 8.92 3.29
N VAL A 253 -26.36 7.61 3.05
CA VAL A 253 -26.93 6.75 4.08
C VAL A 253 -25.95 6.58 5.24
N HIS A 254 -24.65 6.47 4.94
CA HIS A 254 -23.73 6.28 6.06
C HIS A 254 -23.71 7.50 6.97
N ARG A 255 -23.79 8.70 6.39
CA ARG A 255 -23.82 9.91 7.21
C ARG A 255 -25.13 9.99 8.00
N THR A 256 -26.23 9.55 7.40
CA THR A 256 -27.49 9.45 8.13
C THR A 256 -27.35 8.53 9.34
N LEU A 257 -26.61 7.43 9.16
CA LEU A 257 -26.41 6.46 10.23
C LEU A 257 -25.60 7.05 11.38
N VAL A 258 -24.48 7.69 11.07
CA VAL A 258 -23.58 8.12 12.13
C VAL A 258 -24.05 9.42 12.78
N TYR A 259 -24.69 10.32 12.03
CA TYR A 259 -25.12 11.59 12.60
C TYR A 259 -26.62 11.71 12.82
N GLY A 260 -27.40 10.76 12.36
CA GLY A 260 -28.84 10.86 12.45
C GLY A 260 -29.38 11.74 11.35
N GLY A 261 -30.71 11.79 11.28
CA GLY A 261 -31.34 12.61 10.27
C GLY A 261 -32.13 11.77 9.31
N ILE A 262 -32.26 12.25 8.07
CA ILE A 262 -33.23 11.71 7.12
C ILE A 262 -32.68 11.87 5.71
N PHE A 263 -32.88 10.83 4.90
CA PHE A 263 -32.48 10.78 3.50
C PHE A 263 -33.72 10.46 2.66
N LEU A 264 -33.89 11.16 1.53
CA LEU A 264 -35.11 11.03 0.74
C LEU A 264 -34.77 10.85 -0.74
N TYR A 265 -35.31 9.80 -1.35
CA TYR A 265 -35.47 9.72 -2.80
C TYR A 265 -36.91 9.25 -3.05
N PRO A 266 -37.86 10.16 -2.98
CA PRO A 266 -39.28 9.76 -2.96
C PRO A 266 -39.87 9.70 -4.36
N ALA A 267 -41.12 9.25 -4.47
CA ALA A 267 -41.81 9.27 -5.75
C ALA A 267 -42.17 10.69 -6.13
N ASN A 268 -42.43 10.91 -7.44
CA ASN A 268 -42.96 12.18 -7.92
C ASN A 268 -43.67 12.06 -9.27
N LYS A 269 -43.10 12.67 -10.33
CA LYS A 269 -43.66 12.67 -11.68
C LYS A 269 -42.96 11.67 -12.60
N LYS A 270 -41.69 11.93 -12.91
CA LYS A 270 -40.85 11.06 -13.74
C LYS A 270 -40.65 9.74 -13.01
N SER A 271 -41.32 9.57 -11.85
CA SER A 271 -41.03 8.45 -10.98
C SER A 271 -42.12 8.19 -9.95
N PRO A 272 -43.29 7.71 -10.36
CA PRO A 272 -44.27 7.20 -9.38
C PRO A 272 -43.72 6.14 -8.42
N ASN A 273 -42.63 5.46 -8.77
CA ASN A 273 -41.97 4.51 -7.88
C ASN A 273 -40.56 4.93 -7.49
N GLY A 274 -40.23 6.21 -7.61
CA GLY A 274 -38.88 6.64 -7.32
C GLY A 274 -37.88 6.31 -8.41
N LYS A 275 -36.60 6.47 -8.07
CA LYS A 275 -35.50 6.18 -8.98
C LYS A 275 -34.62 5.05 -8.45
N LEU A 276 -34.39 5.00 -7.14
CA LEU A 276 -33.57 3.96 -6.54
C LEU A 276 -34.23 2.59 -6.70
N ARG A 277 -33.41 1.54 -6.64
CA ARG A 277 -33.85 0.18 -6.95
C ARG A 277 -34.02 -0.65 -5.67
N LEU A 278 -35.10 -1.42 -5.60
CA LEU A 278 -35.51 -2.05 -4.35
C LEU A 278 -34.50 -3.10 -3.89
N LEU A 279 -34.04 -3.95 -4.81
CA LEU A 279 -33.34 -5.18 -4.40
C LEU A 279 -31.95 -4.89 -3.87
N TYR A 280 -31.21 -4.00 -4.52
CA TYR A 280 -29.80 -3.82 -4.21
C TYR A 280 -29.44 -2.38 -3.82
N GLU A 281 -30.42 -1.50 -3.66
CA GLU A 281 -30.21 -0.18 -3.09
C GLU A 281 -31.10 0.05 -1.88
N CYS A 282 -32.42 -0.01 -2.03
CA CYS A 282 -33.32 0.36 -0.95
C CYS A 282 -33.40 -0.72 0.13
N ASN A 283 -33.53 -1.98 -0.26
CA ASN A 283 -33.64 -3.04 0.75
C ASN A 283 -32.42 -3.11 1.65
N PRO A 284 -31.18 -3.23 1.14
CA PRO A 284 -30.05 -3.32 2.08
C PRO A 284 -29.95 -2.10 3.00
N MET A 285 -30.20 -0.90 2.47
CA MET A 285 -30.15 0.28 3.32
C MET A 285 -31.33 0.34 4.28
N ALA A 286 -32.50 -0.18 3.88
CA ALA A 286 -33.61 -0.20 4.83
C ALA A 286 -33.35 -1.23 5.94
N TYR A 287 -32.77 -2.36 5.58
CA TYR A 287 -32.40 -3.36 6.56
C TYR A 287 -31.37 -2.83 7.55
N VAL A 288 -30.29 -2.20 7.04
CA VAL A 288 -29.30 -1.55 7.92
C VAL A 288 -29.99 -0.55 8.84
N MET A 289 -30.92 0.25 8.32
CA MET A 289 -31.58 1.27 9.13
C MET A 289 -32.41 0.65 10.26
N GLU A 290 -33.20 -0.38 9.94
CA GLU A 290 -34.09 -0.94 10.96
C GLU A 290 -33.31 -1.72 12.02
N LYS A 291 -32.22 -2.37 11.63
CA LYS A 291 -31.40 -3.07 12.61
C LYS A 291 -30.68 -2.08 13.52
N ALA A 292 -30.46 -0.86 13.06
CA ALA A 292 -29.88 0.21 13.86
C ALA A 292 -30.93 1.03 14.60
N GLY A 293 -32.18 0.61 14.57
CA GLY A 293 -33.24 1.32 15.26
C GLY A 293 -33.84 2.47 14.49
N GLY A 294 -33.58 2.55 13.18
CA GLY A 294 -34.15 3.59 12.35
C GLY A 294 -35.35 3.11 11.57
N MET A 295 -35.72 3.89 10.58
CA MET A 295 -36.87 3.55 9.76
C MET A 295 -36.54 3.70 8.27
N ALA A 296 -37.41 3.11 7.47
CA ALA A 296 -37.25 3.18 6.03
C ALA A 296 -38.60 2.85 5.39
N THR A 297 -39.20 3.86 4.77
CA THR A 297 -40.54 3.82 4.22
C THR A 297 -40.50 4.27 2.77
N THR A 298 -41.43 3.74 2.00
CA THR A 298 -41.75 4.24 0.68
C THR A 298 -42.73 5.40 0.73
N GLY A 299 -43.35 5.64 1.88
CA GLY A 299 -44.50 6.48 1.97
C GLY A 299 -45.73 5.65 2.30
N LYS A 300 -46.00 4.64 1.47
CA LYS A 300 -47.16 3.78 1.66
C LYS A 300 -46.87 2.57 2.54
N GLU A 301 -45.67 2.00 2.43
CA GLU A 301 -45.30 0.80 3.17
C GLU A 301 -43.83 0.85 3.57
N ALA A 302 -43.49 0.06 4.57
CA ALA A 302 -42.08 -0.14 4.92
C ALA A 302 -41.36 -0.83 3.75
N VAL A 303 -40.17 -0.29 3.43
CA VAL A 303 -39.39 -0.77 2.28
C VAL A 303 -39.20 -2.29 2.33
N LEU A 304 -38.87 -2.81 3.52
CA LEU A 304 -38.59 -4.23 3.67
C LEU A 304 -39.82 -5.12 3.46
N ASP A 305 -41.03 -4.56 3.37
CA ASP A 305 -42.23 -5.36 3.15
C ASP A 305 -42.71 -5.38 1.71
N VAL A 306 -42.13 -4.57 0.83
CA VAL A 306 -42.51 -4.60 -0.58
C VAL A 306 -42.12 -5.95 -1.16
N ILE A 307 -43.08 -6.67 -1.73
CA ILE A 307 -42.75 -7.90 -2.44
C ILE A 307 -42.39 -7.53 -3.87
N PRO A 308 -41.15 -7.74 -4.29
CA PRO A 308 -40.78 -7.38 -5.66
C PRO A 308 -41.31 -8.38 -6.67
N THR A 309 -41.50 -7.88 -7.90
CA THR A 309 -41.84 -8.69 -9.07
C THR A 309 -40.82 -8.59 -10.18
N ASP A 310 -39.91 -7.62 -10.15
CA ASP A 310 -38.89 -7.41 -11.17
C ASP A 310 -37.59 -7.14 -10.43
N ILE A 311 -36.52 -7.85 -10.80
CA ILE A 311 -35.26 -7.72 -10.08
C ILE A 311 -34.69 -6.31 -10.15
N HIS A 312 -35.05 -5.54 -11.16
CA HIS A 312 -34.59 -4.17 -11.28
C HIS A 312 -35.67 -3.15 -10.96
N GLN A 313 -36.75 -3.57 -10.31
CA GLN A 313 -37.85 -2.66 -10.05
C GLN A 313 -37.38 -1.56 -9.08
N ARG A 314 -38.02 -0.40 -9.18
CA ARG A 314 -37.69 0.72 -8.33
C ARG A 314 -38.64 0.83 -7.15
N ALA A 315 -38.16 1.48 -6.09
CA ALA A 315 -39.01 1.82 -4.96
C ALA A 315 -38.63 3.21 -4.43
N PRO A 316 -39.62 4.02 -4.02
CA PRO A 316 -39.30 5.24 -3.29
C PRO A 316 -38.77 4.86 -1.92
N VAL A 317 -37.94 5.74 -1.37
CA VAL A 317 -37.33 5.47 -0.07
C VAL A 317 -37.12 6.76 0.71
N ILE A 318 -37.55 6.74 1.96
CA ILE A 318 -37.29 7.78 2.95
C ILE A 318 -36.79 7.03 4.18
N LEU A 319 -35.57 7.33 4.61
CA LEU A 319 -35.00 6.54 5.68
C LEU A 319 -34.22 7.42 6.65
N GLY A 320 -33.92 6.84 7.81
CA GLY A 320 -33.12 7.47 8.83
C GLY A 320 -33.69 7.38 10.24
N SER A 321 -33.41 8.42 11.02
CA SER A 321 -33.81 8.48 12.41
C SER A 321 -35.32 8.35 12.54
N PRO A 322 -35.80 7.57 13.50
CA PRO A 322 -37.24 7.28 13.57
C PRO A 322 -38.10 8.54 13.75
N ASP A 323 -37.73 9.47 14.63
CA ASP A 323 -38.54 10.67 14.79
C ASP A 323 -38.69 11.42 13.47
N ASP A 324 -37.63 11.43 12.66
CA ASP A 324 -37.67 12.20 11.42
C ASP A 324 -38.49 11.51 10.34
N VAL A 325 -38.33 10.19 10.21
CA VAL A 325 -39.15 9.45 9.26
C VAL A 325 -40.62 9.56 9.64
N LEU A 326 -40.91 9.43 10.94
CA LEU A 326 -42.29 9.56 11.41
C LEU A 326 -42.86 10.92 11.05
N GLU A 327 -42.07 11.97 11.26
CA GLU A 327 -42.55 13.31 10.93
C GLU A 327 -42.82 13.43 9.45
N PHE A 328 -41.96 12.84 8.61
CA PHE A 328 -42.26 12.83 7.18
C PHE A 328 -43.56 12.07 6.88
N LEU A 329 -43.77 10.93 7.53
CA LEU A 329 -44.99 10.17 7.24
C LEU A 329 -46.23 10.95 7.65
N LYS A 330 -46.15 11.73 8.73
CA LYS A 330 -47.28 12.58 9.12
C LYS A 330 -47.59 13.62 8.04
N VAL A 331 -46.57 14.32 7.53
CA VAL A 331 -46.81 15.22 6.42
C VAL A 331 -47.33 14.45 5.21
N TYR A 332 -46.80 13.25 4.99
CA TYR A 332 -47.23 12.44 3.86
C TYR A 332 -48.69 12.02 3.99
N GLU A 333 -49.11 11.55 5.17
CA GLU A 333 -50.52 11.21 5.37
C GLU A 333 -51.43 12.44 5.26
N LYS A 334 -50.94 13.61 5.68
CA LYS A 334 -51.75 14.82 5.58
C LYS A 334 -52.16 15.11 4.13
N HIS A 335 -51.35 14.69 3.16
CA HIS A 335 -51.61 14.89 1.73
C HIS A 335 -52.20 13.67 1.04
N SER A 336 -52.55 12.62 1.78
CA SER A 336 -53.06 11.37 1.18
C SER A 336 -54.60 11.35 1.10
N ASP B 10 3.96 11.67 -23.17
CA ASP B 10 4.48 10.68 -22.23
C ASP B 10 4.01 10.90 -20.79
N VAL B 11 4.19 9.87 -19.96
CA VAL B 11 3.87 9.96 -18.54
C VAL B 11 4.61 11.14 -17.93
N ASN B 12 3.97 11.82 -16.98
CA ASN B 12 4.65 12.85 -16.22
C ASN B 12 4.19 12.80 -14.77
N THR B 13 5.11 13.10 -13.87
CA THR B 13 4.78 13.22 -12.48
C THR B 13 4.88 14.69 -12.08
N LEU B 14 4.20 15.03 -11.00
CA LEU B 14 4.26 16.40 -10.49
C LEU B 14 5.69 16.83 -10.19
N THR B 15 6.49 15.92 -9.62
CA THR B 15 7.87 16.26 -9.30
C THR B 15 8.65 16.60 -10.57
N ARG B 16 8.56 15.75 -11.58
CA ARG B 16 9.22 16.03 -12.84
C ARG B 16 8.63 17.26 -13.51
N PHE B 17 7.29 17.33 -13.60
CA PHE B 17 6.64 18.43 -14.31
C PHE B 17 7.06 19.78 -13.73
N VAL B 18 6.93 19.94 -12.41
CA VAL B 18 7.23 21.21 -11.76
C VAL B 18 8.71 21.55 -11.92
N MET B 19 9.57 20.56 -11.68
CA MET B 19 11.01 20.74 -11.86
C MET B 19 11.34 21.22 -13.27
N GLU B 20 10.76 20.58 -14.29
CA GLU B 20 11.07 20.94 -15.66
C GLU B 20 10.53 22.32 -15.99
N GLU B 21 9.36 22.66 -15.45
CA GLU B 21 8.81 24.00 -15.66
C GLU B 21 9.64 25.06 -14.95
N GLY B 22 10.13 24.77 -13.74
CA GLY B 22 10.97 25.72 -13.04
C GLY B 22 12.29 25.96 -13.74
N ARG B 23 12.85 24.92 -14.36
CA ARG B 23 14.10 25.06 -15.09
C ARG B 23 13.92 25.99 -16.29
N LYS B 24 12.87 25.78 -17.10
CA LYS B 24 12.59 26.71 -18.19
C LYS B 24 12.43 28.14 -17.67
N ALA B 25 11.64 28.32 -16.62
CA ALA B 25 11.40 29.65 -16.06
C ALA B 25 12.64 30.25 -15.41
N ARG B 26 13.70 29.47 -15.23
CA ARG B 26 14.97 29.96 -14.68
C ARG B 26 14.80 30.58 -13.29
N GLY B 27 13.81 30.13 -12.53
CA GLY B 27 13.71 30.52 -11.14
C GLY B 27 14.82 29.92 -10.30
N THR B 28 14.80 30.27 -9.02
CA THR B 28 15.82 29.79 -8.10
C THR B 28 15.56 28.40 -7.53
N GLY B 29 14.36 27.85 -7.70
CA GLY B 29 14.09 26.51 -7.21
C GLY B 29 13.43 26.45 -5.85
N GLU B 30 13.23 27.60 -5.22
CA GLU B 30 12.59 27.62 -3.91
C GLU B 30 11.14 27.13 -4.01
N LEU B 31 10.39 27.59 -5.01
CA LEU B 31 9.00 27.18 -5.14
C LEU B 31 8.90 25.67 -5.37
N THR B 32 9.69 25.16 -6.31
CA THR B 32 9.78 23.73 -6.55
C THR B 32 10.05 22.97 -5.25
N GLN B 33 11.02 23.45 -4.47
CA GLN B 33 11.34 22.81 -3.21
C GLN B 33 10.14 22.80 -2.27
N LEU B 34 9.45 23.93 -2.16
CA LEU B 34 8.27 24.04 -1.33
C LEU B 34 7.22 23.04 -1.79
N LEU B 35 6.95 23.04 -3.10
CA LEU B 35 5.97 22.14 -3.68
C LEU B 35 6.33 20.67 -3.47
N ASN B 36 7.63 20.32 -3.50
CA ASN B 36 8.03 18.93 -3.20
C ASN B 36 7.73 18.56 -1.76
N SER B 37 8.00 19.47 -0.82
CA SER B 37 7.67 19.24 0.58
C SER B 37 6.17 19.08 0.79
N LEU B 38 5.37 19.93 0.15
CA LEU B 38 3.91 19.88 0.28
C LEU B 38 3.36 18.57 -0.27
N CYS B 39 3.86 18.15 -1.42
CA CYS B 39 3.46 16.87 -1.99
C CYS B 39 3.77 15.73 -1.03
N THR B 40 4.95 15.76 -0.42
CA THR B 40 5.32 14.74 0.55
C THR B 40 4.37 14.74 1.75
N ALA B 41 4.09 15.93 2.29
CA ALA B 41 3.12 16.00 3.38
C ALA B 41 1.74 15.51 2.95
N VAL B 42 1.36 15.76 1.70
CA VAL B 42 0.03 15.34 1.25
C VAL B 42 -0.03 13.82 1.18
N LYS B 43 1.01 13.17 0.64
CA LYS B 43 1.03 11.72 0.64
C LYS B 43 0.91 11.15 2.05
N ALA B 44 1.50 11.84 3.05
CA ALA B 44 1.47 11.33 4.40
C ALA B 44 0.11 11.59 5.06
N ILE B 45 -0.51 12.74 4.76
CA ILE B 45 -1.87 12.95 5.21
C ILE B 45 -2.78 11.88 4.61
N SER B 46 -2.66 11.65 3.29
CA SER B 46 -3.49 10.66 2.60
C SER B 46 -3.40 9.29 3.26
N SER B 47 -2.16 8.86 3.56
CA SER B 47 -1.96 7.57 4.22
C SER B 47 -2.68 7.53 5.57
N ALA B 48 -2.63 8.62 6.34
CA ALA B 48 -3.29 8.62 7.65
C ALA B 48 -4.80 8.68 7.49
N VAL B 49 -5.27 9.45 6.51
CA VAL B 49 -6.71 9.62 6.33
C VAL B 49 -7.35 8.30 5.90
N ARG B 50 -6.70 7.54 5.01
CA ARG B 50 -7.08 6.19 4.63
C ARG B 50 -6.87 5.18 5.74
N LYS B 51 -6.37 5.59 6.91
CA LYS B 51 -6.39 4.78 8.11
C LYS B 51 -5.36 3.65 8.08
N ALA B 52 -4.30 3.80 7.28
CA ALA B 52 -3.23 2.81 7.29
C ALA B 52 -2.63 2.74 8.69
N GLY B 53 -2.59 1.52 9.24
CA GLY B 53 -2.06 1.33 10.57
C GLY B 53 -3.06 1.43 11.71
N ILE B 54 -4.34 1.70 11.41
CA ILE B 54 -5.33 1.84 12.48
C ILE B 54 -5.48 0.56 13.30
N ALA B 55 -5.10 -0.59 12.75
CA ALA B 55 -5.10 -1.82 13.54
C ALA B 55 -4.28 -1.66 14.81
N HIS B 56 -3.17 -0.93 14.74
CA HIS B 56 -2.34 -0.72 15.93
C HIS B 56 -3.05 0.14 16.96
N LEU B 57 -3.85 1.12 16.53
CA LEU B 57 -4.64 1.90 17.48
C LEU B 57 -5.61 1.01 18.25
N TYR B 58 -6.18 0.01 17.57
CA TYR B 58 -7.15 -0.88 18.19
C TYR B 58 -6.52 -2.13 18.80
N GLY B 59 -5.19 -2.13 19.00
CA GLY B 59 -4.55 -3.13 19.83
C GLY B 59 -4.07 -4.39 19.15
N ILE B 60 -3.67 -4.31 17.89
CA ILE B 60 -3.21 -5.51 17.18
C ILE B 60 -1.95 -6.07 17.85
N ALA B 61 -1.07 -5.20 18.35
CA ALA B 61 0.18 -5.61 19.00
C ALA B 61 0.06 -5.66 20.52
N GLY B 62 -1.15 -5.58 21.07
CA GLY B 62 -1.36 -5.58 22.50
C GLY B 62 -2.03 -4.30 22.98
N SER B 63 -2.45 -4.35 24.25
CA SER B 63 -3.24 -3.30 24.90
C SER B 63 -2.66 -1.90 24.72
N THR B 64 -3.37 -1.06 23.95
CA THR B 64 -3.04 0.34 23.74
C THR B 64 -4.30 1.13 23.37
N VAL B 71 -3.62 8.11 19.43
CA VAL B 71 -2.29 8.74 19.48
C VAL B 71 -2.38 10.25 19.26
N LYS B 72 -3.06 10.67 18.20
CA LYS B 72 -3.10 12.06 17.77
C LYS B 72 -4.25 12.21 16.79
N LYS B 73 -5.09 13.22 17.01
CA LYS B 73 -6.19 13.49 16.09
C LYS B 73 -5.65 13.73 14.69
N LEU B 74 -6.46 13.38 13.69
CA LEU B 74 -6.09 13.54 12.30
C LEU B 74 -5.83 15.01 11.96
N ASP B 75 -6.64 15.90 12.54
CA ASP B 75 -6.44 17.33 12.46
C ASP B 75 -5.02 17.72 12.84
N VAL B 76 -4.64 17.35 14.05
CA VAL B 76 -3.35 17.78 14.57
C VAL B 76 -2.21 17.19 13.75
N LEU B 77 -2.27 15.88 13.49
CA LEU B 77 -1.19 15.24 12.73
C LEU B 77 -1.05 15.86 11.35
N SER B 78 -2.18 16.15 10.70
CA SER B 78 -2.11 16.74 9.38
C SER B 78 -1.43 18.10 9.41
N ASN B 79 -1.77 18.93 10.39
CA ASN B 79 -1.11 20.21 10.55
C ASN B 79 0.38 20.03 10.84
N ASP B 80 0.72 19.11 11.74
CA ASP B 80 2.12 18.83 12.02
C ASP B 80 2.87 18.43 10.77
N LEU B 81 2.22 17.68 9.88
CA LEU B 81 2.91 17.24 8.66
C LEU B 81 3.18 18.42 7.73
N VAL B 82 2.17 19.25 7.47
CA VAL B 82 2.39 20.42 6.63
C VAL B 82 3.40 21.36 7.27
N MET B 83 3.21 21.65 8.57
CA MET B 83 4.07 22.57 9.31
C MET B 83 5.52 22.15 9.19
N ASN B 84 5.82 20.90 9.57
CA ASN B 84 7.20 20.43 9.60
C ASN B 84 7.79 20.32 8.19
N MET B 85 7.02 19.90 7.19
CA MET B 85 7.62 19.77 5.87
C MET B 85 7.87 21.12 5.23
N LEU B 86 7.01 22.11 5.51
CA LEU B 86 7.23 23.44 4.95
C LEU B 86 8.40 24.13 5.66
N LYS B 87 8.50 23.96 6.97
CA LYS B 87 9.60 24.55 7.73
C LYS B 87 10.94 24.06 7.22
N SER B 88 11.03 22.76 6.94
CA SER B 88 12.28 22.11 6.56
C SER B 88 12.59 22.22 5.07
N SER B 89 11.63 22.69 4.27
CA SER B 89 11.90 23.02 2.88
C SER B 89 12.87 24.20 2.75
N PHE B 90 13.10 24.95 3.83
CA PHE B 90 13.90 26.17 3.78
C PHE B 90 13.35 27.19 2.78
N ALA B 91 12.07 27.08 2.40
CA ALA B 91 11.49 27.94 1.38
C ALA B 91 10.45 28.92 1.91
N THR B 92 10.19 28.92 3.21
CA THR B 92 9.09 29.69 3.76
C THR B 92 9.55 30.49 4.96
N CYS B 93 8.78 31.52 5.29
CA CYS B 93 9.12 32.33 6.45
C CYS B 93 7.92 32.53 7.38
N VAL B 94 6.71 32.54 6.83
CA VAL B 94 5.49 32.65 7.62
C VAL B 94 4.49 31.61 7.15
N LEU B 95 3.88 30.90 8.09
CA LEU B 95 2.93 29.85 7.79
C LEU B 95 1.65 30.09 8.58
N VAL B 96 0.51 30.14 7.88
CA VAL B 96 -0.79 30.35 8.51
C VAL B 96 -1.64 29.11 8.30
N SER B 97 -2.14 28.54 9.40
CA SER B 97 -2.91 27.32 9.34
C SER B 97 -4.25 27.51 10.04
N GLU B 98 -5.30 26.94 9.45
CA GLU B 98 -6.60 26.85 10.12
C GLU B 98 -6.47 26.31 11.55
N GLU B 99 -5.49 25.44 11.80
CA GLU B 99 -5.30 24.81 13.10
C GLU B 99 -4.69 25.72 14.15
N ASP B 100 -4.02 26.80 13.76
CA ASP B 100 -3.22 27.58 14.69
C ASP B 100 -3.77 29.00 14.87
N LYS B 101 -3.95 29.40 16.13
CA LYS B 101 -4.53 30.70 16.42
C LYS B 101 -3.71 31.81 15.78
N HIS B 102 -2.39 31.70 15.84
CA HIS B 102 -1.49 32.72 15.32
C HIS B 102 -0.65 32.19 14.17
N ALA B 103 -0.23 33.10 13.30
CA ALA B 103 0.68 32.73 12.24
C ALA B 103 1.97 32.22 12.85
N ILE B 104 2.51 31.15 12.27
CA ILE B 104 3.78 30.58 12.70
C ILE B 104 4.92 31.26 11.94
N ILE B 105 5.91 31.76 12.68
CA ILE B 105 7.06 32.43 12.10
C ILE B 105 8.21 31.42 12.06
N VAL B 106 8.75 31.17 10.87
CA VAL B 106 9.76 30.13 10.68
C VAL B 106 11.08 30.57 11.30
N GLU B 107 11.80 29.61 11.89
CA GLU B 107 13.09 29.88 12.51
C GLU B 107 14.01 30.57 11.50
N PRO B 108 14.73 31.62 11.92
CA PRO B 108 15.60 32.36 10.96
C PRO B 108 16.47 31.48 10.07
N GLU B 109 17.09 30.45 10.63
CA GLU B 109 18.03 29.57 9.92
C GLU B 109 17.35 28.67 8.90
N LYS B 110 16.02 28.63 8.85
CA LYS B 110 15.32 27.86 7.82
C LYS B 110 14.35 28.74 7.04
N ARG B 111 14.65 30.05 6.96
CA ARG B 111 13.72 30.99 6.33
C ARG B 111 13.99 31.09 4.85
N GLY B 112 12.91 30.98 4.06
CA GLY B 112 12.94 31.32 2.65
C GLY B 112 11.93 32.41 2.32
N LYS B 113 11.68 32.60 1.03
CA LYS B 113 10.95 33.70 0.43
C LYS B 113 9.43 33.59 0.53
N TYR B 114 8.90 32.43 0.88
CA TYR B 114 7.48 32.16 0.64
C TYR B 114 6.63 32.20 1.90
N VAL B 115 5.42 32.73 1.74
CA VAL B 115 4.39 32.72 2.77
C VAL B 115 3.31 31.75 2.34
N VAL B 116 2.90 30.86 3.25
CA VAL B 116 1.96 29.78 2.93
C VAL B 116 0.80 29.79 3.91
N CYS B 117 -0.41 29.83 3.37
CA CYS B 117 -1.66 29.77 4.13
C CYS B 117 -2.40 28.49 3.74
N PHE B 118 -2.79 27.70 4.73
CA PHE B 118 -3.33 26.39 4.40
C PHE B 118 -4.37 25.96 5.43
N ASP B 119 -5.35 25.17 4.95
CA ASP B 119 -6.14 24.33 5.82
C ASP B 119 -5.56 22.93 5.66
N PRO B 120 -4.97 22.34 6.70
CA PRO B 120 -4.30 21.04 6.50
C PRO B 120 -5.26 19.89 6.30
N LEU B 121 -6.42 19.88 6.99
CA LEU B 121 -7.44 18.83 6.82
C LEU B 121 -8.82 19.49 6.83
N ASP B 122 -9.20 20.02 5.68
CA ASP B 122 -10.51 20.66 5.52
C ASP B 122 -11.59 19.61 5.62
N GLY B 123 -12.41 19.69 6.66
CA GLY B 123 -13.62 18.88 6.72
C GLY B 123 -13.63 17.87 7.82
N SER B 124 -12.96 18.16 8.94
CA SER B 124 -12.99 17.26 10.09
C SER B 124 -14.34 17.17 10.78
N SER B 125 -15.28 18.04 10.45
CA SER B 125 -16.68 17.85 10.84
C SER B 125 -17.41 16.83 9.92
N ASN B 126 -16.57 16.16 9.13
CA ASN B 126 -17.00 15.15 8.18
C ASN B 126 -16.10 13.92 8.22
N ILE B 127 -15.18 13.84 9.19
CA ILE B 127 -14.27 12.70 9.28
C ILE B 127 -15.02 11.45 9.75
N ASP B 128 -15.93 11.61 10.74
CA ASP B 128 -16.65 10.48 11.30
C ASP B 128 -17.55 9.83 10.25
N CYS B 129 -18.24 10.64 9.45
CA CYS B 129 -19.04 10.07 8.38
C CYS B 129 -18.21 9.68 7.16
N LEU B 130 -16.89 9.83 7.21
CA LEU B 130 -15.96 9.30 6.21
C LEU B 130 -16.08 9.97 4.86
N VAL B 131 -16.67 11.16 4.76
CA VAL B 131 -16.76 11.76 3.43
C VAL B 131 -15.47 12.48 3.12
N SER B 132 -15.34 12.93 1.88
CA SER B 132 -14.13 13.60 1.42
C SER B 132 -13.62 14.62 2.41
N VAL B 133 -12.34 14.52 2.73
CA VAL B 133 -11.60 15.61 3.35
C VAL B 133 -10.54 16.09 2.35
N GLY B 134 -9.84 17.17 2.71
CA GLY B 134 -8.90 17.80 1.80
C GLY B 134 -7.96 18.76 2.49
N THR B 135 -6.91 19.14 1.76
CA THR B 135 -5.94 20.14 2.18
C THR B 135 -5.96 21.29 1.18
N ILE B 136 -6.20 22.51 1.63
CA ILE B 136 -6.16 23.68 0.76
C ILE B 136 -4.93 24.50 1.10
N PHE B 137 -4.33 25.14 0.09
CA PHE B 137 -3.10 25.91 0.29
C PHE B 137 -3.02 27.05 -0.73
N GLY B 138 -2.51 28.19 -0.26
CA GLY B 138 -2.13 29.28 -1.14
C GLY B 138 -0.73 29.75 -0.82
N ILE B 139 0.04 30.03 -1.87
CA ILE B 139 1.46 30.36 -1.73
C ILE B 139 1.69 31.79 -2.22
N TYR B 140 2.20 32.64 -1.33
CA TYR B 140 2.59 34.01 -1.66
C TYR B 140 4.10 34.20 -1.58
N ARG B 141 4.62 35.03 -2.46
CA ARG B 141 5.91 35.63 -2.22
C ARG B 141 5.78 36.63 -1.08
N LYS B 142 6.66 36.52 -0.09
CA LYS B 142 6.70 37.54 0.96
C LYS B 142 6.97 38.90 0.33
N LYS B 143 6.16 39.89 0.69
CA LYS B 143 6.15 41.13 -0.07
C LYS B 143 6.88 42.25 0.65
N SER B 144 6.66 42.36 1.95
CA SER B 144 7.36 43.32 2.79
C SER B 144 8.79 42.86 3.12
N THR B 145 9.67 43.82 3.34
CA THR B 145 11.02 43.53 3.83
C THR B 145 11.12 43.53 5.35
N ASP B 146 10.02 43.73 6.06
CA ASP B 146 10.07 43.74 7.52
C ASP B 146 10.46 42.36 8.05
N GLU B 147 10.82 42.32 9.32
CA GLU B 147 10.92 41.06 10.03
C GLU B 147 9.63 40.26 9.83
N PRO B 148 9.72 38.97 9.52
CA PRO B 148 8.53 38.18 9.20
C PRO B 148 7.51 38.22 10.34
N SER B 149 6.24 38.32 9.96
CA SER B 149 5.17 38.43 10.94
C SER B 149 3.85 38.13 10.26
N GLU B 150 2.77 38.21 11.04
CA GLU B 150 1.43 37.89 10.53
C GLU B 150 1.07 38.75 9.33
N LYS B 151 1.50 40.02 9.33
CA LYS B 151 1.18 40.94 8.24
C LYS B 151 1.56 40.38 6.87
N ASP B 152 2.57 39.50 6.83
CA ASP B 152 3.03 38.93 5.55
C ASP B 152 2.01 37.99 4.94
N ALA B 153 1.08 37.48 5.74
CA ALA B 153 0.01 36.62 5.26
C ALA B 153 -1.21 37.40 4.80
N LEU B 154 -1.21 38.72 4.94
CA LEU B 154 -2.41 39.51 4.64
C LEU B 154 -2.42 40.05 3.22
N GLN B 155 -1.94 39.33 2.29
CA GLN B 155 -1.99 39.85 0.95
C GLN B 155 -3.27 39.41 0.24
N PRO B 156 -3.81 40.23 -0.66
CA PRO B 156 -4.97 39.80 -1.44
C PRO B 156 -4.59 38.64 -2.34
N GLY B 157 -5.59 37.78 -2.60
CA GLY B 157 -5.37 36.58 -3.41
C GLY B 157 -4.84 36.85 -4.80
N ARG B 158 -5.08 38.06 -5.33
CA ARG B 158 -4.43 38.50 -6.57
C ARG B 158 -2.92 38.29 -6.54
N ASN B 159 -2.31 38.35 -5.37
CA ASN B 159 -0.85 38.25 -5.25
C ASN B 159 -0.35 36.81 -5.22
N LEU B 160 -1.23 35.82 -5.31
CA LEU B 160 -0.82 34.42 -5.19
C LEU B 160 0.12 34.04 -6.34
N VAL B 161 1.17 33.30 -6.00
CA VAL B 161 2.01 32.72 -7.03
C VAL B 161 1.62 31.28 -7.32
N ALA B 162 0.97 30.59 -6.39
CA ALA B 162 0.50 29.23 -6.61
C ALA B 162 -0.51 28.90 -5.54
N ALA B 163 -1.47 28.05 -5.90
CA ALA B 163 -2.52 27.66 -4.99
C ALA B 163 -3.14 26.37 -5.50
N GLY B 164 -3.81 25.67 -4.59
CA GLY B 164 -4.49 24.46 -5.00
C GLY B 164 -4.96 23.68 -3.78
N TYR B 165 -5.29 22.42 -4.02
CA TYR B 165 -5.76 21.56 -2.96
C TYR B 165 -5.45 20.11 -3.28
N ALA B 166 -5.54 19.30 -2.24
CA ALA B 166 -5.51 17.86 -2.35
C ALA B 166 -6.87 17.36 -1.87
N LEU B 167 -7.49 16.50 -2.66
CA LEU B 167 -8.77 15.91 -2.34
C LEU B 167 -8.53 14.45 -1.96
N TYR B 168 -8.85 14.10 -0.72
CA TYR B 168 -8.81 12.68 -0.29
C TYR B 168 -10.23 12.12 -0.40
N GLY B 169 -10.58 11.69 -1.62
CA GLY B 169 -11.92 11.18 -1.91
C GLY B 169 -11.85 9.71 -2.26
N SER B 170 -12.55 9.27 -3.32
CA SER B 170 -12.42 7.88 -3.71
C SER B 170 -10.99 7.56 -4.10
N ALA B 171 -10.32 8.52 -4.70
CA ALA B 171 -8.87 8.54 -4.86
C ALA B 171 -8.36 9.89 -4.37
N THR B 172 -7.05 10.02 -4.30
CA THR B 172 -6.41 11.25 -3.85
C THR B 172 -5.91 12.03 -5.06
N MET B 173 -6.46 13.22 -5.26
CA MET B 173 -6.04 14.08 -6.35
C MET B 173 -5.36 15.33 -5.81
N LEU B 174 -4.44 15.89 -6.58
CA LEU B 174 -3.88 17.19 -6.28
C LEU B 174 -4.17 18.12 -7.44
N VAL B 175 -4.75 19.27 -7.13
CA VAL B 175 -4.99 20.32 -8.10
C VAL B 175 -4.03 21.47 -7.80
N LEU B 176 -3.25 21.88 -8.79
CA LEU B 176 -2.22 22.90 -8.61
C LEU B 176 -2.44 24.00 -9.62
N ALA B 177 -2.71 25.21 -9.14
CA ALA B 177 -2.85 26.38 -9.99
C ALA B 177 -1.63 27.29 -9.87
N MET B 178 -1.10 27.71 -11.01
CA MET B 178 -0.13 28.81 -11.08
C MET B 178 -0.60 29.79 -12.15
N ASP B 179 0.20 30.82 -12.46
CA ASP B 179 -0.31 31.86 -13.36
C ASP B 179 -0.59 31.31 -14.76
N CYS B 180 0.09 30.22 -15.15
CA CYS B 180 -0.12 29.64 -16.47
C CYS B 180 -1.39 28.82 -16.57
N GLY B 181 -1.87 28.26 -15.47
CA GLY B 181 -3.10 27.50 -15.50
C GLY B 181 -3.15 26.44 -14.42
N VAL B 182 -4.10 25.52 -14.60
CA VAL B 182 -4.45 24.52 -13.59
C VAL B 182 -4.09 23.14 -14.15
N ASN B 183 -3.43 22.33 -13.32
CA ASN B 183 -3.17 20.94 -13.67
C ASN B 183 -3.68 20.03 -12.55
N CYS B 184 -4.12 18.83 -12.92
CA CYS B 184 -4.63 17.84 -11.98
C CYS B 184 -3.73 16.60 -11.98
N PHE B 185 -3.33 16.19 -10.79
CA PHE B 185 -2.47 15.04 -10.59
C PHE B 185 -3.23 13.99 -9.76
N MET B 186 -3.19 12.75 -10.21
CA MET B 186 -3.71 11.60 -9.46
C MET B 186 -2.59 10.94 -8.66
N LEU B 187 -2.82 10.74 -7.37
CA LEU B 187 -1.88 9.96 -6.58
C LEU B 187 -2.04 8.49 -6.92
N ASP B 188 -0.97 7.86 -7.41
CA ASP B 188 -0.91 6.41 -7.50
C ASP B 188 -0.32 5.90 -6.20
N PRO B 189 -1.14 5.37 -5.29
CA PRO B 189 -0.62 4.96 -3.98
C PRO B 189 0.26 3.73 -4.02
N ALA B 190 0.31 3.01 -5.15
CA ALA B 190 1.23 1.88 -5.24
C ALA B 190 2.68 2.34 -5.26
N ILE B 191 2.94 3.57 -5.76
CA ILE B 191 4.32 4.04 -5.93
C ILE B 191 4.54 5.37 -5.23
N GLY B 192 3.46 5.99 -4.73
CA GLY B 192 3.63 7.24 -4.03
C GLY B 192 4.15 8.33 -4.95
N GLU B 193 3.43 8.51 -6.05
CA GLU B 193 3.80 9.42 -7.11
C GLU B 193 2.54 10.12 -7.57
N PHE B 194 2.61 11.44 -7.76
CA PHE B 194 1.46 12.20 -8.26
C PHE B 194 1.58 12.25 -9.78
N ILE B 195 0.63 11.61 -10.45
CA ILE B 195 0.66 11.39 -11.91
C ILE B 195 -0.19 12.47 -12.57
N LEU B 196 0.37 13.16 -13.56
CA LEU B 196 -0.40 14.16 -14.31
C LEU B 196 -1.49 13.49 -15.13
N VAL B 197 -2.73 13.85 -14.85
CA VAL B 197 -3.86 13.29 -15.59
C VAL B 197 -4.69 14.35 -16.30
N ASP B 198 -4.51 15.62 -16.00
CA ASP B 198 -5.30 16.66 -16.67
C ASP B 198 -4.44 17.90 -16.79
N LYS B 199 -4.02 18.22 -18.00
CA LYS B 199 -3.14 19.36 -18.22
C LYS B 199 -3.97 20.56 -18.62
N ASP B 200 -3.77 21.67 -17.93
CA ASP B 200 -4.35 22.96 -18.30
C ASP B 200 -5.88 22.90 -18.35
N VAL B 201 -6.48 22.49 -17.23
CA VAL B 201 -7.92 22.29 -17.22
C VAL B 201 -8.63 23.64 -17.24
N LYS B 202 -9.82 23.66 -17.85
CA LYS B 202 -10.67 24.83 -17.91
C LYS B 202 -12.09 24.44 -17.54
N ILE B 203 -12.75 25.28 -16.73
CA ILE B 203 -14.11 24.96 -16.32
C ILE B 203 -15.07 25.18 -17.49
N LYS B 204 -16.17 24.42 -17.50
CA LYS B 204 -17.21 24.65 -18.48
C LYS B 204 -17.68 26.10 -18.39
N LYS B 205 -18.01 26.67 -19.55
CA LYS B 205 -18.63 28.00 -19.57
C LYS B 205 -19.91 28.02 -18.75
N LYS B 206 -20.74 26.98 -18.84
CA LYS B 206 -21.98 26.93 -18.07
C LYS B 206 -22.26 25.51 -17.60
N GLY B 207 -22.70 25.39 -16.35
CA GLY B 207 -22.94 24.10 -15.73
C GLY B 207 -24.42 23.83 -15.54
N LYS B 208 -24.69 22.68 -14.91
CA LYS B 208 -26.07 22.30 -14.61
C LYS B 208 -26.21 21.82 -13.16
N ILE B 209 -25.27 22.19 -12.30
CA ILE B 209 -25.31 21.85 -10.90
C ILE B 209 -25.16 23.12 -10.08
N TYR B 210 -25.92 23.23 -9.01
CA TYR B 210 -25.69 24.26 -8.01
C TYR B 210 -25.47 23.59 -6.67
N SER B 211 -24.56 24.17 -5.90
CA SER B 211 -24.06 23.57 -4.67
C SER B 211 -24.05 24.61 -3.56
N LEU B 212 -24.92 24.42 -2.56
CA LEU B 212 -24.90 25.22 -1.35
C LEU B 212 -25.77 24.55 -0.31
N ASN B 213 -25.48 24.82 0.96
CA ASN B 213 -26.31 24.38 2.09
C ASN B 213 -27.62 25.17 2.10
N GLU B 214 -28.68 24.57 1.56
CA GLU B 214 -29.98 25.23 1.52
C GLU B 214 -30.66 25.28 2.89
N GLY B 215 -30.08 24.66 3.91
CA GLY B 215 -30.64 24.76 5.25
C GLY B 215 -30.59 26.14 5.87
N TYR B 216 -29.86 27.08 5.27
CA TYR B 216 -29.84 28.45 5.74
C TYR B 216 -30.88 29.31 5.06
N ALA B 217 -31.81 28.69 4.32
CA ALA B 217 -32.76 29.43 3.49
C ALA B 217 -33.45 30.54 4.27
N LYS B 218 -33.73 30.32 5.56
CA LYS B 218 -34.40 31.33 6.37
C LYS B 218 -33.53 32.59 6.52
N ASP B 219 -32.21 32.43 6.48
CA ASP B 219 -31.29 33.53 6.71
C ASP B 219 -30.65 34.07 5.42
N PHE B 220 -31.15 33.67 4.25
CA PHE B 220 -30.50 34.11 3.01
C PHE B 220 -30.88 35.55 2.67
N ASP B 221 -29.99 36.21 1.94
CA ASP B 221 -30.30 37.46 1.28
C ASP B 221 -31.30 37.21 0.15
N PRO B 222 -32.11 38.20 -0.19
CA PRO B 222 -33.09 38.00 -1.28
C PRO B 222 -32.44 37.65 -2.60
N ALA B 223 -31.18 38.06 -2.80
CA ALA B 223 -30.46 37.74 -4.02
C ALA B 223 -30.20 36.25 -4.14
N VAL B 224 -29.52 35.68 -3.14
CA VAL B 224 -29.33 34.23 -3.08
C VAL B 224 -30.67 33.52 -3.24
N THR B 225 -31.69 33.99 -2.49
CA THR B 225 -33.04 33.40 -2.55
C THR B 225 -33.59 33.38 -3.98
N GLU B 226 -33.45 34.49 -4.71
CA GLU B 226 -33.97 34.50 -6.08
C GLU B 226 -33.12 33.62 -6.99
N TYR B 227 -31.79 33.68 -6.86
CA TYR B 227 -30.94 32.88 -7.75
C TYR B 227 -31.25 31.39 -7.62
N ILE B 228 -31.43 30.90 -6.38
CA ILE B 228 -31.75 29.49 -6.18
C ILE B 228 -33.07 29.15 -6.85
N GLN B 229 -34.07 30.02 -6.70
CA GLN B 229 -35.37 29.80 -7.34
C GLN B 229 -35.21 29.65 -8.85
N ARG B 230 -34.34 30.47 -9.46
CA ARG B 230 -34.11 30.33 -10.89
C ARG B 230 -33.54 28.96 -11.25
N LYS B 231 -32.79 28.35 -10.34
CA LYS B 231 -32.23 27.03 -10.62
C LYS B 231 -33.32 25.95 -10.56
N LYS B 232 -34.23 26.05 -9.59
CA LYS B 232 -35.28 25.06 -9.44
C LYS B 232 -36.44 25.27 -10.42
N PHE B 233 -36.79 26.53 -10.70
CA PHE B 233 -37.92 26.88 -11.57
C PHE B 233 -37.44 27.90 -12.60
N PRO B 234 -36.70 27.46 -13.61
CA PRO B 234 -36.09 28.41 -14.53
C PRO B 234 -37.13 29.21 -15.29
N PRO B 235 -37.12 30.54 -15.16
CA PRO B 235 -38.08 31.35 -15.91
C PRO B 235 -38.05 31.05 -17.40
N ASP B 236 -36.88 30.72 -17.95
CA ASP B 236 -36.77 30.34 -19.35
C ASP B 236 -37.08 28.86 -19.53
N ASN B 237 -37.99 28.32 -18.70
CA ASN B 237 -38.61 27.00 -18.82
C ASN B 237 -37.70 25.83 -19.20
N SER B 238 -36.37 26.03 -19.21
CA SER B 238 -35.45 24.92 -19.45
C SER B 238 -35.36 24.04 -18.21
N ALA B 239 -34.60 22.96 -18.33
CA ALA B 239 -34.54 21.96 -17.26
C ALA B 239 -33.96 22.57 -15.99
N PRO B 240 -34.46 22.18 -14.83
CA PRO B 240 -33.83 22.60 -13.56
C PRO B 240 -32.44 22.00 -13.40
N TYR B 241 -31.60 22.76 -12.71
CA TYR B 241 -30.28 22.29 -12.32
C TYR B 241 -30.38 21.14 -11.33
N GLY B 242 -29.42 20.23 -11.38
CA GLY B 242 -29.24 19.32 -10.28
C GLY B 242 -28.60 20.02 -9.07
N ALA B 243 -28.83 19.45 -7.89
CA ALA B 243 -28.22 19.92 -6.64
C ALA B 243 -27.25 18.88 -6.10
N ARG B 244 -26.10 19.34 -5.61
CA ARG B 244 -25.13 18.51 -4.89
C ARG B 244 -24.50 19.35 -3.82
N TYR B 245 -24.31 18.78 -2.62
CA TYR B 245 -23.64 19.52 -1.55
C TYR B 245 -23.08 18.48 -0.57
N VAL B 246 -21.78 18.20 -0.69
CA VAL B 246 -21.09 17.31 0.23
C VAL B 246 -20.92 17.98 1.58
N GLY B 247 -20.84 19.31 1.60
CA GLY B 247 -20.52 19.99 2.83
C GLY B 247 -19.06 19.97 3.19
N SER B 248 -18.19 19.61 2.25
CA SER B 248 -16.75 19.69 2.42
C SER B 248 -16.22 20.47 1.21
N MET B 249 -15.63 21.63 1.47
CA MET B 249 -15.38 22.59 0.40
C MET B 249 -14.52 21.99 -0.71
N VAL B 250 -13.51 21.21 -0.34
CA VAL B 250 -12.65 20.66 -1.38
C VAL B 250 -13.43 19.75 -2.33
N ALA B 251 -14.34 18.93 -1.78
CA ALA B 251 -15.14 18.07 -2.65
C ALA B 251 -16.12 18.89 -3.49
N ASP B 252 -16.80 19.86 -2.89
CA ASP B 252 -17.76 20.64 -3.64
C ASP B 252 -17.08 21.49 -4.73
N VAL B 253 -15.94 22.11 -4.40
CA VAL B 253 -15.24 22.92 -5.39
C VAL B 253 -14.69 22.05 -6.51
N HIS B 254 -14.17 20.87 -6.16
CA HIS B 254 -13.59 20.00 -7.17
C HIS B 254 -14.62 19.53 -8.19
N ARG B 255 -15.82 19.14 -7.73
CA ARG B 255 -16.90 18.77 -8.65
C ARG B 255 -17.27 19.95 -9.55
N THR B 256 -17.33 21.16 -8.99
CA THR B 256 -17.60 22.34 -9.80
C THR B 256 -16.52 22.52 -10.86
N LEU B 257 -15.25 22.29 -10.52
CA LEU B 257 -14.19 22.37 -11.51
C LEU B 257 -14.41 21.37 -12.65
N VAL B 258 -14.61 20.09 -12.30
CA VAL B 258 -14.57 19.05 -13.32
C VAL B 258 -15.90 18.95 -14.08
N TYR B 259 -17.03 19.24 -13.42
CA TYR B 259 -18.33 19.13 -14.06
C TYR B 259 -18.97 20.48 -14.41
N GLY B 260 -18.47 21.58 -13.86
CA GLY B 260 -19.05 22.88 -14.10
C GLY B 260 -20.22 23.18 -13.18
N GLY B 261 -20.68 24.44 -13.24
CA GLY B 261 -21.74 24.90 -12.39
C GLY B 261 -21.26 25.95 -11.41
N ILE B 262 -21.93 26.02 -10.26
CA ILE B 262 -21.75 27.11 -9.31
C ILE B 262 -21.75 26.56 -7.89
N PHE B 263 -20.85 27.09 -7.05
CA PHE B 263 -20.81 26.77 -5.62
C PHE B 263 -20.98 28.05 -4.82
N LEU B 264 -21.85 28.01 -3.81
CA LEU B 264 -22.16 29.18 -3.00
C LEU B 264 -22.02 28.85 -1.52
N TYR B 265 -21.27 29.69 -0.81
CA TYR B 265 -21.35 29.80 0.65
C TYR B 265 -21.47 31.29 0.95
N PRO B 266 -22.65 31.85 0.75
CA PRO B 266 -22.82 33.28 0.94
C PRO B 266 -22.88 33.61 2.42
N ALA B 267 -22.85 34.90 2.71
CA ALA B 267 -23.19 35.33 4.06
C ALA B 267 -24.65 35.02 4.32
N ASN B 268 -24.99 34.95 5.61
CA ASN B 268 -26.37 34.87 6.02
C ASN B 268 -26.50 35.65 7.32
N LYS B 269 -27.75 35.88 7.76
CA LYS B 269 -28.01 36.78 8.88
C LYS B 269 -27.21 36.40 10.12
N LYS B 270 -26.97 35.11 10.34
CA LYS B 270 -26.21 34.67 11.51
C LYS B 270 -24.71 34.78 11.32
N SER B 271 -24.22 34.72 10.07
CA SER B 271 -22.80 34.81 9.74
C SER B 271 -22.64 35.92 8.70
N PRO B 272 -22.78 37.17 9.12
CA PRO B 272 -22.91 38.26 8.13
C PRO B 272 -21.63 38.56 7.35
N ASN B 273 -20.46 38.04 7.76
CA ASN B 273 -19.25 38.17 6.95
C ASN B 273 -18.98 36.91 6.13
N GLY B 274 -19.89 35.94 6.15
CA GLY B 274 -19.68 34.64 5.56
C GLY B 274 -19.20 33.62 6.57
N LYS B 275 -19.16 32.36 6.12
CA LYS B 275 -18.66 31.24 6.92
C LYS B 275 -17.24 30.84 6.58
N LEU B 276 -16.94 30.61 5.30
CA LEU B 276 -15.62 30.09 4.92
C LEU B 276 -14.53 31.13 5.20
N ARG B 277 -13.28 30.67 5.21
CA ARG B 277 -12.17 31.55 5.59
C ARG B 277 -11.45 32.09 4.36
N LEU B 278 -11.11 33.37 4.41
CA LEU B 278 -10.59 34.02 3.21
C LEU B 278 -9.19 33.52 2.85
N LEU B 279 -8.29 33.43 3.85
CA LEU B 279 -6.88 33.25 3.54
C LEU B 279 -6.59 31.86 2.95
N TYR B 280 -7.18 30.81 3.52
CA TYR B 280 -6.84 29.43 3.19
C TYR B 280 -8.01 28.58 2.71
N GLU B 281 -9.20 29.16 2.47
CA GLU B 281 -10.27 28.44 1.78
C GLU B 281 -10.72 29.19 0.53
N CYS B 282 -11.19 30.44 0.66
CA CYS B 282 -11.74 31.17 -0.48
C CYS B 282 -10.68 31.60 -1.46
N ASN B 283 -9.59 32.20 -0.97
CA ASN B 283 -8.56 32.69 -1.89
C ASN B 283 -7.97 31.57 -2.74
N PRO B 284 -7.50 30.44 -2.17
CA PRO B 284 -6.99 29.38 -3.06
C PRO B 284 -8.03 28.89 -4.05
N MET B 285 -9.24 28.61 -3.59
CA MET B 285 -10.27 28.15 -4.49
C MET B 285 -10.59 29.19 -5.56
N ALA B 286 -10.59 30.47 -5.19
CA ALA B 286 -10.82 31.54 -6.18
C ALA B 286 -9.70 31.55 -7.21
N TYR B 287 -8.48 31.27 -6.77
CA TYR B 287 -7.34 31.30 -7.66
C TYR B 287 -7.39 30.14 -8.65
N VAL B 288 -7.63 28.93 -8.15
CA VAL B 288 -7.84 27.79 -9.05
C VAL B 288 -8.96 28.09 -10.05
N MET B 289 -10.07 28.68 -9.56
CA MET B 289 -11.22 28.94 -10.41
C MET B 289 -10.87 29.93 -11.53
N GLU B 290 -10.25 31.06 -11.16
CA GLU B 290 -9.91 32.06 -12.18
C GLU B 290 -8.87 31.53 -13.16
N LYS B 291 -7.87 30.80 -12.67
CA LYS B 291 -6.85 30.26 -13.56
C LYS B 291 -7.40 29.17 -14.48
N ALA B 292 -8.57 28.62 -14.16
CA ALA B 292 -9.24 27.63 -15.00
C ALA B 292 -10.39 28.24 -15.81
N GLY B 293 -10.47 29.57 -15.89
CA GLY B 293 -11.45 30.22 -16.73
C GLY B 293 -12.78 30.49 -16.08
N GLY B 294 -12.86 30.39 -14.76
CA GLY B 294 -14.09 30.59 -14.04
C GLY B 294 -14.07 31.88 -13.26
N MET B 295 -15.01 31.99 -12.33
CA MET B 295 -15.14 33.20 -11.54
C MET B 295 -15.28 32.87 -10.07
N ALA B 296 -15.03 33.88 -9.24
CA ALA B 296 -15.19 33.74 -7.80
C ALA B 296 -15.40 35.13 -7.22
N THR B 297 -16.56 35.35 -6.61
CA THR B 297 -16.97 36.69 -6.21
C THR B 297 -17.54 36.66 -4.79
N THR B 298 -17.49 37.82 -4.13
CA THR B 298 -18.29 38.02 -2.93
C THR B 298 -19.68 38.59 -3.24
N GLY B 299 -19.91 39.00 -4.49
CA GLY B 299 -21.07 39.81 -4.84
C GLY B 299 -20.66 41.26 -5.01
N LYS B 300 -19.82 41.75 -4.10
CA LYS B 300 -19.29 43.12 -4.18
C LYS B 300 -18.06 43.18 -5.07
N GLU B 301 -17.18 42.18 -4.99
CA GLU B 301 -15.90 42.22 -5.67
C GLU B 301 -15.44 40.79 -5.95
N ALA B 302 -14.36 40.68 -6.73
CA ALA B 302 -13.65 39.42 -6.87
C ALA B 302 -13.02 39.04 -5.54
N VAL B 303 -13.17 37.76 -5.15
CA VAL B 303 -12.57 37.26 -3.90
C VAL B 303 -11.09 37.63 -3.84
N LEU B 304 -10.37 37.44 -4.96
CA LEU B 304 -8.94 37.70 -4.97
C LEU B 304 -8.60 39.17 -4.73
N ASP B 305 -9.57 40.08 -4.85
CA ASP B 305 -9.32 41.51 -4.63
C ASP B 305 -9.65 41.97 -3.21
N VAL B 306 -10.22 41.12 -2.37
CA VAL B 306 -10.43 41.48 -0.98
C VAL B 306 -9.06 41.65 -0.32
N ILE B 307 -8.88 42.73 0.43
CA ILE B 307 -7.63 42.97 1.15
C ILE B 307 -7.82 42.46 2.58
N PRO B 308 -7.22 41.33 2.95
CA PRO B 308 -7.42 40.81 4.29
C PRO B 308 -6.84 41.76 5.34
N THR B 309 -7.47 41.73 6.53
CA THR B 309 -6.93 42.41 7.70
C THR B 309 -6.67 41.47 8.87
N ASP B 310 -7.27 40.27 8.87
CA ASP B 310 -7.11 39.29 9.94
C ASP B 310 -6.97 37.92 9.32
N ILE B 311 -6.02 37.14 9.84
CA ILE B 311 -5.62 35.89 9.19
C ILE B 311 -6.76 34.85 9.19
N HIS B 312 -7.66 34.90 10.18
CA HIS B 312 -8.76 33.95 10.22
C HIS B 312 -10.07 34.58 9.80
N GLN B 313 -10.04 35.74 9.15
CA GLN B 313 -11.29 36.39 8.77
C GLN B 313 -12.04 35.57 7.75
N ARG B 314 -13.36 35.74 7.74
CA ARG B 314 -14.22 34.99 6.85
C ARG B 314 -14.66 35.85 5.68
N ALA B 315 -15.09 35.19 4.60
CA ALA B 315 -15.58 35.85 3.40
C ALA B 315 -16.73 35.08 2.75
N PRO B 316 -17.73 35.76 2.22
CA PRO B 316 -18.67 35.07 1.32
C PRO B 316 -17.96 34.63 0.06
N VAL B 317 -18.52 33.62 -0.60
CA VAL B 317 -17.96 33.16 -1.88
C VAL B 317 -19.07 32.55 -2.75
N ILE B 318 -18.98 32.81 -4.05
CA ILE B 318 -19.84 32.26 -5.09
C ILE B 318 -18.91 32.04 -6.27
N LEU B 319 -18.66 30.80 -6.65
CA LEU B 319 -17.61 30.53 -7.62
C LEU B 319 -18.09 29.45 -8.58
N GLY B 320 -17.37 29.32 -9.70
CA GLY B 320 -17.68 28.28 -10.64
C GLY B 320 -17.71 28.75 -12.08
N SER B 321 -18.56 28.11 -12.88
CA SER B 321 -18.63 28.38 -14.32
C SER B 321 -18.96 29.85 -14.58
N PRO B 322 -18.26 30.52 -15.50
CA PRO B 322 -18.44 31.98 -15.65
C PRO B 322 -19.87 32.40 -15.94
N ASP B 323 -20.55 31.68 -16.83
CA ASP B 323 -21.94 32.04 -17.12
C ASP B 323 -22.81 31.94 -15.87
N ASP B 324 -22.55 30.95 -15.02
CA ASP B 324 -23.38 30.76 -13.84
C ASP B 324 -23.14 31.85 -12.81
N VAL B 325 -21.86 32.22 -12.59
CA VAL B 325 -21.55 33.28 -11.64
C VAL B 325 -22.05 34.62 -12.16
N LEU B 326 -21.93 34.85 -13.47
CA LEU B 326 -22.43 36.10 -14.04
C LEU B 326 -23.94 36.21 -13.86
N GLU B 327 -24.67 35.10 -14.07
CA GLU B 327 -26.11 35.08 -13.80
C GLU B 327 -26.40 35.50 -12.36
N PHE B 328 -25.73 34.85 -11.40
CA PHE B 328 -25.93 35.22 -10.00
C PHE B 328 -25.69 36.71 -9.81
N LEU B 329 -24.64 37.24 -10.43
CA LEU B 329 -24.30 38.66 -10.26
C LEU B 329 -25.38 39.54 -10.86
N LYS B 330 -25.97 39.12 -11.98
CA LYS B 330 -27.13 39.82 -12.50
C LYS B 330 -28.27 39.85 -11.49
N VAL B 331 -28.52 38.73 -10.79
CA VAL B 331 -29.50 38.71 -9.71
C VAL B 331 -29.05 39.58 -8.55
N TYR B 332 -27.73 39.60 -8.27
CA TYR B 332 -27.25 40.37 -7.13
C TYR B 332 -27.41 41.87 -7.37
N GLU B 333 -27.15 42.31 -8.61
CA GLU B 333 -27.22 43.74 -8.90
C GLU B 333 -28.67 44.23 -8.85
N LYS B 334 -29.61 43.42 -9.31
CA LYS B 334 -31.01 43.79 -9.18
C LYS B 334 -31.40 44.09 -7.73
N HIS B 335 -30.74 43.46 -6.77
CA HIS B 335 -31.14 43.57 -5.38
C HIS B 335 -30.31 44.57 -4.58
N SER B 336 -29.48 45.38 -5.23
CA SER B 336 -28.66 46.32 -4.47
C SER B 336 -28.95 47.78 -4.87
N ASP C 10 -9.58 -21.50 -10.66
CA ASP C 10 -10.29 -20.53 -9.83
C ASP C 10 -9.47 -20.05 -8.65
N VAL C 11 -9.55 -18.74 -8.39
CA VAL C 11 -8.70 -18.12 -7.39
C VAL C 11 -9.09 -18.61 -6.00
N ASN C 12 -8.09 -18.78 -5.12
CA ASN C 12 -8.40 -19.01 -3.72
C ASN C 12 -7.45 -18.21 -2.84
N THR C 13 -7.92 -17.92 -1.62
CA THR C 13 -7.17 -17.23 -0.60
C THR C 13 -6.93 -18.18 0.57
N LEU C 14 -5.87 -17.89 1.35
CA LEU C 14 -5.55 -18.71 2.52
C LEU C 14 -6.78 -18.95 3.38
N THR C 15 -7.47 -17.87 3.75
CA THR C 15 -8.58 -17.97 4.69
C THR C 15 -9.74 -18.76 4.09
N ARG C 16 -10.06 -18.53 2.81
CA ARG C 16 -11.12 -19.31 2.19
C ARG C 16 -10.72 -20.77 2.11
N PHE C 17 -9.50 -21.04 1.67
CA PHE C 17 -9.02 -22.41 1.50
C PHE C 17 -9.04 -23.17 2.82
N VAL C 18 -8.52 -22.57 3.89
CA VAL C 18 -8.49 -23.26 5.17
C VAL C 18 -9.91 -23.44 5.70
N MET C 19 -10.82 -22.52 5.37
CA MET C 19 -12.19 -22.60 5.85
C MET C 19 -12.94 -23.77 5.19
N GLU C 20 -12.79 -23.97 3.88
CA GLU C 20 -13.48 -25.07 3.22
C GLU C 20 -12.85 -26.42 3.58
N GLU C 21 -11.51 -26.46 3.65
CA GLU C 21 -10.83 -27.68 4.08
C GLU C 21 -11.16 -28.02 5.54
N GLY C 22 -11.41 -27.01 6.37
CA GLY C 22 -11.84 -27.29 7.73
C GLY C 22 -13.26 -27.79 7.80
N ARG C 23 -14.17 -27.14 7.06
CA ARG C 23 -15.57 -27.58 7.02
C ARG C 23 -15.68 -29.00 6.48
N LYS C 24 -14.84 -29.36 5.51
CA LYS C 24 -14.86 -30.72 4.96
C LYS C 24 -14.47 -31.75 6.01
N ALA C 25 -13.51 -31.43 6.87
CA ALA C 25 -13.04 -32.37 7.88
C ALA C 25 -13.87 -32.33 9.16
N ARG C 26 -14.87 -31.45 9.22
CA ARG C 26 -15.83 -31.42 10.33
C ARG C 26 -15.14 -31.17 11.67
N GLY C 27 -14.12 -30.30 11.68
CA GLY C 27 -13.48 -29.90 12.92
C GLY C 27 -14.22 -28.74 13.59
N THR C 28 -13.65 -28.27 14.71
CA THR C 28 -14.40 -27.29 15.49
C THR C 28 -14.26 -25.86 14.99
N GLY C 29 -13.40 -25.60 13.99
CA GLY C 29 -13.09 -24.26 13.56
C GLY C 29 -11.90 -23.63 14.25
N GLU C 30 -11.41 -24.25 15.32
CA GLU C 30 -10.37 -23.66 16.14
C GLU C 30 -9.10 -23.41 15.35
N LEU C 31 -8.62 -24.42 14.62
CA LEU C 31 -7.41 -24.29 13.83
C LEU C 31 -7.55 -23.20 12.75
N THR C 32 -8.71 -23.13 12.11
CA THR C 32 -8.99 -22.05 11.18
C THR C 32 -8.88 -20.70 11.86
N GLN C 33 -9.41 -20.58 13.09
CA GLN C 33 -9.28 -19.34 13.86
C GLN C 33 -7.82 -18.99 14.11
N LEU C 34 -7.05 -19.96 14.59
CA LEU C 34 -5.64 -19.76 14.86
C LEU C 34 -4.91 -19.24 13.63
N LEU C 35 -5.09 -19.92 12.50
CA LEU C 35 -4.33 -19.56 11.31
C LEU C 35 -4.73 -18.19 10.79
N ASN C 36 -6.01 -17.85 10.88
CA ASN C 36 -6.44 -16.53 10.43
C ASN C 36 -5.85 -15.44 11.34
N SER C 37 -5.87 -15.64 12.66
CA SER C 37 -5.16 -14.73 13.55
C SER C 37 -3.68 -14.66 13.20
N LEU C 38 -3.07 -15.81 12.91
CA LEU C 38 -1.66 -15.82 12.52
C LEU C 38 -1.44 -15.03 11.24
N CYS C 39 -2.33 -15.20 10.26
CA CYS C 39 -2.22 -14.45 9.00
C CYS C 39 -2.23 -12.96 9.25
N THR C 40 -3.13 -12.50 10.11
CA THR C 40 -3.19 -11.07 10.41
C THR C 40 -1.87 -10.58 11.00
N ALA C 41 -1.31 -11.32 11.95
CA ALA C 41 0.01 -10.97 12.48
C ALA C 41 1.04 -10.89 11.38
N VAL C 42 1.05 -11.88 10.47
CA VAL C 42 2.10 -11.93 9.45
C VAL C 42 2.04 -10.72 8.54
N LYS C 43 0.82 -10.32 8.14
CA LYS C 43 0.68 -9.14 7.30
C LYS C 43 1.14 -7.87 8.02
N ALA C 44 0.91 -7.80 9.33
CA ALA C 44 1.37 -6.65 10.09
C ALA C 44 2.87 -6.68 10.29
N ILE C 45 3.46 -7.87 10.43
CA ILE C 45 4.93 -7.97 10.49
C ILE C 45 5.52 -7.52 9.17
N SER C 46 5.00 -8.07 8.07
CA SER C 46 5.44 -7.70 6.73
C SER C 46 5.42 -6.19 6.53
N SER C 47 4.31 -5.54 6.91
CA SER C 47 4.20 -4.09 6.76
C SER C 47 5.32 -3.37 7.50
N ALA C 48 5.63 -3.79 8.73
CA ALA C 48 6.72 -3.19 9.48
C ALA C 48 8.09 -3.52 8.88
N VAL C 49 8.28 -4.74 8.40
CA VAL C 49 9.56 -5.09 7.78
C VAL C 49 9.79 -4.31 6.51
N ARG C 50 8.74 -4.09 5.70
CA ARG C 50 8.93 -3.27 4.52
C ARG C 50 9.12 -1.79 4.84
N LYS C 51 8.98 -1.41 6.12
CA LYS C 51 9.29 -0.09 6.67
C LYS C 51 8.21 0.93 6.34
N ALA C 52 6.97 0.48 6.21
CA ALA C 52 5.83 1.39 6.11
C ALA C 52 5.82 2.31 7.33
N GLY C 53 5.64 3.60 7.11
CA GLY C 53 5.65 4.55 8.20
C GLY C 53 7.01 4.86 8.78
N ILE C 54 8.10 4.44 8.12
CA ILE C 54 9.44 4.75 8.61
C ILE C 54 9.70 6.25 8.63
N ALA C 55 9.00 7.00 7.77
CA ALA C 55 9.19 8.46 7.69
C ALA C 55 8.81 9.15 9.00
N HIS C 56 7.84 8.59 9.74
CA HIS C 56 7.43 9.18 11.02
C HIS C 56 8.51 8.97 12.08
N LEU C 57 9.15 7.80 12.07
CA LEU C 57 10.30 7.59 12.94
C LEU C 57 11.37 8.65 12.71
N TYR C 58 11.46 9.18 11.48
CA TYR C 58 12.50 10.13 11.15
C TYR C 58 12.01 11.57 11.16
N GLY C 59 10.92 11.86 11.84
CA GLY C 59 10.51 13.24 12.08
C GLY C 59 9.77 13.92 10.96
N ILE C 60 9.09 13.15 10.09
CA ILE C 60 8.28 13.76 9.04
C ILE C 60 7.22 14.68 9.63
N ALA C 61 6.69 14.36 10.80
CA ALA C 61 5.70 15.20 11.45
C ALA C 61 6.27 15.95 12.65
N GLY C 62 7.59 15.98 12.80
CA GLY C 62 8.25 16.48 14.00
C GLY C 62 8.47 15.38 15.03
N VAL C 71 8.44 2.68 18.92
CA VAL C 71 9.72 2.84 19.60
C VAL C 71 10.43 1.49 19.68
N LYS C 72 9.68 0.41 19.44
CA LYS C 72 10.22 -0.95 19.47
C LYS C 72 11.03 -1.26 18.22
N LYS C 73 12.03 -2.11 18.38
CA LYS C 73 12.66 -2.71 17.23
C LYS C 73 11.77 -3.82 16.67
N LEU C 74 12.12 -4.30 15.48
CA LEU C 74 11.21 -5.16 14.73
C LEU C 74 10.93 -6.47 15.47
N ASP C 75 11.95 -7.06 16.09
CA ASP C 75 11.73 -8.39 16.66
C ASP C 75 10.84 -8.33 17.90
N VAL C 76 10.92 -7.26 18.68
CA VAL C 76 9.98 -7.14 19.79
C VAL C 76 8.58 -6.91 19.26
N LEU C 77 8.45 -6.02 18.27
CA LEU C 77 7.14 -5.75 17.69
C LEU C 77 6.51 -7.03 17.13
N SER C 78 7.31 -7.81 16.39
CA SER C 78 6.81 -9.03 15.76
C SER C 78 6.36 -10.04 16.79
N ASN C 79 7.12 -10.17 17.89
CA ASN C 79 6.71 -11.05 18.99
C ASN C 79 5.38 -10.61 19.58
N ASP C 80 5.21 -9.29 19.79
CA ASP C 80 3.96 -8.77 20.32
C ASP C 80 2.79 -9.03 19.38
N LEU C 81 3.02 -8.86 18.06
CA LEU C 81 1.96 -9.12 17.09
C LEU C 81 1.50 -10.57 17.13
N VAL C 82 2.45 -11.51 17.13
CA VAL C 82 2.06 -12.93 17.16
C VAL C 82 1.45 -13.28 18.52
N MET C 83 2.10 -12.84 19.60
CA MET C 83 1.61 -13.14 20.95
C MET C 83 0.16 -12.71 21.11
N ASN C 84 -0.12 -11.47 20.71
CA ASN C 84 -1.45 -10.94 20.94
C ASN C 84 -2.48 -11.53 19.97
N MET C 85 -2.10 -11.67 18.69
CA MET C 85 -3.05 -12.22 17.72
C MET C 85 -3.39 -13.66 18.08
N LEU C 86 -2.46 -14.41 18.65
CA LEU C 86 -2.75 -15.79 19.04
C LEU C 86 -3.54 -15.88 20.35
N LYS C 87 -3.17 -15.07 21.36
CA LYS C 87 -3.97 -15.06 22.58
C LYS C 87 -5.43 -14.77 22.28
N SER C 88 -5.70 -13.72 21.52
CA SER C 88 -7.07 -13.31 21.23
C SER C 88 -7.78 -14.19 20.19
N SER C 89 -7.08 -15.18 19.60
CA SER C 89 -7.74 -16.14 18.74
C SER C 89 -8.61 -17.13 19.50
N PHE C 90 -8.46 -17.21 20.82
CA PHE C 90 -9.20 -18.16 21.67
C PHE C 90 -8.95 -19.61 21.21
N ALA C 91 -7.83 -19.86 20.54
CA ALA C 91 -7.50 -21.18 20.03
C ALA C 91 -6.24 -21.78 20.64
N THR C 92 -5.56 -21.07 21.54
CA THR C 92 -4.27 -21.52 22.05
C THR C 92 -4.28 -21.57 23.57
N CYS C 93 -3.32 -22.31 24.13
CA CYS C 93 -3.17 -22.42 25.58
C CYS C 93 -1.73 -22.21 26.02
N VAL C 94 -0.78 -22.60 25.16
CA VAL C 94 0.64 -22.50 25.45
C VAL C 94 1.32 -21.91 24.21
N LEU C 95 2.12 -20.87 24.41
CA LEU C 95 2.83 -20.21 23.32
C LEU C 95 4.31 -20.10 23.67
N VAL C 96 5.16 -20.71 22.85
CA VAL C 96 6.61 -20.63 23.01
C VAL C 96 7.19 -19.79 21.89
N SER C 97 8.05 -18.84 22.26
CA SER C 97 8.71 -17.96 21.31
C SER C 97 10.21 -17.95 21.57
N GLU C 98 11.00 -17.78 20.50
CA GLU C 98 12.43 -17.53 20.70
C GLU C 98 12.68 -16.33 21.61
N GLU C 99 11.74 -15.38 21.64
CA GLU C 99 11.93 -14.14 22.39
C GLU C 99 11.67 -14.26 23.88
N ASP C 100 11.12 -15.37 24.38
CA ASP C 100 10.74 -15.49 25.78
C ASP C 100 11.38 -16.73 26.41
N LYS C 101 11.90 -16.58 27.62
CA LYS C 101 12.62 -17.68 28.26
C LYS C 101 11.68 -18.81 28.68
N HIS C 102 10.47 -18.48 29.10
CA HIS C 102 9.48 -19.47 29.51
C HIS C 102 8.27 -19.41 28.61
N ALA C 103 7.48 -20.47 28.65
CA ALA C 103 6.26 -20.52 27.86
C ALA C 103 5.26 -19.53 28.41
N ILE C 104 4.54 -18.86 27.52
CA ILE C 104 3.40 -18.06 27.95
C ILE C 104 2.18 -18.98 28.04
N ILE C 105 1.55 -19.00 29.21
CA ILE C 105 0.28 -19.71 29.39
C ILE C 105 -0.85 -18.73 29.11
N VAL C 106 -1.72 -19.10 28.18
CA VAL C 106 -2.85 -18.24 27.86
C VAL C 106 -3.79 -18.18 29.05
N GLU C 107 -4.24 -16.97 29.38
CA GLU C 107 -5.12 -16.83 30.54
C GLU C 107 -6.43 -17.58 30.30
N PRO C 108 -7.08 -18.04 31.37
CA PRO C 108 -8.17 -19.02 31.20
C PRO C 108 -9.30 -18.62 30.26
N GLU C 109 -9.76 -17.37 30.27
CA GLU C 109 -10.92 -17.02 29.46
C GLU C 109 -10.62 -16.97 27.96
N LYS C 110 -9.36 -16.94 27.54
CA LYS C 110 -9.01 -16.91 26.14
C LYS C 110 -8.41 -18.23 25.67
N ARG C 111 -8.66 -19.32 26.39
CA ARG C 111 -7.94 -20.57 26.18
C ARG C 111 -8.58 -21.39 25.07
N GLY C 112 -7.74 -21.90 24.17
CA GLY C 112 -8.10 -22.91 23.20
C GLY C 112 -7.17 -24.09 23.37
N LYS C 113 -7.23 -25.07 22.48
CA LYS C 113 -6.59 -26.36 22.74
C LYS C 113 -5.26 -26.55 22.02
N TYR C 114 -4.73 -25.52 21.36
CA TYR C 114 -3.54 -25.68 20.54
C TYR C 114 -2.31 -25.07 21.20
N VAL C 115 -1.17 -25.70 20.97
CA VAL C 115 0.12 -25.20 21.42
C VAL C 115 0.86 -24.66 20.20
N VAL C 116 1.40 -23.45 20.31
CA VAL C 116 2.13 -22.84 19.21
C VAL C 116 3.53 -22.48 19.67
N CYS C 117 4.53 -22.97 18.95
CA CYS C 117 5.93 -22.59 19.13
C CYS C 117 6.32 -21.79 17.90
N PHE C 118 6.91 -20.61 18.11
CA PHE C 118 7.20 -19.77 16.96
C PHE C 118 8.47 -18.98 17.16
N ASP C 119 9.07 -18.60 16.03
CA ASP C 119 10.11 -17.60 15.99
C ASP C 119 9.50 -16.38 15.29
N PRO C 120 9.20 -15.29 16.02
CA PRO C 120 8.45 -14.18 15.39
C PRO C 120 9.20 -13.50 14.26
N LEU C 121 10.54 -13.46 14.30
CA LEU C 121 11.28 -12.81 13.24
C LEU C 121 12.72 -13.33 13.16
N ASP C 122 12.88 -14.47 12.48
CA ASP C 122 14.18 -15.11 12.31
C ASP C 122 15.03 -14.31 11.34
N GLY C 123 16.30 -14.09 11.70
CA GLY C 123 17.12 -13.12 11.02
C GLY C 123 17.40 -11.93 11.92
N SER C 124 18.60 -11.91 12.51
CA SER C 124 19.01 -10.91 13.49
C SER C 124 20.30 -10.22 13.11
N SER C 125 21.32 -10.98 12.69
CA SER C 125 22.51 -10.41 12.03
C SER C 125 22.21 -10.02 10.59
N ASN C 126 21.04 -9.41 10.35
CA ASN C 126 20.39 -9.51 9.05
C ASN C 126 19.38 -8.40 8.80
N ILE C 127 18.69 -7.92 9.85
CA ILE C 127 17.74 -6.83 9.63
C ILE C 127 18.48 -5.62 9.06
N ASP C 128 19.66 -5.32 9.61
CA ASP C 128 20.34 -4.07 9.30
C ASP C 128 20.97 -4.08 7.91
N CYS C 129 21.17 -5.25 7.31
CA CYS C 129 21.64 -5.34 5.94
C CYS C 129 20.51 -5.64 4.95
N LEU C 130 19.31 -5.87 5.46
CA LEU C 130 18.06 -5.87 4.68
C LEU C 130 17.91 -7.12 3.83
N VAL C 131 18.41 -8.28 4.27
CA VAL C 131 18.09 -9.43 3.44
C VAL C 131 16.96 -10.19 4.13
N SER C 132 16.49 -11.26 3.49
CA SER C 132 15.24 -11.91 3.85
C SER C 132 15.20 -12.25 5.34
N VAL C 133 14.04 -12.01 5.94
CA VAL C 133 13.72 -12.46 7.28
C VAL C 133 12.38 -13.17 7.19
N GLY C 134 11.97 -13.76 8.30
CA GLY C 134 10.73 -14.52 8.25
C GLY C 134 10.27 -14.94 9.62
N THR C 135 9.02 -15.42 9.63
CA THR C 135 8.38 -15.96 10.81
C THR C 135 8.23 -17.46 10.62
N ILE C 136 8.59 -18.23 11.66
CA ILE C 136 8.47 -19.69 11.65
C ILE C 136 7.50 -20.09 12.75
N PHE C 137 6.73 -21.16 12.50
CA PHE C 137 5.72 -21.54 13.48
C PHE C 137 5.37 -23.02 13.37
N GLY C 138 5.01 -23.59 14.53
CA GLY C 138 4.60 -24.98 14.62
C GLY C 138 3.44 -25.11 15.57
N ILE C 139 2.46 -25.93 15.21
CA ILE C 139 1.21 -26.03 15.94
C ILE C 139 1.02 -27.49 16.36
N TYR C 140 0.97 -27.71 17.69
CA TYR C 140 0.70 -29.00 18.29
C TYR C 140 -0.65 -28.94 18.99
N ARG C 141 -1.33 -30.08 19.02
CA ARG C 141 -2.56 -30.15 19.77
C ARG C 141 -2.22 -30.54 21.20
N LYS C 142 -2.85 -29.88 22.16
CA LYS C 142 -2.59 -30.21 23.55
C LYS C 142 -3.22 -31.56 23.86
N LYS C 143 -2.39 -32.51 24.26
CA LYS C 143 -2.88 -33.85 24.51
C LYS C 143 -3.50 -33.96 25.91
N SER C 144 -2.73 -33.58 26.93
CA SER C 144 -3.12 -33.81 28.32
C SER C 144 -4.40 -33.05 28.68
N THR C 145 -5.08 -33.55 29.70
CA THR C 145 -6.31 -32.95 30.21
C THR C 145 -6.07 -32.05 31.41
N ASP C 146 -4.82 -31.78 31.77
CA ASP C 146 -4.49 -31.02 32.97
C ASP C 146 -4.24 -29.55 32.62
N GLU C 147 -3.94 -28.76 33.64
CA GLU C 147 -3.74 -27.33 33.41
C GLU C 147 -2.55 -27.12 32.47
N PRO C 148 -2.68 -26.26 31.46
CA PRO C 148 -1.60 -26.06 30.51
C PRO C 148 -0.31 -25.60 31.19
N SER C 149 0.80 -26.13 30.71
CA SER C 149 2.11 -25.79 31.24
C SER C 149 3.13 -25.81 30.11
N GLU C 150 4.35 -25.39 30.43
CA GLU C 150 5.46 -25.45 29.47
C GLU C 150 5.71 -26.87 28.98
N LYS C 151 5.40 -27.87 29.81
CA LYS C 151 5.56 -29.26 29.40
C LYS C 151 4.80 -29.57 28.11
N ASP C 152 3.68 -28.90 27.88
CA ASP C 152 2.81 -29.25 26.76
C ASP C 152 3.42 -28.91 25.41
N ALA C 153 4.39 -28.01 25.36
CA ALA C 153 5.13 -27.75 24.13
C ALA C 153 6.23 -28.78 23.87
N LEU C 154 6.54 -29.63 24.86
CA LEU C 154 7.59 -30.62 24.72
C LEU C 154 7.00 -31.87 24.05
N GLN C 155 6.77 -31.76 22.74
CA GLN C 155 6.31 -32.88 21.94
C GLN C 155 7.25 -33.09 20.77
N PRO C 156 7.36 -34.31 20.25
CA PRO C 156 8.11 -34.52 19.00
C PRO C 156 7.37 -33.89 17.83
N GLY C 157 8.14 -33.56 16.78
CA GLY C 157 7.55 -32.91 15.62
C GLY C 157 6.49 -33.76 14.93
N ARG C 158 6.58 -35.09 15.09
CA ARG C 158 5.58 -35.99 14.51
C ARG C 158 4.16 -35.69 14.98
N ASN C 159 3.99 -35.04 16.13
CA ASN C 159 2.66 -34.65 16.61
C ASN C 159 2.19 -33.31 16.05
N LEU C 160 2.92 -32.71 15.12
CA LEU C 160 2.51 -31.42 14.56
C LEU C 160 1.21 -31.57 13.78
N VAL C 161 0.28 -30.67 14.07
CA VAL C 161 -0.97 -30.55 13.32
C VAL C 161 -0.77 -29.66 12.10
N ALA C 162 0.14 -28.71 12.19
CA ALA C 162 0.39 -27.73 11.13
C ALA C 162 1.68 -27.02 11.49
N ALA C 163 2.31 -26.47 10.46
CA ALA C 163 3.60 -25.81 10.62
C ALA C 163 3.86 -25.05 9.34
N GLY C 164 4.77 -24.09 9.41
CA GLY C 164 5.09 -23.35 8.21
C GLY C 164 5.92 -22.10 8.51
N TYR C 165 5.82 -21.15 7.60
CA TYR C 165 6.62 -19.95 7.76
C TYR C 165 6.11 -18.88 6.81
N ALA C 166 6.28 -17.63 7.24
CA ALA C 166 6.20 -16.47 6.37
C ALA C 166 7.62 -16.04 6.03
N LEU C 167 7.87 -15.79 4.75
CA LEU C 167 9.14 -15.26 4.29
C LEU C 167 8.91 -13.84 3.80
N TYR C 168 9.55 -12.88 4.47
CA TYR C 168 9.55 -11.47 4.03
C TYR C 168 10.73 -11.24 3.11
N GLY C 169 10.61 -11.79 1.89
CA GLY C 169 11.67 -11.73 0.89
C GLY C 169 11.50 -10.58 -0.09
N SER C 170 11.86 -10.80 -1.36
CA SER C 170 11.50 -9.83 -2.39
C SER C 170 10.00 -9.61 -2.42
N ALA C 171 9.24 -10.64 -2.07
CA ALA C 171 7.82 -10.53 -1.75
C ALA C 171 7.59 -11.40 -0.53
N THR C 172 6.40 -11.29 0.05
CA THR C 172 6.05 -12.02 1.26
C THR C 172 5.23 -13.25 0.88
N MET C 173 5.71 -14.42 1.30
CA MET C 173 5.02 -15.66 1.01
C MET C 173 4.77 -16.41 2.31
N LEU C 174 3.59 -17.03 2.41
CA LEU C 174 3.26 -17.91 3.53
C LEU C 174 3.23 -19.35 3.04
N VAL C 175 4.08 -20.20 3.62
CA VAL C 175 4.08 -21.63 3.32
C VAL C 175 3.43 -22.36 4.48
N LEU C 176 2.41 -23.17 4.17
CA LEU C 176 1.60 -23.85 5.19
C LEU C 176 1.59 -25.35 4.90
N ALA C 177 2.17 -26.13 5.80
CA ALA C 177 2.15 -27.59 5.73
C ALA C 177 1.16 -28.11 6.74
N MET C 178 0.30 -29.01 6.30
CA MET C 178 -0.52 -29.82 7.19
C MET C 178 -0.33 -31.28 6.80
N ASP C 179 -1.09 -32.18 7.44
CA ASP C 179 -0.94 -33.60 7.15
C ASP C 179 -1.16 -33.89 5.67
N CYS C 180 -2.18 -33.25 5.07
CA CYS C 180 -2.46 -33.46 3.65
C CYS C 180 -1.26 -33.11 2.77
N GLY C 181 -0.69 -31.92 2.95
CA GLY C 181 0.48 -31.55 2.18
C GLY C 181 0.89 -30.11 2.44
N VAL C 182 1.61 -29.54 1.47
CA VAL C 182 2.19 -28.22 1.58
C VAL C 182 1.57 -27.29 0.54
N ASN C 183 1.21 -26.08 0.95
CA ASN C 183 0.64 -25.09 0.05
C ASN C 183 1.35 -23.75 0.24
N CYS C 184 1.52 -23.01 -0.85
CA CYS C 184 2.23 -21.74 -0.85
C CYS C 184 1.30 -20.58 -1.23
N PHE C 185 1.25 -19.56 -0.36
CA PHE C 185 0.36 -18.42 -0.51
C PHE C 185 1.15 -17.13 -0.63
N MET C 186 0.91 -16.38 -1.71
CA MET C 186 1.62 -15.13 -1.89
C MET C 186 0.78 -13.98 -1.35
N LEU C 187 1.40 -13.10 -0.59
CA LEU C 187 0.70 -11.92 -0.10
C LEU C 187 0.64 -10.89 -1.22
N ASP C 188 -0.58 -10.48 -1.57
CA ASP C 188 -0.82 -9.34 -2.45
C ASP C 188 -1.01 -8.10 -1.58
N PRO C 189 0.01 -7.24 -1.47
CA PRO C 189 -0.09 -6.08 -0.55
C PRO C 189 -1.08 -5.04 -1.02
N ALA C 190 -1.49 -5.05 -2.28
CA ALA C 190 -2.50 -4.10 -2.71
C ALA C 190 -3.83 -4.36 -2.02
N ILE C 191 -4.13 -5.61 -1.67
CA ILE C 191 -5.40 -5.91 -1.02
C ILE C 191 -5.22 -6.68 0.27
N GLY C 192 -3.99 -7.00 0.67
CA GLY C 192 -3.79 -7.71 1.92
C GLY C 192 -4.50 -9.04 1.98
N GLU C 193 -4.38 -9.83 0.90
CA GLU C 193 -4.83 -11.21 0.88
C GLU C 193 -3.66 -12.11 0.51
N PHE C 194 -3.53 -13.22 1.23
CA PHE C 194 -2.70 -14.34 0.78
C PHE C 194 -3.41 -15.09 -0.33
N ILE C 195 -2.81 -15.10 -1.52
CA ILE C 195 -3.37 -15.77 -2.71
C ILE C 195 -2.68 -17.11 -2.89
N LEU C 196 -3.46 -18.17 -3.02
CA LEU C 196 -2.93 -19.51 -3.26
C LEU C 196 -2.28 -19.57 -4.65
N VAL C 197 -0.96 -19.74 -4.69
CA VAL C 197 -0.23 -19.73 -5.94
C VAL C 197 0.43 -21.07 -6.28
N ASP C 198 0.64 -21.95 -5.30
CA ASP C 198 1.27 -23.26 -5.54
C ASP C 198 0.58 -24.27 -4.63
N LYS C 199 -0.21 -25.16 -5.20
CA LYS C 199 -0.96 -26.14 -4.44
C LYS C 199 -0.21 -27.47 -4.39
N ASP C 200 -0.32 -28.18 -3.26
CA ASP C 200 0.24 -29.51 -3.06
C ASP C 200 1.70 -29.58 -3.52
N VAL C 201 2.50 -28.65 -3.02
CA VAL C 201 3.89 -28.54 -3.42
C VAL C 201 4.66 -29.80 -3.01
N LYS C 202 5.50 -30.28 -3.92
CA LYS C 202 6.40 -31.40 -3.72
C LYS C 202 7.79 -30.96 -4.11
N ILE C 203 8.78 -31.21 -3.26
CA ILE C 203 10.14 -30.81 -3.54
C ILE C 203 10.75 -31.73 -4.60
N LYS C 204 11.69 -31.18 -5.37
CA LYS C 204 12.50 -31.96 -6.30
C LYS C 204 13.12 -33.15 -5.59
N LYS C 205 13.08 -34.31 -6.26
CA LYS C 205 13.70 -35.51 -5.70
C LYS C 205 15.20 -35.34 -5.50
N LYS C 206 15.86 -34.65 -6.43
CA LYS C 206 17.27 -34.34 -6.28
C LYS C 206 17.52 -32.93 -6.78
N GLY C 207 18.29 -32.15 -6.01
CA GLY C 207 18.59 -30.79 -6.36
C GLY C 207 20.04 -30.61 -6.76
N LYS C 208 20.39 -29.36 -7.07
CA LYS C 208 21.72 -29.01 -7.53
C LYS C 208 22.34 -27.87 -6.72
N ILE C 209 21.84 -27.60 -5.51
CA ILE C 209 22.38 -26.54 -4.66
C ILE C 209 22.61 -27.09 -3.26
N TYR C 210 23.73 -26.71 -2.66
CA TYR C 210 24.02 -27.03 -1.26
C TYR C 210 24.21 -25.74 -0.49
N SER C 211 23.69 -25.73 0.74
CA SER C 211 23.53 -24.50 1.50
C SER C 211 23.99 -24.69 2.94
N LEU C 212 25.13 -24.09 3.29
CA LEU C 212 25.60 -24.10 4.67
C LEU C 212 26.70 -23.05 4.81
N ASN C 213 26.94 -22.64 6.05
CA ASN C 213 28.01 -21.68 6.37
C ASN C 213 29.34 -22.42 6.34
N GLU C 214 30.10 -22.26 5.26
CA GLU C 214 31.39 -22.92 5.14
C GLU C 214 32.49 -22.21 5.94
N GLY C 215 32.16 -21.16 6.70
CA GLY C 215 33.16 -20.58 7.57
C GLY C 215 33.52 -21.49 8.74
N TYR C 216 32.69 -22.48 9.01
CA TYR C 216 32.90 -23.45 10.08
C TYR C 216 33.70 -24.67 9.62
N ALA C 217 34.38 -24.58 8.48
CA ALA C 217 35.09 -25.75 7.95
C ALA C 217 36.10 -26.30 8.96
N LYS C 218 36.75 -25.41 9.71
CA LYS C 218 37.68 -25.81 10.78
C LYS C 218 37.07 -26.84 11.73
N ASP C 219 35.78 -26.69 12.03
CA ASP C 219 35.15 -27.47 13.10
C ASP C 219 34.19 -28.53 12.60
N PHE C 220 34.14 -28.77 11.30
CA PHE C 220 33.17 -29.73 10.78
C PHE C 220 33.50 -31.14 11.25
N ASP C 221 32.47 -31.91 11.54
CA ASP C 221 32.67 -33.34 11.65
C ASP C 221 33.18 -33.87 10.32
N PRO C 222 34.04 -34.89 10.33
CA PRO C 222 34.56 -35.45 9.07
C PRO C 222 33.51 -35.73 8.00
N ALA C 223 32.31 -36.18 8.40
CA ALA C 223 31.30 -36.51 7.40
C ALA C 223 30.84 -35.27 6.63
N VAL C 224 30.62 -34.14 7.32
CA VAL C 224 30.24 -32.92 6.62
C VAL C 224 31.34 -32.54 5.65
N THR C 225 32.59 -32.48 6.13
CA THR C 225 33.74 -32.16 5.28
C THR C 225 33.75 -33.02 4.03
N GLU C 226 33.45 -34.31 4.16
CA GLU C 226 33.48 -35.23 3.03
C GLU C 226 32.27 -35.00 2.11
N TYR C 227 31.07 -34.93 2.68
CA TYR C 227 29.87 -34.65 1.88
C TYR C 227 30.00 -33.34 1.12
N ILE C 228 30.57 -32.31 1.73
CA ILE C 228 30.74 -31.05 1.00
C ILE C 228 31.65 -31.28 -0.19
N GLN C 229 32.76 -32.00 0.04
CA GLN C 229 33.72 -32.28 -1.03
C GLN C 229 33.05 -32.96 -2.22
N ARG C 230 32.13 -33.88 -1.96
CA ARG C 230 31.40 -34.52 -3.04
C ARG C 230 30.54 -33.52 -3.82
N LYS C 231 29.99 -32.50 -3.15
CA LYS C 231 29.28 -31.45 -3.87
C LYS C 231 30.21 -30.63 -4.76
N LYS C 232 31.47 -30.44 -4.36
CA LYS C 232 32.41 -29.66 -5.17
C LYS C 232 33.12 -30.50 -6.22
N PHE C 233 33.36 -31.80 -5.96
CA PHE C 233 34.09 -32.70 -6.87
C PHE C 233 33.29 -33.99 -6.96
N PRO C 234 32.25 -34.01 -7.79
CA PRO C 234 31.25 -35.11 -7.72
C PRO C 234 31.82 -36.44 -8.18
N PRO C 235 31.57 -37.52 -7.45
CA PRO C 235 32.19 -38.81 -7.75
C PRO C 235 31.62 -39.52 -8.97
N ASP C 236 30.66 -38.92 -9.69
CA ASP C 236 30.13 -39.47 -10.94
C ASP C 236 30.25 -38.45 -12.07
N ASN C 237 31.15 -37.47 -11.91
CA ASN C 237 31.46 -36.44 -12.89
C ASN C 237 30.26 -35.61 -13.37
N SER C 238 29.11 -35.74 -12.69
CA SER C 238 28.07 -34.73 -12.85
C SER C 238 28.61 -33.38 -12.42
N ALA C 239 27.95 -32.30 -12.86
CA ALA C 239 28.46 -30.97 -12.57
C ALA C 239 28.41 -30.70 -11.07
N PRO C 240 29.38 -29.95 -10.54
CA PRO C 240 29.31 -29.56 -9.12
C PRO C 240 28.00 -28.84 -8.83
N TYR C 241 27.54 -28.96 -7.59
CA TYR C 241 26.42 -28.17 -7.10
C TYR C 241 26.82 -26.70 -7.02
N GLY C 242 25.84 -25.82 -7.25
CA GLY C 242 25.98 -24.43 -6.86
C GLY C 242 25.82 -24.26 -5.35
N ALA C 243 26.56 -23.28 -4.81
CA ALA C 243 26.49 -22.96 -3.39
C ALA C 243 25.72 -21.66 -3.18
N ARG C 244 24.84 -21.66 -2.17
CA ARG C 244 23.99 -20.54 -1.81
C ARG C 244 23.83 -20.57 -0.31
N TYR C 245 24.11 -19.46 0.38
CA TYR C 245 23.84 -19.41 1.81
C TYR C 245 23.50 -17.99 2.20
N VAL C 246 22.21 -17.74 2.43
CA VAL C 246 21.75 -16.40 2.74
C VAL C 246 22.09 -16.04 4.19
N GLY C 247 22.07 -17.03 5.08
CA GLY C 247 22.26 -16.76 6.49
C GLY C 247 20.98 -16.50 7.24
N SER C 248 19.85 -16.72 6.58
CA SER C 248 18.53 -16.58 7.16
C SER C 248 17.81 -17.87 6.89
N MET C 249 17.50 -18.63 7.93
CA MET C 249 17.05 -19.99 7.67
C MET C 249 15.80 -20.01 6.81
N VAL C 250 14.89 -19.05 6.99
CA VAL C 250 13.66 -19.10 6.19
C VAL C 250 13.97 -18.91 4.72
N ALA C 251 14.90 -18.00 4.39
CA ALA C 251 15.28 -17.82 2.99
C ALA C 251 16.00 -19.04 2.45
N ASP C 252 16.94 -19.61 3.21
CA ASP C 252 17.67 -20.75 2.70
C ASP C 252 16.75 -21.96 2.56
N VAL C 253 15.83 -22.16 3.50
CA VAL C 253 14.95 -23.31 3.46
C VAL C 253 13.91 -23.16 2.34
N HIS C 254 13.45 -21.95 2.07
CA HIS C 254 12.45 -21.75 1.02
C HIS C 254 13.06 -21.96 -0.37
N ARG C 255 14.27 -21.43 -0.59
CA ARG C 255 14.97 -21.75 -1.83
C ARG C 255 15.15 -23.25 -1.99
N THR C 256 15.49 -23.94 -0.89
CA THR C 256 15.65 -25.39 -0.93
C THR C 256 14.35 -26.07 -1.36
N LEU C 257 13.21 -25.62 -0.81
CA LEU C 257 11.92 -26.20 -1.17
C LEU C 257 11.60 -25.94 -2.63
N VAL C 258 11.93 -24.76 -3.13
CA VAL C 258 11.47 -24.31 -4.44
C VAL C 258 12.37 -24.86 -5.56
N TYR C 259 13.69 -24.84 -5.39
CA TYR C 259 14.64 -25.28 -6.42
C TYR C 259 15.23 -26.66 -6.15
N GLY C 260 15.05 -27.20 -4.94
CA GLY C 260 15.69 -28.44 -4.56
C GLY C 260 17.09 -28.22 -4.03
N GLY C 261 17.69 -29.32 -3.60
CA GLY C 261 19.02 -29.30 -3.04
C GLY C 261 19.02 -29.63 -1.56
N ILE C 262 19.96 -29.08 -0.82
CA ILE C 262 20.14 -29.44 0.57
C ILE C 262 20.57 -28.22 1.37
N PHE C 263 20.08 -28.13 2.61
CA PHE C 263 20.45 -27.11 3.57
C PHE C 263 21.02 -27.80 4.79
N LEU C 264 22.13 -27.28 5.32
CA LEU C 264 22.82 -27.87 6.45
C LEU C 264 23.17 -26.81 7.49
N TYR C 265 22.73 -27.03 8.73
CA TYR C 265 23.33 -26.39 9.89
C TYR C 265 23.73 -27.54 10.82
N PRO C 266 24.90 -28.13 10.59
CA PRO C 266 25.25 -29.35 11.31
C PRO C 266 25.89 -29.05 12.65
N ALA C 267 25.94 -30.08 13.49
CA ALA C 267 26.74 -30.01 14.70
C ALA C 267 28.20 -29.89 14.30
N ASN C 268 28.79 -28.73 14.55
CA ASN C 268 30.25 -28.66 14.55
C ASN C 268 30.75 -29.16 15.91
N LYS C 269 32.06 -29.23 16.07
CA LYS C 269 32.56 -29.61 17.38
C LYS C 269 32.52 -28.47 18.38
N LYS C 270 32.05 -27.28 17.98
CA LYS C 270 32.01 -26.11 18.87
C LYS C 270 30.61 -25.78 19.38
N SER C 271 29.65 -26.68 19.15
CA SER C 271 28.31 -26.74 19.74
C SER C 271 27.71 -28.03 19.23
N PRO C 272 27.93 -29.15 19.92
CA PRO C 272 27.67 -30.45 19.32
C PRO C 272 26.21 -30.77 19.16
N ASN C 273 25.33 -29.90 19.66
CA ASN C 273 23.90 -30.02 19.45
C ASN C 273 23.40 -29.16 18.31
N GLY C 274 24.26 -28.39 17.67
CA GLY C 274 23.82 -27.51 16.62
C GLY C 274 23.59 -26.11 17.13
N LYS C 275 23.03 -25.29 16.25
CA LYS C 275 22.66 -23.93 16.59
C LYS C 275 21.16 -23.69 16.51
N LEU C 276 20.49 -24.22 15.50
CA LEU C 276 19.09 -23.91 15.32
C LEU C 276 18.24 -24.57 16.39
N ARG C 277 17.11 -23.94 16.72
CA ARG C 277 16.27 -24.38 17.82
C ARG C 277 15.25 -25.39 17.33
N LEU C 278 15.09 -26.47 18.10
CA LEU C 278 14.30 -27.60 17.64
C LEU C 278 12.83 -27.23 17.49
N LEU C 279 12.22 -26.63 18.51
CA LEU C 279 10.77 -26.51 18.55
C LEU C 279 10.24 -25.51 17.53
N TYR C 280 10.93 -24.40 17.33
CA TYR C 280 10.36 -23.32 16.54
C TYR C 280 11.22 -22.95 15.34
N GLU C 281 12.32 -23.65 15.10
CA GLU C 281 13.05 -23.50 13.84
C GLU C 281 13.18 -24.85 13.13
N CYS C 282 13.59 -25.90 13.85
CA CYS C 282 13.86 -27.16 13.17
C CYS C 282 12.59 -27.95 12.88
N ASN C 283 11.79 -28.21 13.90
CA ASN C 283 10.57 -28.99 13.70
C ASN C 283 9.67 -28.42 12.62
N PRO C 284 9.30 -27.12 12.63
CA PRO C 284 8.49 -26.61 11.50
C PRO C 284 9.15 -26.82 10.15
N MET C 285 10.44 -26.54 10.02
CA MET C 285 11.06 -26.74 8.73
C MET C 285 11.14 -28.23 8.36
N ALA C 286 11.34 -29.11 9.35
CA ALA C 286 11.32 -30.54 9.07
C ALA C 286 9.95 -30.99 8.61
N TYR C 287 8.89 -30.48 9.26
CA TYR C 287 7.53 -30.84 8.88
C TYR C 287 7.22 -30.40 7.45
N VAL C 288 7.59 -29.17 7.10
CA VAL C 288 7.34 -28.71 5.74
C VAL C 288 8.06 -29.60 4.73
N MET C 289 9.33 -29.92 5.01
CA MET C 289 10.09 -30.77 4.11
C MET C 289 9.41 -32.13 3.94
N GLU C 290 9.11 -32.80 5.05
CA GLU C 290 8.55 -34.15 4.98
C GLU C 290 7.20 -34.17 4.28
N LYS C 291 6.32 -33.20 4.56
CA LYS C 291 5.03 -33.19 3.89
C LYS C 291 5.12 -32.84 2.41
N ALA C 292 6.26 -32.34 1.94
CA ALA C 292 6.48 -32.09 0.53
C ALA C 292 7.39 -33.14 -0.10
N GLY C 293 7.47 -34.33 0.49
CA GLY C 293 8.30 -35.39 -0.05
C GLY C 293 9.80 -35.23 0.11
N GLY C 294 10.24 -34.34 1.00
CA GLY C 294 11.64 -34.23 1.34
C GLY C 294 11.96 -34.90 2.67
N MET C 295 13.14 -34.60 3.19
CA MET C 295 13.57 -35.17 4.46
C MET C 295 14.28 -34.12 5.31
N ALA C 296 14.34 -34.40 6.62
CA ALA C 296 15.10 -33.58 7.56
C ALA C 296 15.61 -34.48 8.67
N THR C 297 16.93 -34.53 8.84
CA THR C 297 17.57 -35.42 9.78
C THR C 297 18.52 -34.64 10.69
N THR C 298 18.77 -35.20 11.87
CA THR C 298 19.87 -34.73 12.71
C THR C 298 21.19 -35.36 12.31
N GLY C 299 21.16 -36.42 11.50
CA GLY C 299 22.29 -37.29 11.33
C GLY C 299 22.01 -38.63 12.00
N LYS C 300 21.36 -38.59 13.17
CA LYS C 300 21.07 -39.79 13.95
C LYS C 300 19.62 -40.22 13.89
N GLU C 301 18.69 -39.30 13.62
CA GLU C 301 17.28 -39.66 13.50
C GLU C 301 16.56 -38.53 12.78
N ALA C 302 15.35 -38.84 12.32
CA ALA C 302 14.50 -37.81 11.74
C ALA C 302 14.21 -36.72 12.77
N VAL C 303 14.51 -35.46 12.39
CA VAL C 303 14.30 -34.29 13.24
C VAL C 303 12.95 -34.39 13.95
N LEU C 304 11.91 -34.79 13.22
CA LEU C 304 10.57 -34.85 13.77
C LEU C 304 10.44 -35.89 14.89
N ASP C 305 11.40 -36.80 15.03
CA ASP C 305 11.35 -37.81 16.07
C ASP C 305 12.09 -37.43 17.35
N VAL C 306 12.95 -36.40 17.31
CA VAL C 306 13.64 -35.97 18.53
C VAL C 306 12.61 -35.62 19.58
N ILE C 307 12.76 -36.18 20.76
CA ILE C 307 11.91 -35.85 21.90
C ILE C 307 12.58 -34.71 22.65
N PRO C 308 11.91 -33.58 22.84
CA PRO C 308 12.56 -32.44 23.48
C PRO C 308 12.40 -32.45 24.99
N THR C 309 13.43 -31.94 25.65
CA THR C 309 13.42 -31.75 27.10
C THR C 309 13.49 -30.28 27.50
N ASP C 310 13.76 -29.39 26.56
CA ASP C 310 13.86 -27.96 26.83
C ASP C 310 13.25 -27.25 25.62
N ILE C 311 12.30 -26.34 25.87
CA ILE C 311 11.64 -25.63 24.79
C ILE C 311 12.60 -24.81 23.95
N HIS C 312 13.82 -24.58 24.43
CA HIS C 312 14.80 -23.79 23.69
C HIS C 312 16.00 -24.63 23.27
N GLN C 313 15.86 -25.95 23.25
CA GLN C 313 17.04 -26.73 22.95
C GLN C 313 17.33 -26.68 21.46
N ARG C 314 18.60 -26.91 21.14
CA ARG C 314 19.10 -26.87 19.77
C ARG C 314 19.23 -28.26 19.18
N ALA C 315 19.07 -28.34 17.87
CA ALA C 315 19.28 -29.56 17.11
C ALA C 315 20.11 -29.23 15.88
N PRO C 316 20.96 -30.15 15.44
CA PRO C 316 21.57 -30.00 14.11
C PRO C 316 20.55 -30.41 13.06
N VAL C 317 20.65 -29.80 11.88
CA VAL C 317 19.64 -30.00 10.85
C VAL C 317 20.31 -30.12 9.48
N ILE C 318 19.91 -31.16 8.76
CA ILE C 318 20.21 -31.37 7.35
C ILE C 318 18.88 -31.72 6.68
N LEU C 319 18.43 -30.88 5.74
CA LEU C 319 17.13 -31.10 5.10
C LEU C 319 17.23 -30.75 3.62
N GLY C 320 16.13 -31.02 2.90
CA GLY C 320 16.04 -30.76 1.49
C GLY C 320 15.55 -31.93 0.67
N SER C 321 16.06 -32.04 -0.56
CA SER C 321 15.63 -33.09 -1.47
C SER C 321 15.95 -34.48 -0.91
N PRO C 322 15.06 -35.45 -1.16
CA PRO C 322 15.28 -36.80 -0.58
C PRO C 322 16.59 -37.46 -1.01
N ASP C 323 16.96 -37.39 -2.29
CA ASP C 323 18.20 -38.03 -2.71
C ASP C 323 19.41 -37.33 -2.11
N ASP C 324 19.34 -36.01 -1.91
CA ASP C 324 20.47 -35.27 -1.36
C ASP C 324 20.65 -35.57 0.12
N VAL C 325 19.56 -35.68 0.87
CA VAL C 325 19.66 -35.99 2.29
C VAL C 325 20.15 -37.42 2.49
N LEU C 326 19.58 -38.37 1.73
CA LEU C 326 20.04 -39.76 1.81
C LEU C 326 21.54 -39.86 1.52
N GLU C 327 22.02 -39.07 0.55
CA GLU C 327 23.43 -39.10 0.23
C GLU C 327 24.29 -38.59 1.39
N PHE C 328 23.89 -37.48 2.02
CA PHE C 328 24.62 -37.02 3.20
C PHE C 328 24.58 -38.07 4.30
N LEU C 329 23.40 -38.69 4.50
CA LEU C 329 23.27 -39.74 5.52
C LEU C 329 24.19 -40.92 5.23
N LYS C 330 24.32 -41.30 3.95
CA LYS C 330 25.20 -42.41 3.58
C LYS C 330 26.65 -42.10 3.95
N VAL C 331 27.10 -40.87 3.66
CA VAL C 331 28.39 -40.41 4.16
C VAL C 331 28.42 -40.48 5.68
N TYR C 332 27.31 -40.07 6.33
CA TYR C 332 27.31 -39.98 7.79
C TYR C 332 27.49 -41.35 8.42
N GLU C 333 26.82 -42.38 7.89
CA GLU C 333 26.98 -43.74 8.41
C GLU C 333 28.41 -44.23 8.25
N LYS C 334 29.05 -43.91 7.12
CA LYS C 334 30.45 -44.27 6.91
C LYS C 334 31.28 -43.91 8.14
N HIS C 335 31.13 -42.68 8.63
CA HIS C 335 31.95 -42.18 9.73
C HIS C 335 31.37 -42.66 11.06
N SER C 336 31.58 -43.94 11.32
CA SER C 336 31.26 -44.58 12.60
C SER C 336 31.98 -45.93 12.70
N ASP D 10 16.45 17.18 11.23
CA ASP D 10 15.50 17.43 10.14
C ASP D 10 15.35 16.20 9.21
N VAL D 11 14.10 15.79 8.97
CA VAL D 11 13.82 14.73 8.01
C VAL D 11 14.28 15.17 6.61
N ASN D 12 14.76 14.21 5.82
CA ASN D 12 15.10 14.53 4.44
C ASN D 12 14.72 13.40 3.50
N THR D 13 14.19 13.78 2.36
CA THR D 13 13.83 12.84 1.31
C THR D 13 14.85 12.93 0.18
N LEU D 14 15.00 11.82 -0.56
CA LEU D 14 15.88 11.80 -1.73
C LEU D 14 15.68 13.03 -2.60
N THR D 15 14.43 13.28 -2.99
CA THR D 15 14.14 14.33 -3.95
C THR D 15 14.58 15.69 -3.41
N ARG D 16 14.24 15.97 -2.15
CA ARG D 16 14.63 17.23 -1.53
C ARG D 16 16.14 17.32 -1.37
N PHE D 17 16.75 16.24 -0.86
CA PHE D 17 18.19 16.27 -0.57
C PHE D 17 19.03 16.55 -1.81
N VAL D 18 18.70 15.90 -2.93
CA VAL D 18 19.47 16.07 -4.17
C VAL D 18 19.19 17.42 -4.81
N MET D 19 17.95 17.89 -4.70
CA MET D 19 17.58 19.26 -5.05
C MET D 19 18.48 20.29 -4.35
N GLU D 20 18.65 20.16 -3.02
CA GLU D 20 19.47 21.11 -2.27
C GLU D 20 20.93 20.99 -2.66
N GLU D 21 21.45 19.74 -2.72
CA GLU D 21 22.86 19.53 -3.08
C GLU D 21 23.18 20.10 -4.46
N GLY D 22 22.25 19.94 -5.41
CA GLY D 22 22.45 20.49 -6.74
C GLY D 22 22.38 22.00 -6.76
N ARG D 23 21.52 22.59 -5.93
CA ARG D 23 21.51 24.04 -5.77
C ARG D 23 22.88 24.54 -5.35
N LYS D 24 23.49 23.85 -4.38
CA LYS D 24 24.81 24.22 -3.90
C LYS D 24 25.82 24.20 -5.03
N ALA D 25 25.83 23.10 -5.81
CA ALA D 25 26.78 22.93 -6.91
C ALA D 25 26.47 23.82 -8.10
N ARG D 26 25.32 24.51 -8.08
CA ARG D 26 24.90 25.37 -9.20
C ARG D 26 24.99 24.64 -10.54
N GLY D 27 24.63 23.37 -10.55
CA GLY D 27 24.51 22.60 -11.77
C GLY D 27 23.23 22.94 -12.52
N THR D 28 23.03 22.26 -13.64
CA THR D 28 21.93 22.62 -14.54
C THR D 28 20.61 21.99 -14.15
N GLY D 29 20.59 21.13 -13.14
CA GLY D 29 19.38 20.40 -12.81
C GLY D 29 19.10 19.19 -13.67
N GLU D 30 19.99 18.83 -14.60
CA GLU D 30 19.77 17.64 -15.40
C GLU D 30 20.00 16.36 -14.60
N LEU D 31 21.11 16.29 -13.84
CA LEU D 31 21.35 15.11 -13.03
C LEU D 31 20.19 14.88 -12.03
N THR D 32 19.66 15.96 -11.46
CA THR D 32 18.60 15.85 -10.49
C THR D 32 17.32 15.31 -11.11
N GLN D 33 16.97 15.79 -12.30
CA GLN D 33 15.85 15.23 -13.05
C GLN D 33 16.07 13.75 -13.31
N LEU D 34 17.29 13.40 -13.75
CA LEU D 34 17.62 12.02 -14.02
C LEU D 34 17.37 11.16 -12.79
N LEU D 35 17.94 11.55 -11.66
CA LEU D 35 17.77 10.79 -10.43
C LEU D 35 16.30 10.68 -10.05
N ASN D 36 15.56 11.79 -10.16
CA ASN D 36 14.16 11.75 -9.78
C ASN D 36 13.40 10.74 -10.63
N SER D 37 13.67 10.73 -11.94
CA SER D 37 12.99 9.79 -12.82
C SER D 37 13.38 8.34 -12.50
N LEU D 38 14.66 8.13 -12.19
CA LEU D 38 15.12 6.81 -11.79
C LEU D 38 14.41 6.35 -10.53
N CYS D 39 14.16 7.27 -9.59
CA CYS D 39 13.49 6.93 -8.35
C CYS D 39 12.06 6.50 -8.59
N THR D 40 11.35 7.20 -9.48
CA THR D 40 10.02 6.76 -9.88
C THR D 40 10.05 5.34 -10.43
N ALA D 41 11.00 5.06 -11.34
CA ALA D 41 11.09 3.71 -11.88
C ALA D 41 11.35 2.71 -10.75
N VAL D 42 12.24 3.06 -9.81
CA VAL D 42 12.58 2.15 -8.71
C VAL D 42 11.35 1.87 -7.85
N LYS D 43 10.49 2.87 -7.64
CA LYS D 43 9.30 2.65 -6.84
C LYS D 43 8.31 1.75 -7.57
N ALA D 44 8.23 1.87 -8.90
CA ALA D 44 7.34 1.00 -9.65
C ALA D 44 7.85 -0.44 -9.68
N ILE D 45 9.16 -0.61 -9.89
CA ILE D 45 9.76 -1.95 -9.85
C ILE D 45 9.56 -2.56 -8.46
N SER D 46 9.78 -1.78 -7.40
CA SER D 46 9.61 -2.32 -6.05
C SER D 46 8.17 -2.76 -5.80
N SER D 47 7.19 -1.96 -6.24
CA SER D 47 5.81 -2.36 -6.08
C SER D 47 5.52 -3.65 -6.82
N ALA D 48 6.16 -3.86 -7.98
CA ALA D 48 5.93 -5.06 -8.76
C ALA D 48 6.62 -6.26 -8.13
N VAL D 49 7.84 -6.06 -7.62
CA VAL D 49 8.58 -7.14 -6.97
C VAL D 49 7.82 -7.66 -5.76
N ARG D 50 7.24 -6.76 -4.96
CA ARG D 50 6.45 -7.22 -3.82
C ARG D 50 5.12 -7.82 -4.23
N LYS D 51 4.86 -7.94 -5.55
CA LYS D 51 3.72 -8.67 -6.10
C LYS D 51 2.40 -7.95 -5.88
N ALA D 52 2.42 -6.61 -5.83
CA ALA D 52 1.18 -5.84 -5.87
C ALA D 52 0.36 -6.24 -7.07
N GLY D 53 -0.94 -6.49 -6.84
CA GLY D 53 -1.83 -6.88 -7.90
C GLY D 53 -1.78 -8.35 -8.32
N ILE D 54 -0.91 -9.18 -7.72
CA ILE D 54 -0.79 -10.56 -8.16
C ILE D 54 -2.14 -11.29 -8.14
N ALA D 55 -3.04 -10.93 -7.23
CA ALA D 55 -4.34 -11.60 -7.17
C ALA D 55 -5.11 -11.51 -8.48
N HIS D 56 -4.88 -10.46 -9.28
CA HIS D 56 -5.51 -10.36 -10.59
C HIS D 56 -4.90 -11.35 -11.58
N LEU D 57 -3.59 -11.56 -11.49
CA LEU D 57 -2.95 -12.61 -12.27
C LEU D 57 -3.56 -13.97 -12.00
N TYR D 58 -4.12 -14.17 -10.82
CA TYR D 58 -4.63 -15.48 -10.43
C TYR D 58 -6.14 -15.58 -10.49
N GLY D 59 -6.81 -14.59 -11.09
CA GLY D 59 -8.20 -14.69 -11.44
C GLY D 59 -9.18 -14.14 -10.45
N ILE D 60 -8.78 -13.20 -9.59
CA ILE D 60 -9.72 -12.67 -8.60
C ILE D 60 -10.91 -11.99 -9.29
N ALA D 61 -10.72 -11.46 -10.49
CA ALA D 61 -11.81 -10.87 -11.26
C ALA D 61 -12.33 -11.79 -12.36
N GLY D 62 -11.92 -13.05 -12.39
CA GLY D 62 -12.33 -13.97 -13.44
C GLY D 62 -11.46 -14.03 -14.66
N SER D 63 -10.22 -13.51 -14.60
CA SER D 63 -9.24 -13.62 -15.70
C SER D 63 -9.70 -12.92 -16.98
N THR D 64 -10.48 -11.84 -16.83
CA THR D 64 -10.68 -10.90 -17.94
C THR D 64 -9.63 -9.80 -17.94
N ASN D 65 -8.93 -9.61 -16.82
CA ASN D 65 -7.97 -8.52 -16.64
C ASN D 65 -6.57 -9.12 -16.58
N VAL D 66 -5.88 -9.11 -17.72
CA VAL D 66 -4.50 -9.59 -17.79
C VAL D 66 -3.67 -8.65 -18.68
N ASP D 69 1.56 -4.70 -19.65
CA ASP D 69 2.11 -4.84 -18.30
C ASP D 69 1.36 -5.95 -17.62
N GLN D 70 1.39 -5.99 -16.29
CA GLN D 70 0.73 -7.01 -15.48
C GLN D 70 1.18 -8.43 -15.84
N VAL D 71 1.04 -8.81 -17.11
CA VAL D 71 1.40 -10.15 -17.55
C VAL D 71 2.86 -10.27 -17.99
N LYS D 72 3.57 -9.14 -18.14
CA LYS D 72 5.01 -9.19 -18.41
C LYS D 72 5.77 -9.79 -17.22
N LYS D 73 6.84 -10.51 -17.53
CA LYS D 73 7.76 -10.97 -16.50
C LYS D 73 8.55 -9.79 -15.93
N LEU D 74 9.04 -9.94 -14.70
CA LEU D 74 9.58 -8.81 -13.96
C LEU D 74 10.85 -8.26 -14.59
N ASP D 75 11.68 -9.14 -15.18
CA ASP D 75 12.80 -8.69 -16.00
C ASP D 75 12.36 -7.65 -17.02
N VAL D 76 11.31 -7.98 -17.78
CA VAL D 76 10.90 -7.13 -18.88
C VAL D 76 10.27 -5.84 -18.37
N LEU D 77 9.32 -5.97 -17.44
CA LEU D 77 8.68 -4.79 -16.88
C LEU D 77 9.72 -3.83 -16.32
N SER D 78 10.60 -4.35 -15.43
CA SER D 78 11.66 -3.54 -14.86
C SER D 78 12.42 -2.76 -15.93
N ASN D 79 12.77 -3.42 -17.03
CA ASN D 79 13.55 -2.76 -18.06
C ASN D 79 12.73 -1.71 -18.79
N ASP D 80 11.45 -2.00 -19.03
CA ASP D 80 10.57 -1.03 -19.66
C ASP D 80 10.43 0.23 -18.81
N LEU D 81 10.36 0.06 -17.49
CA LEU D 81 10.18 1.18 -16.57
C LEU D 81 11.41 2.09 -16.54
N VAL D 82 12.60 1.51 -16.35
CA VAL D 82 13.83 2.31 -16.35
C VAL D 82 14.01 2.98 -17.71
N MET D 83 13.86 2.22 -18.80
CA MET D 83 13.99 2.79 -20.13
C MET D 83 13.05 3.97 -20.33
N ASN D 84 11.77 3.75 -20.12
CA ASN D 84 10.84 4.83 -20.43
C ASN D 84 11.06 6.03 -19.52
N MET D 85 11.32 5.78 -18.24
CA MET D 85 11.50 6.86 -17.28
C MET D 85 12.76 7.66 -17.59
N LEU D 86 13.86 6.98 -17.93
CA LEU D 86 15.08 7.71 -18.30
C LEU D 86 14.90 8.42 -19.64
N LYS D 87 14.32 7.74 -20.64
CA LYS D 87 14.01 8.42 -21.90
C LYS D 87 13.26 9.73 -21.64
N SER D 88 12.22 9.66 -20.81
CA SER D 88 11.35 10.81 -20.62
C SER D 88 11.88 11.82 -19.60
N SER D 89 13.05 11.58 -19.02
CA SER D 89 13.67 12.55 -18.10
C SER D 89 14.27 13.73 -18.83
N PHE D 90 14.46 13.63 -20.15
CA PHE D 90 15.10 14.66 -20.96
C PHE D 90 16.54 14.89 -20.54
N ALA D 91 17.12 13.91 -19.84
CA ALA D 91 18.45 14.03 -19.25
C ALA D 91 19.47 13.08 -19.85
N THR D 92 19.07 12.21 -20.79
CA THR D 92 19.89 11.11 -21.28
C THR D 92 19.89 11.07 -22.81
N CYS D 93 20.94 10.43 -23.36
CA CYS D 93 21.12 10.29 -24.80
C CYS D 93 21.53 8.88 -25.23
N VAL D 94 22.18 8.10 -24.37
CA VAL D 94 22.58 6.73 -24.68
C VAL D 94 22.34 5.88 -23.44
N LEU D 95 21.58 4.80 -23.59
CA LEU D 95 21.26 3.91 -22.48
C LEU D 95 21.70 2.51 -22.82
N VAL D 96 22.23 1.79 -21.81
CA VAL D 96 22.71 0.42 -21.96
C VAL D 96 22.09 -0.45 -20.88
N SER D 97 21.49 -1.56 -21.28
CA SER D 97 20.86 -2.49 -20.36
C SER D 97 21.31 -3.92 -20.66
N GLU D 98 21.39 -4.72 -19.58
CA GLU D 98 21.59 -6.15 -19.70
C GLU D 98 20.54 -6.78 -20.61
N GLU D 99 19.43 -6.09 -20.87
CA GLU D 99 18.33 -6.66 -21.64
C GLU D 99 18.46 -6.51 -23.15
N ASP D 100 19.30 -5.60 -23.64
CA ASP D 100 19.33 -5.30 -25.07
C ASP D 100 20.75 -5.39 -25.60
N LYS D 101 20.89 -5.95 -26.80
CA LYS D 101 22.22 -6.18 -27.38
C LYS D 101 22.93 -4.87 -27.65
N HIS D 102 22.24 -3.92 -28.27
CA HIS D 102 22.78 -2.64 -28.67
C HIS D 102 22.33 -1.54 -27.71
N ALA D 103 23.23 -0.60 -27.45
CA ALA D 103 22.87 0.61 -26.72
C ALA D 103 21.69 1.28 -27.40
N ILE D 104 20.79 1.81 -26.59
CA ILE D 104 19.62 2.52 -27.08
C ILE D 104 20.01 3.98 -27.26
N ILE D 105 19.66 4.55 -28.42
CA ILE D 105 19.93 5.96 -28.70
C ILE D 105 18.63 6.72 -28.51
N VAL D 106 18.65 7.73 -27.64
CA VAL D 106 17.42 8.42 -27.29
C VAL D 106 16.97 9.27 -28.47
N GLU D 107 15.67 9.26 -28.75
CA GLU D 107 14.97 10.19 -29.64
C GLU D 107 15.57 11.57 -29.47
N PRO D 108 15.91 12.27 -30.57
CA PRO D 108 16.57 13.58 -30.43
C PRO D 108 15.77 14.60 -29.64
N GLU D 109 14.45 14.60 -29.76
CA GLU D 109 13.62 15.54 -29.03
C GLU D 109 13.71 15.34 -27.53
N LYS D 110 14.10 14.15 -27.07
CA LYS D 110 14.22 13.85 -25.65
C LYS D 110 15.66 13.87 -25.15
N ARG D 111 16.63 14.20 -26.00
CA ARG D 111 18.04 13.98 -25.66
C ARG D 111 18.51 14.86 -24.51
N GLY D 112 19.22 14.24 -23.58
CA GLY D 112 19.96 14.97 -22.55
C GLY D 112 21.44 14.63 -22.60
N LYS D 113 22.21 15.10 -21.62
CA LYS D 113 23.65 15.04 -21.73
C LYS D 113 24.25 13.78 -21.10
N TYR D 114 23.47 12.97 -20.39
CA TYR D 114 24.04 11.88 -19.62
C TYR D 114 23.87 10.53 -20.31
N VAL D 115 24.77 9.61 -19.97
CA VAL D 115 24.79 8.23 -20.48
C VAL D 115 24.59 7.32 -19.29
N VAL D 116 23.64 6.39 -19.40
CA VAL D 116 23.25 5.55 -18.27
C VAL D 116 23.40 4.09 -18.64
N CYS D 117 24.11 3.36 -17.80
CA CYS D 117 24.26 1.92 -17.90
C CYS D 117 23.59 1.30 -16.69
N PHE D 118 22.76 0.28 -16.92
CA PHE D 118 21.96 -0.23 -15.82
C PHE D 118 21.56 -1.68 -16.04
N ASP D 119 21.52 -2.41 -14.93
CA ASP D 119 20.92 -3.72 -14.85
C ASP D 119 19.57 -3.55 -14.19
N PRO D 120 18.45 -3.66 -14.93
CA PRO D 120 17.16 -3.27 -14.33
C PRO D 120 16.68 -4.21 -13.23
N LEU D 121 17.03 -5.50 -13.29
CA LEU D 121 16.63 -6.43 -12.24
C LEU D 121 17.69 -7.54 -12.16
N ASP D 122 18.72 -7.27 -11.35
CA ASP D 122 19.74 -8.26 -11.05
C ASP D 122 19.22 -9.29 -10.06
N GLY D 123 19.40 -10.57 -10.39
CA GLY D 123 18.89 -11.64 -9.58
C GLY D 123 17.90 -12.47 -10.37
N SER D 124 18.39 -13.18 -11.39
CA SER D 124 17.57 -13.90 -12.36
C SER D 124 17.19 -15.30 -11.89
N SER D 125 18.16 -16.08 -11.40
CA SER D 125 17.92 -17.43 -10.92
C SER D 125 17.32 -17.41 -9.53
N ASN D 126 16.61 -16.33 -9.20
CA ASN D 126 16.40 -15.99 -7.79
C ASN D 126 15.09 -15.27 -7.50
N ILE D 127 14.22 -15.03 -8.49
CA ILE D 127 12.92 -14.40 -8.20
C ILE D 127 11.91 -15.43 -7.70
N ASP D 128 11.95 -16.64 -8.28
CA ASP D 128 10.98 -17.68 -7.94
C ASP D 128 11.18 -18.20 -6.52
N CYS D 129 12.40 -18.10 -5.99
CA CYS D 129 12.66 -18.41 -4.59
C CYS D 129 12.48 -17.18 -3.68
N LEU D 130 12.25 -16.00 -4.26
CA LEU D 130 11.96 -14.77 -3.53
C LEU D 130 13.16 -14.24 -2.75
N VAL D 131 14.37 -14.37 -3.31
CA VAL D 131 15.45 -13.73 -2.58
C VAL D 131 15.58 -12.31 -3.09
N SER D 132 16.40 -11.52 -2.41
CA SER D 132 16.55 -10.12 -2.74
C SER D 132 17.00 -9.97 -4.18
N VAL D 133 16.45 -8.98 -4.84
CA VAL D 133 16.87 -8.60 -6.18
C VAL D 133 17.10 -7.09 -6.14
N GLY D 134 17.70 -6.59 -7.21
CA GLY D 134 18.05 -5.18 -7.19
C GLY D 134 18.13 -4.58 -8.58
N THR D 135 18.32 -3.26 -8.59
CA THR D 135 18.58 -2.47 -9.78
C THR D 135 19.94 -1.82 -9.60
N ILE D 136 20.82 -1.95 -10.59
CA ILE D 136 22.15 -1.34 -10.56
C ILE D 136 22.22 -0.28 -11.64
N PHE D 137 22.85 0.85 -11.32
CA PHE D 137 22.95 1.90 -12.32
C PHE D 137 24.30 2.58 -12.21
N GLY D 138 24.79 3.05 -13.35
CA GLY D 138 25.93 3.96 -13.38
C GLY D 138 25.70 5.08 -14.37
N ILE D 139 26.07 6.30 -14.01
CA ILE D 139 25.76 7.48 -14.82
C ILE D 139 27.05 8.18 -15.22
N TYR D 140 27.23 8.36 -16.53
CA TYR D 140 28.34 9.08 -17.12
C TYR D 140 27.81 10.31 -17.86
N ARG D 141 28.70 11.27 -18.10
CA ARG D 141 28.37 12.38 -18.98
C ARG D 141 28.92 12.08 -20.37
N LYS D 142 28.18 12.51 -21.39
CA LYS D 142 28.63 12.34 -22.76
C LYS D 142 29.84 13.23 -22.99
N LYS D 143 30.96 12.63 -23.40
CA LYS D 143 32.20 13.36 -23.58
C LYS D 143 32.56 13.57 -25.04
N SER D 144 32.12 12.68 -25.92
CA SER D 144 32.38 12.86 -27.34
C SER D 144 31.47 13.94 -27.92
N THR D 145 32.00 14.67 -28.89
CA THR D 145 31.26 15.69 -29.61
C THR D 145 30.36 15.11 -30.70
N ASP D 146 30.67 13.88 -31.15
CA ASP D 146 29.95 13.12 -32.17
C ASP D 146 28.45 13.01 -31.91
N GLU D 147 27.70 12.52 -32.91
CA GLU D 147 26.35 12.03 -32.67
C GLU D 147 26.40 11.00 -31.54
N PRO D 148 25.38 10.95 -30.69
CA PRO D 148 25.35 9.90 -29.67
C PRO D 148 25.31 8.52 -30.31
N SER D 149 26.06 7.60 -29.73
CA SER D 149 26.18 6.25 -30.26
C SER D 149 26.68 5.34 -29.15
N GLU D 150 26.69 4.04 -29.44
CA GLU D 150 27.18 3.05 -28.50
C GLU D 150 28.54 3.43 -27.90
N LYS D 151 29.39 4.12 -28.68
CA LYS D 151 30.74 4.47 -28.20
C LYS D 151 30.69 5.33 -26.95
N ASP D 152 29.68 6.19 -26.82
CA ASP D 152 29.61 7.11 -25.70
C ASP D 152 29.42 6.41 -24.38
N ALA D 153 29.13 5.11 -24.39
CA ALA D 153 29.00 4.29 -23.19
C ALA D 153 30.28 3.54 -22.85
N LEU D 154 31.29 3.59 -23.72
CA LEU D 154 32.57 2.89 -23.50
C LEU D 154 33.55 3.79 -22.77
N GLN D 155 33.23 4.07 -21.50
CA GLN D 155 34.09 4.86 -20.64
C GLN D 155 34.47 4.07 -19.40
N PRO D 156 35.68 4.25 -18.87
CA PRO D 156 36.04 3.57 -17.62
C PRO D 156 35.23 4.11 -16.45
N GLY D 157 35.08 3.25 -15.44
CA GLY D 157 34.37 3.61 -14.22
C GLY D 157 34.80 4.90 -13.56
N ARG D 158 36.05 5.32 -13.78
CA ARG D 158 36.55 6.58 -13.25
C ARG D 158 35.79 7.79 -13.78
N ASN D 159 35.14 7.69 -14.93
CA ASN D 159 34.38 8.83 -15.44
C ASN D 159 32.99 8.96 -14.81
N LEU D 160 32.60 8.05 -13.91
CA LEU D 160 31.25 8.07 -13.34
C LEU D 160 30.97 9.35 -12.56
N VAL D 161 29.84 9.98 -12.86
CA VAL D 161 29.36 11.11 -12.07
C VAL D 161 28.52 10.65 -10.90
N ALA D 162 27.87 9.48 -11.02
CA ALA D 162 26.99 8.94 -10.01
C ALA D 162 26.74 7.48 -10.33
N ALA D 163 26.74 6.65 -9.29
CA ALA D 163 26.27 5.30 -9.46
C ALA D 163 25.57 4.89 -8.18
N GLY D 164 24.91 3.74 -8.22
CA GLY D 164 24.24 3.26 -7.04
C GLY D 164 23.39 2.05 -7.37
N TYR D 165 22.53 1.72 -6.42
CA TYR D 165 21.67 0.58 -6.63
C TYR D 165 20.46 0.71 -5.73
N ALA D 166 19.39 0.01 -6.12
CA ALA D 166 18.22 -0.22 -5.29
C ALA D 166 18.25 -1.68 -4.88
N LEU D 167 18.11 -1.92 -3.59
CA LEU D 167 18.01 -3.28 -3.08
C LEU D 167 16.55 -3.52 -2.73
N TYR D 168 15.92 -4.52 -3.36
CA TYR D 168 14.57 -4.97 -3.02
C TYR D 168 14.70 -6.19 -2.12
N GLY D 169 14.94 -5.93 -0.84
CA GLY D 169 15.10 -6.97 0.14
C GLY D 169 13.92 -7.00 1.08
N SER D 170 14.15 -7.29 2.36
CA SER D 170 13.07 -7.21 3.33
C SER D 170 12.47 -5.80 3.35
N ALA D 171 13.25 -4.79 3.01
CA ALA D 171 12.81 -3.44 2.75
C ALA D 171 13.50 -3.01 1.47
N THR D 172 13.07 -1.89 0.90
CA THR D 172 13.68 -1.39 -0.33
C THR D 172 14.57 -0.21 0.03
N MET D 173 15.84 -0.27 -0.35
CA MET D 173 16.76 0.82 -0.12
C MET D 173 17.47 1.24 -1.40
N LEU D 174 17.66 2.54 -1.57
CA LEU D 174 18.43 3.07 -2.67
C LEU D 174 19.75 3.65 -2.14
N VAL D 175 20.87 3.12 -2.63
CA VAL D 175 22.19 3.60 -2.27
C VAL D 175 22.70 4.45 -3.42
N LEU D 176 23.15 5.67 -3.11
CA LEU D 176 23.52 6.64 -4.12
C LEU D 176 24.92 7.15 -3.81
N ALA D 177 25.85 6.91 -4.72
CA ALA D 177 27.22 7.33 -4.57
C ALA D 177 27.52 8.40 -5.61
N MET D 178 28.11 9.50 -5.17
CA MET D 178 28.75 10.43 -6.07
C MET D 178 30.12 10.74 -5.51
N ASP D 179 30.84 11.65 -6.14
CA ASP D 179 32.25 11.75 -5.78
C ASP D 179 32.43 12.27 -4.35
N CYS D 180 31.40 12.92 -3.79
CA CYS D 180 31.48 13.37 -2.40
C CYS D 180 31.14 12.29 -1.39
N GLY D 181 30.62 11.15 -1.79
CA GLY D 181 30.41 10.07 -0.86
C GLY D 181 29.14 9.31 -1.19
N VAL D 182 28.66 8.53 -0.22
CA VAL D 182 27.66 7.50 -0.42
C VAL D 182 26.52 7.72 0.57
N ASN D 183 25.28 7.75 0.08
CA ASN D 183 24.11 7.94 0.91
C ASN D 183 23.12 6.80 0.69
N CYS D 184 22.42 6.44 1.77
CA CYS D 184 21.43 5.37 1.74
C CYS D 184 20.05 5.94 2.06
N PHE D 185 19.09 5.64 1.20
CA PHE D 185 17.73 6.14 1.32
C PHE D 185 16.77 4.96 1.41
N MET D 186 16.08 4.85 2.54
CA MET D 186 15.09 3.82 2.76
C MET D 186 13.76 4.25 2.16
N LEU D 187 13.16 3.40 1.33
CA LEU D 187 11.86 3.71 0.74
C LEU D 187 10.75 3.50 1.77
N ASP D 188 9.94 4.53 1.98
CA ASP D 188 8.75 4.37 2.81
C ASP D 188 7.58 4.05 1.90
N PRO D 189 7.15 2.78 1.84
CA PRO D 189 6.10 2.42 0.89
C PRO D 189 4.75 3.02 1.22
N ALA D 190 4.51 3.46 2.46
CA ALA D 190 3.26 4.12 2.78
C ALA D 190 3.11 5.47 2.10
N ILE D 191 4.21 6.11 1.71
CA ILE D 191 4.15 7.42 1.07
C ILE D 191 5.02 7.52 -0.18
N GLY D 192 5.67 6.44 -0.62
CA GLY D 192 6.41 6.51 -1.86
C GLY D 192 7.49 7.58 -1.83
N GLU D 193 8.23 7.60 -0.74
CA GLU D 193 9.29 8.57 -0.53
C GLU D 193 10.52 7.83 -0.01
N PHE D 194 11.70 8.20 -0.52
CA PHE D 194 12.98 7.66 -0.07
C PHE D 194 13.51 8.53 1.07
N ILE D 195 13.57 7.97 2.26
CA ILE D 195 13.99 8.72 3.44
C ILE D 195 15.49 8.56 3.61
N LEU D 196 16.20 9.68 3.67
CA LEU D 196 17.62 9.64 4.01
C LEU D 196 17.81 9.05 5.40
N VAL D 197 18.47 7.90 5.48
CA VAL D 197 18.71 7.22 6.76
C VAL D 197 20.18 7.07 7.09
N ASP D 198 21.09 7.40 6.18
CA ASP D 198 22.50 7.20 6.48
C ASP D 198 23.38 8.00 5.53
N LYS D 199 23.81 9.21 5.94
CA LYS D 199 24.64 10.07 5.11
C LYS D 199 26.11 9.68 5.25
N ASP D 200 26.86 9.88 4.17
CA ASP D 200 28.32 9.72 4.14
C ASP D 200 28.73 8.40 4.78
N VAL D 201 28.23 7.32 4.18
CA VAL D 201 28.53 5.98 4.65
C VAL D 201 29.99 5.66 4.34
N LYS D 202 30.65 4.96 5.26
CA LYS D 202 31.97 4.40 4.96
C LYS D 202 32.00 2.92 5.34
N ILE D 203 32.60 2.10 4.47
CA ILE D 203 32.75 0.68 4.74
C ILE D 203 33.76 0.49 5.87
N LYS D 204 33.51 -0.49 6.72
CA LYS D 204 34.46 -0.87 7.76
C LYS D 204 35.80 -1.26 7.15
N LYS D 205 36.89 -0.96 7.86
CA LYS D 205 38.22 -1.16 7.30
C LYS D 205 38.53 -2.62 7.07
N LYS D 206 38.10 -3.48 7.99
CA LYS D 206 38.26 -4.91 7.85
C LYS D 206 37.04 -5.62 8.42
N GLY D 207 36.52 -6.60 7.69
CA GLY D 207 35.34 -7.32 8.09
C GLY D 207 35.63 -8.77 8.47
N LYS D 208 34.54 -9.49 8.73
CA LYS D 208 34.62 -10.89 9.14
C LYS D 208 33.72 -11.78 8.28
N ILE D 209 33.43 -11.37 7.05
CA ILE D 209 32.64 -12.16 6.13
C ILE D 209 33.34 -12.21 4.77
N TYR D 210 33.39 -13.41 4.17
CA TYR D 210 33.81 -13.60 2.79
C TYR D 210 32.63 -14.14 2.00
N SER D 211 32.47 -13.67 0.75
CA SER D 211 31.29 -13.97 -0.06
C SER D 211 31.71 -14.34 -1.47
N LEU D 212 31.39 -15.57 -1.87
CA LEU D 212 31.61 -16.09 -3.23
C LEU D 212 30.90 -17.42 -3.36
N ASN D 213 30.65 -17.81 -4.61
CA ASN D 213 30.13 -19.14 -4.93
C ASN D 213 31.26 -20.16 -4.86
N GLU D 214 31.29 -20.96 -3.80
CA GLU D 214 32.32 -21.97 -3.59
C GLU D 214 32.04 -23.28 -4.34
N GLY D 215 30.90 -23.40 -5.03
CA GLY D 215 30.65 -24.56 -5.85
C GLY D 215 31.58 -24.67 -7.04
N TYR D 216 32.11 -23.53 -7.50
CA TYR D 216 33.17 -23.43 -8.50
C TYR D 216 34.54 -23.79 -7.95
N ALA D 217 34.61 -24.47 -6.80
CA ALA D 217 35.91 -24.70 -6.16
C ALA D 217 36.85 -25.45 -7.10
N LYS D 218 36.32 -26.36 -7.92
CA LYS D 218 37.15 -27.10 -8.86
C LYS D 218 37.80 -26.21 -9.91
N ASP D 219 37.28 -25.00 -10.15
CA ASP D 219 37.78 -24.12 -11.19
C ASP D 219 38.51 -22.90 -10.68
N PHE D 220 38.71 -22.78 -9.37
CA PHE D 220 39.29 -21.57 -8.80
C PHE D 220 40.77 -21.44 -9.18
N ASP D 221 41.19 -20.20 -9.50
CA ASP D 221 42.62 -19.90 -9.56
C ASP D 221 43.26 -20.31 -8.24
N PRO D 222 44.51 -20.75 -8.23
CA PRO D 222 45.15 -21.09 -6.95
C PRO D 222 45.26 -19.90 -6.01
N ALA D 223 45.35 -18.68 -6.54
CA ALA D 223 45.35 -17.51 -5.66
C ALA D 223 44.03 -17.38 -4.91
N VAL D 224 42.91 -17.66 -5.58
CA VAL D 224 41.62 -17.62 -4.91
C VAL D 224 41.46 -18.82 -4.00
N THR D 225 41.99 -19.97 -4.41
CA THR D 225 41.93 -21.15 -3.54
C THR D 225 42.66 -20.88 -2.24
N GLU D 226 43.79 -20.18 -2.30
CA GLU D 226 44.55 -19.92 -1.09
C GLU D 226 43.85 -18.90 -0.21
N TYR D 227 43.30 -17.84 -0.80
CA TYR D 227 42.64 -16.82 0.00
C TYR D 227 41.45 -17.38 0.76
N ILE D 228 40.65 -18.25 0.13
CA ILE D 228 39.55 -18.89 0.84
C ILE D 228 40.08 -19.77 1.97
N GLN D 229 41.19 -20.47 1.72
CA GLN D 229 41.82 -21.24 2.80
C GLN D 229 42.23 -20.35 3.96
N ARG D 230 42.77 -19.17 3.68
CA ARG D 230 43.22 -18.30 4.76
C ARG D 230 42.07 -17.79 5.62
N LYS D 231 40.85 -17.74 5.07
CA LYS D 231 39.70 -17.31 5.84
C LYS D 231 39.08 -18.44 6.65
N LYS D 232 39.23 -19.68 6.20
CA LYS D 232 38.71 -20.84 6.94
C LYS D 232 39.69 -21.36 7.99
N PHE D 233 41.00 -21.29 7.71
CA PHE D 233 42.06 -21.71 8.63
C PHE D 233 43.07 -20.57 8.67
N PRO D 234 42.80 -19.53 9.45
CA PRO D 234 43.74 -18.41 9.54
C PRO D 234 45.11 -18.87 10.02
N PRO D 235 46.17 -18.47 9.31
CA PRO D 235 47.52 -18.83 9.78
C PRO D 235 47.89 -18.23 11.12
N ASP D 236 47.58 -16.96 11.37
CA ASP D 236 47.89 -16.35 12.65
C ASP D 236 46.95 -16.82 13.78
N ASN D 237 46.26 -17.93 13.57
CA ASN D 237 45.32 -18.54 14.51
C ASN D 237 44.16 -17.63 14.87
N SER D 238 43.99 -16.50 14.18
CA SER D 238 42.81 -15.65 14.35
C SER D 238 41.53 -16.42 14.02
N ALA D 239 40.40 -15.85 14.39
CA ALA D 239 39.12 -16.52 14.18
C ALA D 239 38.77 -16.57 12.69
N PRO D 240 38.22 -17.68 12.21
CA PRO D 240 37.82 -17.77 10.79
C PRO D 240 36.69 -16.83 10.47
N TYR D 241 36.68 -16.33 9.23
CA TYR D 241 35.57 -15.50 8.78
C TYR D 241 34.29 -16.32 8.69
N GLY D 242 33.15 -15.61 8.75
CA GLY D 242 31.89 -16.22 8.39
C GLY D 242 31.65 -16.15 6.88
N ALA D 243 30.84 -17.09 6.39
CA ALA D 243 30.53 -17.18 4.97
C ALA D 243 29.08 -16.77 4.71
N ARG D 244 28.86 -15.95 3.69
CA ARG D 244 27.52 -15.62 3.25
C ARG D 244 27.55 -15.41 1.75
N TYR D 245 26.63 -16.07 1.03
CA TYR D 245 26.52 -15.88 -0.42
C TYR D 245 25.05 -15.99 -0.79
N VAL D 246 24.45 -14.83 -1.11
CA VAL D 246 23.05 -14.77 -1.50
C VAL D 246 22.90 -15.17 -2.97
N GLY D 247 23.87 -14.81 -3.81
CA GLY D 247 23.76 -15.09 -5.22
C GLY D 247 23.08 -14.01 -6.01
N SER D 248 22.57 -12.98 -5.34
CA SER D 248 22.10 -11.79 -6.01
C SER D 248 23.12 -10.72 -5.68
N MET D 249 23.78 -10.18 -6.72
CA MET D 249 24.95 -9.36 -6.43
C MET D 249 24.59 -8.10 -5.65
N VAL D 250 23.39 -7.54 -5.86
CA VAL D 250 22.99 -6.34 -5.13
C VAL D 250 22.92 -6.63 -3.63
N ALA D 251 22.42 -7.81 -3.25
CA ALA D 251 22.31 -8.11 -1.81
C ALA D 251 23.68 -8.38 -1.19
N ASP D 252 24.56 -9.11 -1.90
CA ASP D 252 25.86 -9.45 -1.32
C ASP D 252 26.74 -8.22 -1.18
N VAL D 253 26.67 -7.31 -2.13
CA VAL D 253 27.48 -6.10 -2.06
C VAL D 253 26.96 -5.17 -0.98
N HIS D 254 25.63 -5.05 -0.86
CA HIS D 254 25.06 -4.20 0.19
C HIS D 254 25.49 -4.70 1.58
N ARG D 255 25.36 -6.00 1.83
CA ARG D 255 25.85 -6.58 3.08
C ARG D 255 27.34 -6.29 3.27
N THR D 256 28.14 -6.49 2.22
CA THR D 256 29.54 -6.09 2.29
C THR D 256 29.68 -4.62 2.72
N LEU D 257 28.90 -3.72 2.11
CA LEU D 257 28.96 -2.30 2.46
C LEU D 257 28.60 -2.06 3.93
N VAL D 258 27.57 -2.71 4.41
CA VAL D 258 27.03 -2.39 5.73
C VAL D 258 27.74 -3.14 6.87
N TYR D 259 28.21 -4.38 6.64
CA TYR D 259 28.90 -5.12 7.68
C TYR D 259 30.41 -5.24 7.47
N GLY D 260 30.94 -4.77 6.35
CA GLY D 260 32.34 -4.97 6.05
C GLY D 260 32.61 -6.37 5.53
N GLY D 261 33.79 -6.53 4.93
CA GLY D 261 34.21 -7.84 4.46
C GLY D 261 34.55 -7.87 2.98
N ILE D 262 34.47 -9.06 2.35
CA ILE D 262 34.91 -9.22 0.98
C ILE D 262 33.88 -10.01 0.19
N PHE D 263 33.67 -9.58 -1.05
CA PHE D 263 32.83 -10.25 -2.01
C PHE D 263 33.67 -10.54 -3.25
N LEU D 264 33.49 -11.73 -3.84
CA LEU D 264 34.31 -12.14 -4.96
C LEU D 264 33.46 -12.81 -6.03
N TYR D 265 33.64 -12.38 -7.27
CA TYR D 265 33.28 -13.19 -8.44
C TYR D 265 34.52 -13.18 -9.33
N PRO D 266 35.53 -13.98 -8.98
CA PRO D 266 36.78 -13.98 -9.73
C PRO D 266 36.67 -14.84 -10.99
N ALA D 267 37.72 -14.84 -11.78
CA ALA D 267 37.76 -15.60 -13.02
C ALA D 267 37.89 -17.10 -12.75
N ASN D 268 37.26 -17.91 -13.60
CA ASN D 268 37.36 -19.36 -13.52
C ASN D 268 37.38 -20.03 -14.90
N LYS D 269 36.72 -21.18 -15.05
CA LYS D 269 36.67 -21.95 -16.30
C LYS D 269 35.48 -21.54 -17.16
N LYS D 270 34.24 -21.69 -16.63
CA LYS D 270 33.05 -21.24 -17.35
C LYS D 270 33.08 -19.76 -17.71
N SER D 271 34.04 -19.00 -17.15
CA SER D 271 34.25 -17.59 -17.44
C SER D 271 35.64 -17.15 -16.98
N PRO D 272 36.67 -17.28 -17.82
CA PRO D 272 38.01 -16.77 -17.46
C PRO D 272 38.14 -15.26 -17.45
N ASN D 273 37.05 -14.51 -17.70
CA ASN D 273 37.03 -13.08 -17.50
C ASN D 273 36.00 -12.69 -16.45
N GLY D 274 35.70 -13.59 -15.52
CA GLY D 274 34.64 -13.34 -14.57
C GLY D 274 33.27 -13.47 -15.21
N LYS D 275 32.22 -13.42 -14.42
CA LYS D 275 30.86 -13.56 -14.92
C LYS D 275 30.13 -12.23 -15.03
N LEU D 276 30.37 -11.29 -14.12
CA LEU D 276 29.60 -10.06 -14.05
C LEU D 276 30.04 -9.07 -15.09
N ARG D 277 29.10 -8.22 -15.51
CA ARG D 277 29.31 -7.29 -16.61
C ARG D 277 29.95 -5.99 -16.10
N LEU D 278 30.84 -5.43 -16.91
CA LEU D 278 31.65 -4.31 -16.42
C LEU D 278 30.83 -3.04 -16.31
N LEU D 279 30.01 -2.75 -17.32
CA LEU D 279 29.41 -1.42 -17.43
C LEU D 279 28.27 -1.20 -16.43
N TYR D 280 27.47 -2.23 -16.15
CA TYR D 280 26.26 -2.02 -15.36
C TYR D 280 26.16 -2.95 -14.16
N GLU D 281 27.21 -3.73 -13.88
CA GLU D 281 27.29 -4.44 -12.61
C GLU D 281 28.57 -4.07 -11.88
N CYS D 282 29.74 -4.32 -12.49
CA CYS D 282 31.01 -4.16 -11.80
C CYS D 282 31.34 -2.69 -11.54
N ASN D 283 31.29 -1.86 -12.58
CA ASN D 283 31.67 -0.46 -12.39
C ASN D 283 30.86 0.23 -11.29
N PRO D 284 29.52 0.14 -11.25
CA PRO D 284 28.79 0.87 -10.19
C PRO D 284 29.12 0.36 -8.79
N MET D 285 29.25 -0.95 -8.61
CA MET D 285 29.60 -1.44 -7.28
C MET D 285 31.01 -1.03 -6.89
N ALA D 286 31.93 -0.96 -7.87
CA ALA D 286 33.27 -0.44 -7.60
C ALA D 286 33.22 1.05 -7.23
N TYR D 287 32.39 1.82 -7.93
CA TYR D 287 32.29 3.24 -7.66
C TYR D 287 31.69 3.48 -6.28
N VAL D 288 30.63 2.75 -5.93
CA VAL D 288 30.08 2.85 -4.58
C VAL D 288 31.14 2.46 -3.56
N MET D 289 31.84 1.35 -3.79
CA MET D 289 32.78 0.88 -2.78
C MET D 289 33.94 1.87 -2.57
N GLU D 290 34.53 2.36 -3.66
CA GLU D 290 35.66 3.28 -3.50
C GLU D 290 35.22 4.56 -2.80
N LYS D 291 34.04 5.07 -3.15
CA LYS D 291 33.56 6.31 -2.54
C LYS D 291 33.13 6.10 -1.09
N ALA D 292 32.95 4.85 -0.66
CA ALA D 292 32.70 4.51 0.74
C ALA D 292 33.96 4.09 1.47
N GLY D 293 35.13 4.28 0.86
CA GLY D 293 36.39 3.88 1.48
C GLY D 293 36.76 2.43 1.30
N GLY D 294 36.19 1.73 0.32
CA GLY D 294 36.53 0.36 0.04
C GLY D 294 37.38 0.21 -1.21
N MET D 295 37.56 -1.05 -1.62
CA MET D 295 38.31 -1.36 -2.84
C MET D 295 37.50 -2.28 -3.74
N ALA D 296 37.87 -2.25 -5.01
CA ALA D 296 37.27 -3.12 -6.01
C ALA D 296 38.29 -3.35 -7.12
N THR D 297 38.84 -4.56 -7.19
CA THR D 297 39.88 -4.91 -8.15
C THR D 297 39.47 -6.12 -8.98
N THR D 298 39.98 -6.16 -10.22
CA THR D 298 39.95 -7.40 -11.00
C THR D 298 41.08 -8.35 -10.62
N GLY D 299 42.04 -7.89 -9.83
CA GLY D 299 43.21 -8.68 -9.49
C GLY D 299 44.44 -8.08 -10.12
N LYS D 300 44.28 -7.61 -11.35
CA LYS D 300 45.35 -6.94 -12.07
C LYS D 300 45.26 -5.42 -12.00
N GLU D 301 44.08 -4.86 -11.69
CA GLU D 301 43.92 -3.40 -11.63
C GLU D 301 42.63 -3.05 -10.90
N ALA D 302 42.45 -1.74 -10.72
CA ALA D 302 41.18 -1.23 -10.22
C ALA D 302 40.11 -1.37 -11.29
N VAL D 303 38.90 -1.78 -10.86
CA VAL D 303 37.80 -1.98 -11.80
C VAL D 303 37.47 -0.69 -12.53
N LEU D 304 37.46 0.43 -11.80
CA LEU D 304 37.15 1.73 -12.41
C LEU D 304 38.15 2.14 -13.50
N ASP D 305 39.32 1.52 -13.58
CA ASP D 305 40.31 1.90 -14.59
C ASP D 305 40.25 1.04 -15.84
N VAL D 306 39.52 -0.07 -15.83
CA VAL D 306 39.39 -0.89 -17.03
C VAL D 306 38.68 -0.10 -18.11
N ILE D 307 39.35 0.10 -19.24
CA ILE D 307 38.76 0.78 -20.39
C ILE D 307 38.05 -0.28 -21.23
N PRO D 308 36.72 -0.25 -21.34
CA PRO D 308 36.00 -1.32 -22.02
C PRO D 308 36.01 -1.13 -23.53
N THR D 309 35.85 -2.26 -24.24
CA THR D 309 35.67 -2.22 -25.68
C THR D 309 34.34 -2.80 -26.14
N ASP D 310 33.59 -3.46 -25.25
CA ASP D 310 32.27 -4.01 -25.52
C ASP D 310 31.35 -3.70 -24.35
N ILE D 311 30.18 -3.11 -24.61
CA ILE D 311 29.30 -2.69 -23.53
C ILE D 311 28.85 -3.87 -22.67
N HIS D 312 28.96 -5.09 -23.19
CA HIS D 312 28.53 -6.27 -22.44
C HIS D 312 29.69 -7.15 -22.00
N GLN D 313 30.91 -6.63 -22.06
CA GLN D 313 32.08 -7.40 -21.65
C GLN D 313 32.05 -7.65 -20.15
N ARG D 314 32.56 -8.82 -19.76
CA ARG D 314 32.61 -9.22 -18.37
C ARG D 314 33.92 -8.76 -17.73
N ALA D 315 34.02 -8.94 -16.41
CA ALA D 315 35.26 -8.64 -15.70
C ALA D 315 35.26 -9.40 -14.38
N PRO D 316 36.40 -9.93 -13.94
CA PRO D 316 36.49 -10.42 -12.56
C PRO D 316 36.40 -9.24 -11.60
N VAL D 317 35.83 -9.50 -10.42
CA VAL D 317 35.67 -8.44 -9.42
C VAL D 317 35.88 -8.99 -8.03
N ILE D 318 36.66 -8.25 -7.23
CA ILE D 318 36.93 -8.57 -5.83
C ILE D 318 36.82 -7.25 -5.08
N LEU D 319 35.85 -7.15 -4.17
CA LEU D 319 35.58 -5.87 -3.55
C LEU D 319 35.22 -6.02 -2.09
N GLY D 320 35.26 -4.88 -1.38
CA GLY D 320 34.88 -4.84 0.01
C GLY D 320 35.82 -4.04 0.89
N SER D 321 35.90 -4.44 2.16
CA SER D 321 36.72 -3.74 3.13
C SER D 321 38.15 -3.68 2.62
N PRO D 322 38.81 -2.53 2.69
CA PRO D 322 40.13 -2.41 2.05
C PRO D 322 41.18 -3.39 2.58
N ASP D 323 41.20 -3.65 3.90
CA ASP D 323 42.17 -4.61 4.43
C ASP D 323 41.94 -6.00 3.86
N ASP D 324 40.68 -6.36 3.58
CA ASP D 324 40.38 -7.69 3.05
C ASP D 324 40.77 -7.80 1.58
N VAL D 325 40.64 -6.71 0.82
CA VAL D 325 41.01 -6.74 -0.60
C VAL D 325 42.53 -6.68 -0.77
N LEU D 326 43.21 -5.86 0.04
CA LEU D 326 44.66 -5.87 0.02
C LEU D 326 45.20 -7.27 0.32
N GLU D 327 44.61 -7.93 1.31
CA GLU D 327 45.06 -9.29 1.63
C GLU D 327 44.89 -10.20 0.43
N PHE D 328 43.75 -10.12 -0.26
CA PHE D 328 43.61 -10.90 -1.48
C PHE D 328 44.69 -10.52 -2.49
N LEU D 329 44.94 -9.22 -2.64
CA LEU D 329 45.92 -8.75 -3.61
C LEU D 329 47.31 -9.31 -3.31
N LYS D 330 47.68 -9.40 -2.03
CA LYS D 330 48.95 -10.01 -1.67
C LYS D 330 49.00 -11.48 -2.12
N VAL D 331 47.97 -12.26 -1.75
CA VAL D 331 47.90 -13.67 -2.15
C VAL D 331 47.91 -13.84 -3.66
N TYR D 332 47.47 -12.82 -4.38
CA TYR D 332 47.38 -12.89 -5.84
C TYR D 332 48.71 -12.53 -6.51
N GLU D 333 49.45 -11.56 -5.96
CA GLU D 333 50.80 -11.31 -6.43
C GLU D 333 51.71 -12.51 -6.17
N LYS D 334 51.55 -13.15 -5.01
CA LYS D 334 52.36 -14.29 -4.64
C LYS D 334 52.21 -15.46 -5.62
N HIS D 335 51.14 -15.47 -6.41
CA HIS D 335 50.90 -16.52 -7.40
C HIS D 335 51.14 -16.02 -8.83
N SER D 336 52.14 -15.17 -9.02
CA SER D 336 52.60 -14.79 -10.36
C SER D 336 53.99 -15.36 -10.66
C01 YR9 E . -25.71 -11.46 14.39
C02 YR9 E . -24.46 -12.18 14.88
C05 YR9 E . -23.96 -13.61 12.84
C06 YR9 E . -24.45 -15.01 13.16
C07 YR9 E . -23.95 -16.07 12.21
C08 YR9 E . -24.68 -17.23 12.16
C09 YR9 E . -24.29 -18.23 11.31
C10 YR9 E . -23.18 -18.06 10.55
C11 YR9 E . -22.43 -16.90 10.58
C12 YR9 E . -22.83 -15.89 11.43
C17 YR9 E . -20.94 -20.70 11.04
C20 YR9 E . -19.41 -22.16 12.50
C21 YR9 E . -18.32 -21.30 12.53
C22 YR9 E . -17.22 -21.63 13.31
C23 YR9 E . -17.21 -22.81 14.04
C24 YR9 E . -18.31 -23.65 14.00
C26 YR9 E . -19.40 -23.32 13.23
N04 YR9 E . -23.68 -13.15 14.16
N16 YR9 E . -22.21 -20.74 10.37
N19 YR9 E . -20.60 -21.92 11.74
O03 YR9 E . -24.04 -12.01 15.99
O14 YR9 E . -21.90 -19.08 8.37
O15 YR9 E . -23.99 -19.83 8.81
O18 YR9 E . -20.26 -19.75 10.98
S13 YR9 E . -22.78 -19.44 9.47
BR1 YR9 E . -18.37 -25.30 15.00
C1 EDO F . -33.46 17.63 -12.03
O1 EDO F . -32.45 17.94 -13.01
C2 EDO F . -32.78 17.06 -10.79
O2 EDO F . -31.50 16.55 -11.20
C1 EDO G . -35.10 -17.04 6.83
O1 EDO G . -33.86 -17.34 6.18
C2 EDO G . -35.37 -15.53 6.83
O2 EDO G . -36.62 -15.28 6.18
C1 EDO H . -22.59 -7.63 17.97
O1 EDO H . -23.24 -8.50 17.03
C2 EDO H . -23.44 -6.40 17.99
O2 EDO H . -24.27 -6.50 16.82
C1 EDO I . -45.73 2.72 5.95
O1 EDO I . -46.30 3.87 6.57
C2 EDO I . -44.77 2.07 6.92
O2 EDO I . -43.62 2.92 6.89
C1 EDO J . -40.76 22.02 13.60
O1 EDO J . -42.11 22.45 13.90
C2 EDO J . -40.53 20.59 14.09
O2 EDO J . -41.73 20.12 14.74
C1 EDO K . -23.58 -8.67 12.59
O1 EDO K . -23.39 -7.33 12.11
C2 EDO K . -22.21 -9.33 12.64
O2 EDO K . -21.31 -8.38 12.07
C1 EDO L . -15.49 -2.63 19.15
O1 EDO L . -14.14 -2.67 19.64
C2 EDO L . -15.94 -1.18 19.32
O2 EDO L . -14.73 -0.43 19.33
C01 YR9 M . 2.54 27.31 -14.37
C02 YR9 M . 4.02 27.41 -14.65
C05 YR9 M . 6.21 28.23 -13.84
C06 YR9 M . 6.62 26.97 -13.07
C07 YR9 M . 7.76 27.18 -12.10
C08 YR9 M . 8.51 28.34 -12.18
C09 YR9 M . 9.55 28.53 -11.31
C10 YR9 M . 9.83 27.56 -10.36
C11 YR9 M . 9.09 26.40 -10.27
C12 YR9 M . 8.04 26.21 -11.15
C17 YR9 M . 13.32 26.37 -10.28
C20 YR9 M . 15.43 25.25 -11.32
C21 YR9 M . 16.58 25.53 -12.03
C22 YR9 M . 17.49 24.53 -12.32
C23 YR9 M . 17.26 23.24 -11.88
C24 YR9 M . 16.12 22.95 -11.15
C26 YR9 M . 15.20 23.96 -10.86
N04 YR9 M . 4.78 28.16 -13.70
N16 YR9 M . 12.67 27.65 -10.11
N19 YR9 M . 14.56 26.37 -11.03
O03 YR9 M . 4.57 26.86 -15.55
O14 YR9 M . 11.15 27.02 -8.06
O15 YR9 M . 11.17 29.17 -8.69
O18 YR9 M . 12.85 25.39 -9.83
S13 YR9 M . 11.21 27.85 -9.26
BR1 YR9 M . 15.85 21.13 -10.58
C1 EDO N . -16.74 40.29 -8.94
O1 EDO N . -16.09 41.44 -9.49
C2 EDO N . -18.20 40.59 -9.13
O2 EDO N . -18.33 42.01 -9.10
C1 EDO O . -26.85 24.37 8.85
O1 EDO O . -26.68 24.89 10.15
C2 EDO O . -28.25 24.85 8.54
O2 EDO O . -28.32 26.05 9.30
C1 EDO P . -0.69 24.31 -18.42
O1 EDO P . -1.34 24.83 -17.26
C2 EDO P . 0.79 24.51 -18.21
O2 EDO P . 1.08 23.80 -17.01
C1 EDO Q . -9.04 30.03 13.92
O1 EDO Q . -9.37 28.87 13.14
C2 EDO Q . -8.62 29.54 15.29
O2 EDO Q . -7.69 28.50 15.05
C1 EDO R . -10.41 21.74 12.65
O1 EDO R . -10.28 21.66 11.22
C2 EDO R . -10.97 23.10 13.10
O2 EDO R . -12.35 23.21 12.70
C1 EDO S . -4.24 14.65 -20.18
O1 EDO S . -4.92 15.92 -20.24
C2 EDO S . -2.81 14.83 -19.66
O2 EDO S . -2.20 13.55 -19.40
C1 EDO T . 17.64 32.76 -4.30
O1 EDO T . 19.06 32.68 -4.15
C2 EDO T . 17.05 31.61 -3.49
O2 EDO T . 17.82 31.50 -2.29
MG MG U . -11.55 24.06 7.29
C01 YR9 V . -4.82 -30.73 5.22
C02 YR9 V . -6.24 -30.32 4.82
C05 YR9 V . -7.07 -29.86 7.14
C06 YR9 V . -7.14 -28.36 7.31
C07 YR9 V . -8.05 -28.01 8.45
C08 YR9 V . -8.68 -29.03 9.13
C09 YR9 V . -9.51 -28.71 10.17
C10 YR9 V . -9.67 -27.38 10.50
C11 YR9 V . -9.05 -26.37 9.82
C12 YR9 V . -8.22 -26.68 8.78
C17 YR9 V . -13.22 -26.13 11.06
C20 YR9 V . -15.50 -25.27 10.41
C21 YR9 V . -16.72 -25.55 10.97
C22 YR9 V . -17.75 -24.65 10.91
C23 YR9 V . -17.56 -23.45 10.31
C24 YR9 V . -16.34 -23.13 9.77
C26 YR9 V . -15.27 -24.04 9.81
N04 YR9 V . -7.28 -29.96 5.74
N16 YR9 V . -12.34 -27.24 11.34
N19 YR9 V . -14.57 -26.35 10.62
O03 YR9 V . -6.57 -30.32 3.69
O14 YR9 V . -10.43 -27.71 13.05
O15 YR9 V . -10.49 -25.61 12.30
O18 YR9 V . -12.85 -25.04 11.19
S13 YR9 V . -10.76 -26.96 11.85
BR1 YR9 V . -16.29 -21.38 8.97
C1 EDO W . 18.63 -40.42 10.09
O1 EDO W . 18.53 -41.84 10.25
C2 EDO W . 17.26 -39.92 9.67
O2 EDO W . 16.32 -40.82 10.25
MG MG X . 15.78 -17.43 15.69
C01 YR9 Y . 28.01 14.52 -3.83
C02 YR9 Y . 27.16 15.73 -4.13
C05 YR9 Y . 26.33 17.37 -5.75
C06 YR9 Y . 24.97 16.75 -6.00
C07 YR9 Y . 24.38 17.31 -7.27
C08 YR9 Y . 25.13 18.17 -8.05
C09 YR9 Y . 24.58 18.71 -9.20
C10 YR9 Y . 23.28 18.36 -9.52
C11 YR9 Y . 22.53 17.52 -8.74
C12 YR9 Y . 23.08 17.00 -7.59
C17 YR9 Y . 21.09 21.31 -9.91
C20 YR9 Y . 19.37 23.05 -8.90
C21 YR9 Y . 18.66 22.97 -7.71
C22 YR9 Y . 18.15 24.08 -7.06
C23 YR9 Y . 18.34 25.32 -7.60
C24 YR9 Y . 19.04 25.44 -8.79
C26 YR9 Y . 19.56 24.32 -9.47
N04 YR9 Y . 27.17 16.24 -5.48
N16 YR9 Y . 21.16 19.95 -10.36
N19 YR9 Y . 19.79 21.76 -9.44
O03 YR9 Y . 26.48 16.26 -3.32
O14 YR9 Y . 23.40 19.62 -11.94
O15 YR9 Y . 21.80 18.00 -11.75
O18 YR9 Y . 22.04 22.00 -9.93
S13 YR9 Y . 22.48 19.04 -10.97
BR1 YR9 Y . 19.23 27.25 -9.46
C1 EDO Z . 27.38 -23.74 -10.59
O1 EDO Z . 27.31 -22.72 -9.60
C2 EDO Z . 28.58 -24.61 -10.26
O2 EDO Z . 29.61 -23.73 -9.77
C1 EDO AA . 10.40 1.10 -23.09
O1 EDO AA . 10.24 2.49 -22.76
C2 EDO AA . 11.59 0.98 -24.05
O2 EDO AA . 11.89 -0.40 -24.28
C1 EDO BA . 19.76 11.32 9.07
O1 EDO BA . 19.24 10.46 10.09
C2 EDO BA . 20.65 10.50 8.16
O2 EDO BA . 21.33 9.53 8.98
MG MG CA . 22.48 -9.10 -13.43
#